data_7PZH
#
_entry.id   7PZH
#
_cell.length_a   93.233
_cell.length_b   93.233
_cell.length_c   353.623
_cell.angle_alpha   90.000
_cell.angle_beta   90.000
_cell.angle_gamma   120.000
#
_symmetry.space_group_name_H-M   'P 61'
#
loop_
_entity.id
_entity.type
_entity.pdbx_description
1 polymer 'Lysophospholipase L1'
2 non-polymer 'MAGNESIUM ION'
3 water water
#
_entity_poly.entity_id   1
_entity_poly.type   'polypeptide(L)'
_entity_poly.pdbx_seq_one_letter_code
;MGSSHHHHHHGTAENLYFQGERKYSTFYEQRATLFEELPVTSKDIIFLGNSITNGCEWAELFQNKNVKNRGISGDICMGV
YDRLDPIVKGKPAKIFLLIGINDVSRGTSADKIISEISMIVRKIKQESPKTKLYLQSVLPVNDCYGMFNGHTSRWQVVKQ
INDLLEPLAVKEGVAYIDLYSHFVEKETGKMNPVYTNDGLHLLGKGYLLWRDIVKPYVDQK
;
_entity_poly.pdbx_strand_id   AAA,BBB,CCC,DDD,EEE,FFF,HHH,GGG
#
loop_
_chem_comp.id
_chem_comp.type
_chem_comp.name
_chem_comp.formula
MG non-polymer 'MAGNESIUM ION' 'Mg 2'
#
# COMPACT_ATOMS: atom_id res chain seq x y z
N GLY A 20 -16.58 26.73 -9.38
CA GLY A 20 -17.93 26.07 -9.26
C GLY A 20 -17.80 24.56 -9.37
N GLU A 21 -17.51 24.05 -10.57
CA GLU A 21 -17.27 22.61 -10.80
C GLU A 21 -15.90 22.26 -10.22
N ARG A 22 -15.02 23.25 -10.07
CA ARG A 22 -13.70 23.07 -9.40
C ARG A 22 -13.92 22.69 -7.92
N LYS A 23 -14.86 23.32 -7.21
CA LYS A 23 -15.10 23.10 -5.75
C LYS A 23 -15.68 21.70 -5.53
N TYR A 24 -16.48 21.25 -6.50
CA TYR A 24 -17.16 19.94 -6.53
C TYR A 24 -16.12 18.85 -6.84
N SER A 25 -15.23 19.15 -7.77
CA SER A 25 -14.08 18.30 -8.15
C SER A 25 -13.14 18.13 -6.94
N THR A 26 -12.79 19.22 -6.26
CA THR A 26 -11.84 19.14 -5.12
C THR A 26 -12.54 18.48 -3.93
N PHE A 27 -13.81 18.79 -3.69
CA PHE A 27 -14.61 18.14 -2.64
C PHE A 27 -14.64 16.63 -2.91
N TYR A 28 -14.80 16.21 -4.18
CA TYR A 28 -14.84 14.75 -4.48
C TYR A 28 -13.53 14.11 -4.04
N GLU A 29 -12.37 14.72 -4.40
CA GLU A 29 -11.03 14.17 -4.06
C GLU A 29 -10.88 14.22 -2.53
N GLN A 30 -11.43 15.24 -1.86
CA GLN A 30 -11.37 15.30 -0.37
C GLN A 30 -12.08 14.08 0.22
N ARG A 31 -13.33 13.86 -0.14
CA ARG A 31 -14.12 12.73 0.41
C ARG A 31 -13.43 11.40 0.00
N ALA A 32 -13.06 11.26 -1.27
CA ALA A 32 -12.47 10.01 -1.82
C ALA A 32 -11.20 9.59 -1.08
N THR A 33 -10.28 10.52 -0.85
CA THR A 33 -8.99 10.26 -0.17
C THR A 33 -9.25 9.98 1.32
N LEU A 34 -10.21 10.62 1.96
CA LEU A 34 -10.61 10.21 3.33
C LEU A 34 -11.09 8.75 3.29
N PHE A 35 -11.96 8.36 2.35
CA PHE A 35 -12.53 6.98 2.32
C PHE A 35 -11.42 5.96 2.11
N GLU A 36 -10.39 6.32 1.36
CA GLU A 36 -9.18 5.48 1.16
C GLU A 36 -8.47 5.20 2.48
N GLU A 37 -8.59 6.06 3.51
CA GLU A 37 -7.93 5.89 4.84
C GLU A 37 -8.86 5.19 5.84
N LEU A 38 -10.10 4.93 5.48
CA LEU A 38 -11.12 4.41 6.43
C LEU A 38 -11.41 2.96 6.06
N PRO A 39 -11.08 2.01 6.96
CA PRO A 39 -11.21 0.58 6.65
C PRO A 39 -12.68 0.13 6.54
N VAL A 40 -12.94 -0.74 5.56
CA VAL A 40 -14.28 -1.37 5.34
C VAL A 40 -14.15 -2.85 5.74
N THR A 41 -15.15 -3.35 6.43
CA THR A 41 -15.18 -4.72 7.00
C THR A 41 -16.47 -5.41 6.57
N SER A 42 -16.54 -6.72 6.81
CA SER A 42 -17.59 -7.68 6.38
C SER A 42 -18.93 -7.38 7.06
N LYS A 43 -18.96 -6.52 8.09
CA LYS A 43 -20.17 -6.21 8.87
C LYS A 43 -20.79 -4.89 8.40
N ASP A 44 -20.04 -4.16 7.59
CA ASP A 44 -20.34 -2.73 7.28
C ASP A 44 -21.58 -2.66 6.41
N ILE A 45 -22.43 -1.70 6.71
CA ILE A 45 -23.60 -1.34 5.87
C ILE A 45 -23.31 0.04 5.29
N ILE A 46 -23.15 0.10 3.97
CA ILE A 46 -22.69 1.32 3.24
C ILE A 46 -23.87 2.00 2.54
N PHE A 47 -24.10 3.28 2.88
CA PHE A 47 -24.90 4.22 2.06
C PHE A 47 -23.96 4.96 1.10
N LEU A 48 -24.15 4.71 -0.19
CA LEU A 48 -23.27 5.16 -1.29
C LEU A 48 -24.08 6.05 -2.22
N GLY A 49 -23.59 7.26 -2.54
CA GLY A 49 -24.22 8.17 -3.51
C GLY A 49 -23.77 9.60 -3.45
N ASN A 50 -24.71 10.54 -3.66
CA ASN A 50 -24.39 11.96 -4.00
C ASN A 50 -24.67 12.77 -2.74
N SER A 51 -25.06 14.05 -2.83
CA SER A 51 -25.31 14.93 -1.65
C SER A 51 -26.51 14.43 -0.82
N ILE A 52 -27.43 13.72 -1.44
CA ILE A 52 -28.64 13.17 -0.74
C ILE A 52 -28.25 12.05 0.24
N THR A 53 -27.20 11.30 -0.07
CA THR A 53 -26.55 10.35 0.86
C THR A 53 -25.60 11.10 1.82
N ASN A 54 -24.68 11.91 1.28
CA ASN A 54 -23.66 12.68 2.07
C ASN A 54 -24.31 13.36 3.29
N GLY A 55 -25.51 13.97 3.11
CA GLY A 55 -26.17 14.89 4.07
C GLY A 55 -26.61 14.23 5.36
N CYS A 56 -26.76 12.91 5.39
CA CYS A 56 -27.27 12.19 6.59
C CYS A 56 -26.10 11.82 7.53
N GLU A 57 -26.42 11.54 8.78
CA GLU A 57 -25.52 10.86 9.74
C GLU A 57 -26.07 9.45 9.95
N TRP A 58 -25.66 8.55 9.09
CA TRP A 58 -26.37 7.26 8.80
C TRP A 58 -26.38 6.37 10.04
N ALA A 59 -25.23 6.29 10.73
CA ALA A 59 -24.98 5.44 11.91
C ALA A 59 -25.88 5.93 13.04
N GLU A 60 -26.14 7.24 13.11
CA GLU A 60 -27.09 7.81 14.09
C GLU A 60 -28.52 7.51 13.63
N LEU A 61 -28.84 7.65 12.33
CA LEU A 61 -30.26 7.57 11.87
C LEU A 61 -30.79 6.18 12.24
N PHE A 62 -29.94 5.15 12.11
CA PHE A 62 -30.29 3.71 12.28
C PHE A 62 -29.80 3.18 13.63
N GLN A 63 -29.21 4.04 14.49
CA GLN A 63 -28.54 3.64 15.77
C GLN A 63 -27.77 2.34 15.52
N ASN A 64 -26.86 2.37 14.54
CA ASN A 64 -26.15 1.14 14.14
C ASN A 64 -24.71 1.48 13.73
N LYS A 65 -23.77 1.16 14.62
CA LYS A 65 -22.33 1.52 14.49
C LYS A 65 -21.75 0.94 13.19
N ASN A 66 -22.38 -0.08 12.60
CA ASN A 66 -21.94 -0.78 11.35
C ASN A 66 -22.28 0.04 10.09
N VAL A 67 -23.16 1.03 10.20
CA VAL A 67 -23.70 1.78 9.02
C VAL A 67 -22.74 2.95 8.74
N LYS A 68 -22.31 3.11 7.48
CA LYS A 68 -21.27 4.10 7.14
C LYS A 68 -21.64 4.97 5.94
N ASN A 69 -21.19 6.23 5.95
CA ASN A 69 -21.50 7.27 4.93
C ASN A 69 -20.40 7.24 3.86
N ARG A 70 -20.73 6.93 2.60
CA ARG A 70 -19.82 7.08 1.43
C ARG A 70 -20.49 7.97 0.39
N GLY A 71 -21.37 8.87 0.86
CA GLY A 71 -21.87 10.04 0.10
C GLY A 71 -20.84 11.10 -0.26
N ILE A 72 -20.90 11.60 -1.50
CA ILE A 72 -20.09 12.76 -2.00
C ILE A 72 -21.05 13.65 -2.78
N SER A 73 -21.39 14.78 -2.17
CA SER A 73 -22.13 15.89 -2.83
C SER A 73 -21.61 16.11 -4.26
N GLY A 74 -22.52 16.18 -5.23
CA GLY A 74 -22.16 16.41 -6.64
C GLY A 74 -21.81 15.16 -7.40
N ASP A 75 -21.73 14.00 -6.75
CA ASP A 75 -21.25 12.76 -7.43
C ASP A 75 -22.19 12.34 -8.57
N ILE A 76 -21.63 11.64 -9.54
CA ILE A 76 -22.36 11.07 -10.72
C ILE A 76 -22.05 9.58 -10.80
N CYS A 77 -22.72 8.88 -11.70
CA CYS A 77 -22.64 7.40 -11.74
C CYS A 77 -21.17 7.02 -11.93
N MET A 78 -20.45 7.67 -12.83
CA MET A 78 -19.05 7.26 -13.09
C MET A 78 -18.11 7.70 -11.96
N GLY A 79 -18.42 8.77 -11.22
CA GLY A 79 -17.66 9.12 -10.00
C GLY A 79 -17.78 8.04 -8.93
N VAL A 80 -18.95 7.42 -8.81
CA VAL A 80 -19.23 6.31 -7.86
C VAL A 80 -18.46 5.10 -8.38
N TYR A 81 -18.66 4.75 -9.65
CA TYR A 81 -17.93 3.63 -10.29
C TYR A 81 -16.42 3.73 -9.99
N ASP A 82 -15.79 4.89 -10.20
CA ASP A 82 -14.31 5.06 -10.14
C ASP A 82 -13.85 4.90 -8.68
N ARG A 83 -14.73 4.99 -7.67
CA ARG A 83 -14.30 4.98 -6.25
C ARG A 83 -14.77 3.71 -5.54
N LEU A 84 -15.08 2.64 -6.28
CA LEU A 84 -15.58 1.40 -5.65
C LEU A 84 -14.47 0.70 -4.87
N ASP A 85 -13.23 0.74 -5.33
CA ASP A 85 -12.15 -0.12 -4.77
C ASP A 85 -12.12 -0.06 -3.24
N PRO A 86 -11.99 1.12 -2.59
CA PRO A 86 -11.84 1.15 -1.13
C PRO A 86 -13.13 0.78 -0.37
N ILE A 87 -14.23 0.55 -1.08
CA ILE A 87 -15.51 0.08 -0.48
C ILE A 87 -15.60 -1.44 -0.66
N VAL A 88 -15.43 -1.91 -1.90
CA VAL A 88 -15.64 -3.34 -2.31
C VAL A 88 -14.52 -4.24 -1.77
N LYS A 89 -13.28 -3.75 -1.62
CA LYS A 89 -12.13 -4.58 -1.17
C LYS A 89 -12.35 -5.03 0.29
N GLY A 90 -13.13 -4.28 1.06
CA GLY A 90 -13.48 -4.70 2.44
C GLY A 90 -14.70 -5.60 2.48
N LYS A 91 -15.30 -5.92 1.33
CA LYS A 91 -16.42 -6.91 1.21
C LYS A 91 -17.51 -6.58 2.22
N PRO A 92 -18.17 -5.39 2.16
CA PRO A 92 -19.17 -5.04 3.16
C PRO A 92 -20.42 -5.90 3.08
N ALA A 93 -21.12 -6.10 4.21
CA ALA A 93 -22.40 -6.84 4.29
C ALA A 93 -23.42 -6.29 3.28
N LYS A 94 -23.60 -4.96 3.18
CA LYS A 94 -24.65 -4.32 2.33
C LYS A 94 -24.11 -3.04 1.69
N ILE A 95 -24.46 -2.78 0.44
CA ILE A 95 -24.39 -1.42 -0.15
C ILE A 95 -25.78 -0.96 -0.54
N PHE A 96 -26.12 0.27 -0.12
CA PHE A 96 -27.36 1.01 -0.49
C PHE A 96 -27.01 2.14 -1.48
N LEU A 97 -27.35 1.99 -2.76
CA LEU A 97 -26.97 2.94 -3.85
C LEU A 97 -28.11 3.88 -4.13
N LEU A 98 -27.81 5.18 -4.10
CA LEU A 98 -28.69 6.20 -4.67
C LEU A 98 -27.88 7.16 -5.50
N ILE A 99 -28.04 7.11 -6.82
CA ILE A 99 -27.23 7.90 -7.77
C ILE A 99 -28.04 8.16 -9.04
N GLY A 100 -27.73 9.27 -9.70
CA GLY A 100 -28.17 9.62 -11.06
C GLY A 100 -28.69 11.04 -11.21
N ILE A 101 -29.18 11.68 -10.15
CA ILE A 101 -29.87 12.98 -10.35
C ILE A 101 -28.85 14.00 -10.85
N ASN A 102 -27.56 13.87 -10.53
CA ASN A 102 -26.56 14.87 -11.00
C ASN A 102 -26.28 14.61 -12.48
N ASP A 103 -26.42 13.36 -12.94
CA ASP A 103 -26.37 13.01 -14.37
C ASP A 103 -27.59 13.62 -15.08
N VAL A 104 -28.77 13.54 -14.47
CA VAL A 104 -29.99 14.17 -15.05
C VAL A 104 -29.66 15.66 -15.26
N SER A 105 -28.99 16.27 -14.29
CA SER A 105 -28.72 17.72 -14.31
C SER A 105 -27.75 18.06 -15.45
N ARG A 106 -26.97 17.10 -15.94
CA ARG A 106 -26.03 17.31 -17.08
C ARG A 106 -26.69 16.99 -18.42
N GLY A 107 -28.01 16.85 -18.46
CA GLY A 107 -28.73 16.47 -19.69
C GLY A 107 -28.46 15.04 -20.12
N THR A 108 -27.95 14.17 -19.24
CA THR A 108 -27.73 12.71 -19.54
C THR A 108 -29.08 11.99 -19.59
N SER A 109 -29.30 11.16 -20.63
CA SER A 109 -30.54 10.36 -20.83
C SER A 109 -30.63 9.26 -19.78
N ALA A 110 -31.86 8.89 -19.41
CA ALA A 110 -32.17 7.83 -18.43
C ALA A 110 -31.52 6.52 -18.90
N ASP A 111 -31.41 6.33 -20.22
CA ASP A 111 -30.80 5.10 -20.81
C ASP A 111 -29.30 5.05 -20.52
N LYS A 112 -28.55 6.11 -20.80
CA LYS A 112 -27.09 6.14 -20.52
C LYS A 112 -26.90 6.03 -18.98
N ILE A 113 -27.78 6.62 -18.17
CA ILE A 113 -27.69 6.56 -16.67
C ILE A 113 -27.80 5.12 -16.21
N ILE A 114 -28.78 4.38 -16.74
CA ILE A 114 -29.04 2.95 -16.40
C ILE A 114 -27.83 2.10 -16.77
N SER A 115 -27.28 2.36 -17.95
CA SER A 115 -26.03 1.81 -18.50
C SER A 115 -24.87 1.94 -17.51
N GLU A 116 -24.71 3.13 -16.95
CA GLU A 116 -23.66 3.37 -15.95
C GLU A 116 -24.02 2.72 -14.61
N ILE A 117 -25.30 2.70 -14.23
CA ILE A 117 -25.70 2.05 -12.94
C ILE A 117 -25.49 0.55 -13.11
N SER A 118 -25.67 0.04 -14.32
CA SER A 118 -25.46 -1.40 -14.63
C SER A 118 -23.97 -1.76 -14.44
N MET A 119 -23.04 -0.89 -14.85
CA MET A 119 -21.59 -1.13 -14.61
C MET A 119 -21.32 -1.09 -13.10
N ILE A 120 -21.98 -0.26 -12.30
CA ILE A 120 -21.73 -0.27 -10.84
C ILE A 120 -22.12 -1.65 -10.29
N VAL A 121 -23.32 -2.11 -10.66
CA VAL A 121 -23.89 -3.40 -10.15
C VAL A 121 -22.95 -4.58 -10.45
N ARG A 122 -22.44 -4.69 -11.69
CA ARG A 122 -21.57 -5.82 -12.08
C ARG A 122 -20.19 -5.69 -11.41
N LYS A 123 -19.68 -4.49 -11.20
CA LYS A 123 -18.38 -4.33 -10.50
C LYS A 123 -18.56 -4.85 -9.07
N ILE A 124 -19.67 -4.46 -8.41
CA ILE A 124 -19.95 -4.85 -7.00
C ILE A 124 -20.03 -6.39 -6.93
N LYS A 125 -20.78 -7.03 -7.82
CA LYS A 125 -21.01 -8.50 -7.73
C LYS A 125 -19.66 -9.20 -7.93
N GLN A 126 -18.94 -8.81 -8.97
CA GLN A 126 -17.59 -9.32 -9.35
C GLN A 126 -16.61 -9.24 -8.17
N GLU A 127 -16.53 -8.12 -7.45
CA GLU A 127 -15.41 -7.84 -6.51
C GLU A 127 -15.81 -8.29 -5.11
N SER A 128 -17.10 -8.32 -4.79
CA SER A 128 -17.63 -8.69 -3.45
C SER A 128 -18.99 -9.36 -3.60
N PRO A 129 -19.04 -10.62 -4.10
CA PRO A 129 -20.29 -11.32 -4.43
C PRO A 129 -21.27 -11.60 -3.29
N LYS A 130 -20.80 -11.58 -2.04
CA LYS A 130 -21.67 -11.82 -0.85
C LYS A 130 -22.33 -10.50 -0.44
N THR A 131 -21.75 -9.35 -0.83
CA THR A 131 -22.36 -8.02 -0.54
C THR A 131 -23.80 -8.04 -1.09
N LYS A 132 -24.80 -7.81 -0.23
CA LYS A 132 -26.19 -7.52 -0.66
C LYS A 132 -26.17 -6.10 -1.23
N LEU A 133 -26.58 -5.91 -2.50
CA LEU A 133 -26.72 -4.58 -3.13
C LEU A 133 -28.19 -4.17 -3.21
N TYR A 134 -28.51 -2.96 -2.78
CA TYR A 134 -29.86 -2.38 -2.87
C TYR A 134 -29.80 -1.16 -3.76
N LEU A 135 -30.61 -1.19 -4.82
CA LEU A 135 -30.80 -0.09 -5.77
C LEU A 135 -32.03 0.71 -5.32
N GLN A 136 -31.82 1.98 -5.00
CA GLN A 136 -32.86 2.85 -4.46
C GLN A 136 -33.36 3.73 -5.60
N SER A 137 -34.67 3.80 -5.77
CA SER A 137 -35.35 4.73 -6.68
C SER A 137 -34.68 6.10 -6.58
N VAL A 138 -34.37 6.71 -7.70
CA VAL A 138 -33.98 8.14 -7.74
C VAL A 138 -35.15 8.93 -7.19
N LEU A 139 -34.86 9.96 -6.39
CA LEU A 139 -35.94 10.70 -5.69
C LEU A 139 -36.51 11.71 -6.66
N PRO A 140 -37.81 12.02 -6.53
CA PRO A 140 -38.40 13.13 -7.27
C PRO A 140 -37.75 14.44 -6.87
N VAL A 141 -37.83 15.41 -7.76
CA VAL A 141 -37.40 16.81 -7.50
C VAL A 141 -38.62 17.72 -7.67
N ASN A 142 -38.44 18.99 -7.36
CA ASN A 142 -39.52 20.00 -7.40
C ASN A 142 -38.88 21.34 -7.68
N ASP A 143 -39.34 22.00 -8.74
CA ASP A 143 -38.85 23.33 -9.19
C ASP A 143 -39.53 24.46 -8.41
N CYS A 144 -40.39 24.15 -7.45
CA CYS A 144 -41.21 25.15 -6.70
C CYS A 144 -40.34 26.24 -6.04
N TYR A 145 -39.13 25.89 -5.58
CA TYR A 145 -38.24 26.83 -4.84
C TYR A 145 -37.33 27.55 -5.83
N GLY A 146 -37.37 27.13 -7.10
CA GLY A 146 -36.61 27.78 -8.16
C GLY A 146 -35.12 27.55 -7.98
N MET A 147 -34.71 26.45 -7.37
CA MET A 147 -33.27 26.18 -7.13
C MET A 147 -32.84 24.94 -7.92
N PHE A 148 -31.54 24.82 -8.22
CA PHE A 148 -30.96 23.69 -9.00
C PHE A 148 -31.82 23.36 -10.23
N ASN A 149 -32.00 24.37 -11.07
CA ASN A 149 -32.91 24.38 -12.26
C ASN A 149 -32.39 23.37 -13.30
N GLY A 150 -31.09 23.07 -13.31
CA GLY A 150 -30.54 21.91 -14.04
C GLY A 150 -31.26 20.64 -13.67
N HIS A 151 -31.45 20.42 -12.36
CA HIS A 151 -32.11 19.19 -11.83
C HIS A 151 -33.61 19.36 -12.08
N THR A 152 -34.18 20.47 -11.62
CA THR A 152 -35.63 20.58 -11.29
C THR A 152 -36.49 20.69 -12.55
N SER A 153 -35.98 21.32 -13.60
CA SER A 153 -36.64 21.43 -14.94
C SER A 153 -36.84 20.01 -15.49
N ARG A 154 -35.94 19.09 -15.12
CA ARG A 154 -35.89 17.72 -15.68
C ARG A 154 -36.53 16.70 -14.75
N TRP A 155 -37.48 17.13 -13.90
CA TRP A 155 -38.20 16.28 -12.91
C TRP A 155 -38.78 15.03 -13.57
N GLN A 156 -39.12 15.13 -14.86
CA GLN A 156 -39.77 14.04 -15.63
C GLN A 156 -38.80 12.87 -15.82
N VAL A 157 -37.50 13.15 -15.96
CA VAL A 157 -36.43 12.13 -16.19
C VAL A 157 -36.31 11.21 -14.98
N VAL A 158 -36.69 11.65 -13.79
CA VAL A 158 -36.70 10.82 -12.56
C VAL A 158 -37.42 9.51 -12.81
N LYS A 159 -38.67 9.58 -13.27
CA LYS A 159 -39.52 8.36 -13.35
C LYS A 159 -39.05 7.50 -14.53
N GLN A 160 -38.53 8.12 -15.58
CA GLN A 160 -37.89 7.44 -16.74
C GLN A 160 -36.73 6.59 -16.21
N ILE A 161 -35.90 7.13 -15.33
CA ILE A 161 -34.78 6.31 -14.77
C ILE A 161 -35.40 5.14 -14.00
N ASN A 162 -36.40 5.40 -13.16
CA ASN A 162 -36.90 4.38 -12.19
C ASN A 162 -37.67 3.25 -12.93
N ASP A 163 -38.43 3.59 -13.98
N ASP A 163 -38.39 3.57 -14.01
CA ASP A 163 -39.11 2.61 -14.88
CA ASP A 163 -39.11 2.59 -14.88
C ASP A 163 -38.10 1.55 -15.34
C ASP A 163 -38.14 1.74 -15.71
N LEU A 164 -36.82 1.92 -15.51
CA LEU A 164 -35.74 1.02 -16.04
C LEU A 164 -34.95 0.46 -14.87
N LEU A 165 -34.90 1.16 -13.73
CA LEU A 165 -34.03 0.74 -12.62
C LEU A 165 -34.56 -0.53 -11.94
N GLU A 166 -35.88 -0.69 -11.83
CA GLU A 166 -36.53 -1.84 -11.18
C GLU A 166 -36.28 -3.09 -12.01
N PRO A 167 -36.54 -3.07 -13.34
CA PRO A 167 -36.22 -4.22 -14.19
C PRO A 167 -34.71 -4.53 -14.18
N LEU A 168 -33.86 -3.51 -14.07
CA LEU A 168 -32.40 -3.79 -14.01
C LEU A 168 -32.13 -4.62 -12.74
N ALA A 169 -32.69 -4.24 -11.60
CA ALA A 169 -32.47 -4.92 -10.29
C ALA A 169 -32.85 -6.40 -10.44
N VAL A 170 -34.04 -6.60 -10.95
CA VAL A 170 -34.57 -7.96 -11.22
C VAL A 170 -33.60 -8.69 -12.14
N LYS A 171 -33.18 -8.08 -13.26
CA LYS A 171 -32.21 -8.71 -14.17
C LYS A 171 -30.96 -9.16 -13.38
N GLU A 172 -30.42 -8.34 -12.49
CA GLU A 172 -29.07 -8.57 -11.90
C GLU A 172 -29.18 -9.34 -10.58
N GLY A 173 -30.40 -9.69 -10.17
CA GLY A 173 -30.68 -10.35 -8.87
C GLY A 173 -30.31 -9.49 -7.68
N VAL A 174 -30.64 -8.19 -7.68
CA VAL A 174 -30.31 -7.25 -6.57
C VAL A 174 -31.63 -6.61 -6.17
N ALA A 175 -31.73 -6.02 -4.97
CA ALA A 175 -32.99 -5.43 -4.48
C ALA A 175 -33.25 -4.11 -5.24
N TYR A 176 -34.52 -3.83 -5.57
CA TYR A 176 -35.01 -2.46 -5.88
C TYR A 176 -35.76 -1.94 -4.65
N ILE A 177 -35.36 -0.83 -4.08
CA ILE A 177 -36.13 -0.17 -2.99
C ILE A 177 -36.83 1.06 -3.57
N ASP A 178 -38.17 1.13 -3.46
CA ASP A 178 -39.00 2.26 -3.94
C ASP A 178 -39.14 3.31 -2.84
N LEU A 179 -38.32 4.36 -2.88
CA LEU A 179 -38.41 5.53 -1.96
C LEU A 179 -39.36 6.54 -2.60
N TYR A 180 -39.25 6.62 -3.93
CA TYR A 180 -39.90 7.62 -4.83
C TYR A 180 -41.42 7.70 -4.55
N SER A 181 -42.09 6.55 -4.40
CA SER A 181 -43.57 6.47 -4.24
C SER A 181 -43.99 7.11 -2.90
N HIS A 182 -43.11 7.16 -1.91
CA HIS A 182 -43.38 7.76 -0.58
C HIS A 182 -43.08 9.25 -0.59
N PHE A 183 -42.09 9.72 -1.36
CA PHE A 183 -41.61 11.12 -1.38
C PHE A 183 -42.43 11.97 -2.34
N VAL A 184 -42.94 11.34 -3.41
CA VAL A 184 -43.60 12.05 -4.54
C VAL A 184 -45.01 12.50 -4.13
N GLU A 185 -45.44 13.61 -4.71
CA GLU A 185 -46.85 14.02 -4.87
C GLU A 185 -47.43 13.44 -6.17
N LYS A 186 -48.31 12.44 -6.05
CA LYS A 186 -48.88 11.71 -7.23
C LYS A 186 -49.54 12.70 -8.19
N GLU A 187 -50.17 13.75 -7.65
CA GLU A 187 -50.85 14.81 -8.45
C GLU A 187 -49.85 15.55 -9.35
N THR A 188 -48.59 15.77 -8.96
CA THR A 188 -47.66 16.70 -9.63
C THR A 188 -46.51 15.95 -10.31
N GLY A 189 -46.19 14.77 -9.78
CA GLY A 189 -45.00 13.98 -10.18
C GLY A 189 -43.71 14.56 -9.60
N LYS A 190 -43.81 15.40 -8.55
CA LYS A 190 -42.67 16.17 -8.00
C LYS A 190 -42.54 15.92 -6.49
N MET A 191 -41.36 16.24 -5.96
CA MET A 191 -41.01 16.10 -4.52
C MET A 191 -42.10 16.82 -3.72
N ASN A 192 -42.66 16.13 -2.73
CA ASN A 192 -43.57 16.74 -1.73
C ASN A 192 -42.80 17.83 -0.99
N PRO A 193 -43.11 19.15 -1.15
CA PRO A 193 -42.33 20.19 -0.47
C PRO A 193 -42.15 19.98 1.05
N VAL A 194 -42.84 19.04 1.67
CA VAL A 194 -42.67 18.91 3.14
C VAL A 194 -41.29 18.27 3.43
N TYR A 195 -40.67 17.58 2.47
CA TYR A 195 -39.40 16.85 2.70
C TYR A 195 -38.20 17.67 2.25
N THR A 196 -38.37 18.88 1.71
CA THR A 196 -37.27 19.66 1.04
C THR A 196 -37.53 21.14 1.22
N ASN A 197 -36.46 21.92 1.39
CA ASN A 197 -36.45 23.40 1.31
C ASN A 197 -35.78 23.83 0.02
N ASP A 198 -35.40 22.93 -0.90
CA ASP A 198 -34.79 23.46 -2.16
C ASP A 198 -35.26 22.74 -3.43
N GLY A 199 -35.99 21.63 -3.32
CA GLY A 199 -36.53 20.92 -4.49
C GLY A 199 -35.74 19.66 -4.80
N LEU A 200 -34.63 19.47 -4.09
CA LEU A 200 -33.63 18.42 -4.42
C LEU A 200 -33.24 17.63 -3.15
N HIS A 201 -32.73 18.33 -2.12
CA HIS A 201 -32.16 17.75 -0.86
C HIS A 201 -33.27 17.58 0.21
N LEU A 202 -32.98 16.77 1.23
CA LEU A 202 -33.90 16.36 2.33
C LEU A 202 -33.70 17.19 3.60
N LEU A 203 -34.81 17.51 4.25
CA LEU A 203 -34.92 18.00 5.66
C LEU A 203 -34.81 16.76 6.54
N GLY A 204 -34.66 16.93 7.84
CA GLY A 204 -34.59 15.79 8.75
C GLY A 204 -35.75 14.83 8.53
N LYS A 205 -36.96 15.40 8.46
CA LYS A 205 -38.24 14.71 8.17
C LYS A 205 -38.05 13.80 6.96
N GLY A 206 -37.47 14.36 5.89
CA GLY A 206 -37.07 13.62 4.68
C GLY A 206 -36.30 12.37 5.05
N TYR A 207 -35.28 12.50 5.88
CA TYR A 207 -34.45 11.33 6.30
C TYR A 207 -35.21 10.37 7.22
N LEU A 208 -36.12 10.82 8.12
CA LEU A 208 -36.93 9.89 8.96
C LEU A 208 -37.79 9.00 8.05
N LEU A 209 -38.40 9.53 6.98
CA LEU A 209 -39.26 8.80 5.98
C LEU A 209 -38.42 7.77 5.25
N TRP A 210 -37.22 8.17 4.84
CA TRP A 210 -36.19 7.26 4.26
C TRP A 210 -35.84 6.12 5.24
N ARG A 211 -35.58 6.40 6.52
CA ARG A 211 -35.20 5.38 7.50
C ARG A 211 -36.32 4.33 7.59
N ASP A 212 -37.57 4.82 7.67
CA ASP A 212 -38.76 3.98 7.94
C ASP A 212 -38.80 2.97 6.77
N ILE A 213 -38.57 3.45 5.55
CA ILE A 213 -38.70 2.60 4.31
C ILE A 213 -37.59 1.55 4.31
N VAL A 214 -36.37 1.92 4.71
CA VAL A 214 -35.17 1.11 4.45
C VAL A 214 -34.78 0.30 5.70
N LYS A 215 -35.24 0.65 6.90
CA LYS A 215 -34.77 -0.08 8.12
C LYS A 215 -35.01 -1.60 8.01
N PRO A 216 -36.12 -2.10 7.43
CA PRO A 216 -36.29 -3.56 7.31
C PRO A 216 -35.18 -4.25 6.50
N TYR A 217 -34.58 -3.55 5.55
CA TYR A 217 -33.48 -4.08 4.69
C TYR A 217 -32.14 -3.98 5.44
N VAL A 218 -31.98 -2.89 6.18
CA VAL A 218 -30.82 -2.65 7.08
C VAL A 218 -30.71 -3.78 8.11
N ASP A 219 -31.81 -4.12 8.80
CA ASP A 219 -31.82 -5.16 9.87
C ASP A 219 -32.13 -6.52 9.26
N GLN A 220 -32.07 -6.95 7.20
CA GLN A 220 -32.23 -8.40 6.83
C GLN A 220 -30.86 -9.05 6.85
N GLU B 21 -24.47 31.27 0.27
CA GLU B 21 -25.47 31.46 -0.79
C GLU B 21 -26.87 31.21 -0.21
N ARG B 22 -27.86 31.08 -1.08
CA ARG B 22 -29.21 30.55 -0.74
C ARG B 22 -29.02 29.05 -0.49
N LYS B 23 -27.99 28.46 -1.12
CA LYS B 23 -27.59 27.03 -0.96
C LYS B 23 -27.08 26.78 0.46
N TYR B 24 -26.27 27.69 1.01
CA TYR B 24 -25.66 27.51 2.36
C TYR B 24 -26.74 27.69 3.44
N SER B 25 -27.53 28.76 3.31
CA SER B 25 -28.84 28.97 3.99
C SER B 25 -29.64 27.65 4.06
N THR B 26 -29.99 27.09 2.90
CA THR B 26 -30.84 25.87 2.75
C THR B 26 -30.10 24.66 3.31
N PHE B 27 -28.81 24.51 3.02
CA PHE B 27 -28.04 23.36 3.55
C PHE B 27 -28.01 23.41 5.09
N TYR B 28 -27.88 24.63 5.66
CA TYR B 28 -27.87 24.83 7.13
C TYR B 28 -29.15 24.23 7.72
N GLU B 29 -30.30 24.68 7.23
CA GLU B 29 -31.63 24.19 7.69
C GLU B 29 -31.75 22.69 7.45
N GLN B 30 -31.25 22.16 6.33
CA GLN B 30 -31.25 20.68 6.18
C GLN B 30 -30.49 20.01 7.33
N ARG B 31 -29.23 20.41 7.57
CA ARG B 31 -28.37 19.74 8.58
C ARG B 31 -28.97 20.00 9.97
N ALA B 32 -29.40 21.23 10.25
CA ALA B 32 -29.92 21.63 11.59
C ALA B 32 -31.21 20.87 11.89
N THR B 33 -32.13 20.71 10.92
CA THR B 33 -33.40 19.96 11.14
C THR B 33 -33.07 18.48 11.40
N LEU B 34 -32.11 17.91 10.69
CA LEU B 34 -31.68 16.51 10.90
C LEU B 34 -31.15 16.32 12.33
N PHE B 35 -30.26 17.19 12.78
CA PHE B 35 -29.63 17.12 14.13
C PHE B 35 -30.74 17.16 15.21
N GLU B 36 -31.82 17.90 14.96
CA GLU B 36 -33.00 18.00 15.87
C GLU B 36 -33.64 16.61 16.00
N GLU B 37 -33.43 15.71 15.05
CA GLU B 37 -34.14 14.41 15.05
C GLU B 37 -33.23 13.33 15.65
N LEU B 38 -31.94 13.63 15.83
CA LEU B 38 -30.95 12.65 16.33
C LEU B 38 -30.71 12.92 17.83
N PRO B 39 -30.81 11.89 18.69
CA PRO B 39 -30.54 12.07 20.12
C PRO B 39 -29.06 12.24 20.44
N VAL B 40 -28.74 13.18 21.33
CA VAL B 40 -27.40 13.25 21.96
C VAL B 40 -27.52 12.65 23.38
N THR B 41 -26.54 11.85 23.76
CA THR B 41 -26.46 11.12 25.06
C THR B 41 -25.18 11.57 25.79
N SER B 42 -25.14 11.31 27.09
CA SER B 42 -24.06 11.74 28.01
C SER B 42 -22.71 11.09 27.64
N LYS B 43 -22.70 10.02 26.84
CA LYS B 43 -21.47 9.32 26.36
C LYS B 43 -20.86 9.97 25.09
N ASP B 44 -21.53 10.97 24.49
CA ASP B 44 -21.23 11.46 23.12
C ASP B 44 -20.02 12.39 23.11
N ILE B 45 -19.32 12.32 22.00
CA ILE B 45 -18.12 13.13 21.72
C ILE B 45 -18.48 13.85 20.42
N ILE B 46 -18.88 15.13 20.55
CA ILE B 46 -19.40 15.95 19.42
C ILE B 46 -18.26 16.73 18.78
N PHE B 47 -18.12 16.60 17.46
CA PHE B 47 -17.30 17.51 16.64
C PHE B 47 -18.23 18.53 16.02
N LEU B 48 -18.00 19.80 16.36
CA LEU B 48 -18.89 20.95 16.06
C LEU B 48 -18.08 21.96 15.24
N GLY B 49 -18.57 22.34 14.05
CA GLY B 49 -17.93 23.37 13.22
C GLY B 49 -18.61 23.50 11.89
N ASN B 50 -17.81 23.89 10.90
CA ASN B 50 -18.21 24.34 9.55
C ASN B 50 -17.92 23.15 8.64
N SER B 51 -17.59 23.36 7.36
CA SER B 51 -17.20 22.29 6.41
C SER B 51 -16.01 21.44 6.90
N ILE B 52 -15.04 22.02 7.62
CA ILE B 52 -13.79 21.28 7.95
C ILE B 52 -14.15 20.18 8.94
N THR B 53 -15.15 20.44 9.79
CA THR B 53 -15.82 19.41 10.64
C THR B 53 -16.73 18.54 9.75
N ASN B 54 -17.58 19.17 8.94
CA ASN B 54 -18.65 18.45 8.17
C ASN B 54 -18.02 17.35 7.30
N GLY B 55 -16.79 17.53 6.81
CA GLY B 55 -16.14 16.70 5.77
C GLY B 55 -15.69 15.32 6.26
N CYS B 56 -15.69 15.10 7.57
CA CYS B 56 -15.10 13.89 8.15
C CYS B 56 -16.15 12.83 8.48
N GLU B 57 -15.74 11.56 8.61
CA GLU B 57 -16.57 10.48 9.19
C GLU B 57 -15.97 10.18 10.57
N TRP B 58 -16.40 10.94 11.57
CA TRP B 58 -15.69 11.04 12.86
C TRP B 58 -15.67 9.67 13.58
N ALA B 59 -16.79 8.93 13.58
CA ALA B 59 -16.85 7.64 14.29
C ALA B 59 -15.82 6.71 13.66
N GLU B 60 -15.62 6.79 12.33
CA GLU B 60 -14.68 5.89 11.61
C GLU B 60 -13.23 6.27 11.92
N LEU B 61 -12.94 7.58 11.90
CA LEU B 61 -11.58 8.11 12.06
C LEU B 61 -11.02 7.68 13.42
N PHE B 62 -11.81 7.80 14.49
CA PHE B 62 -11.41 7.40 15.86
C PHE B 62 -11.81 5.94 16.13
N GLN B 63 -12.66 5.32 15.31
CA GLN B 63 -13.16 3.93 15.48
C GLN B 63 -13.92 3.91 16.81
N ASN B 64 -14.77 4.92 17.02
CA ASN B 64 -15.46 5.15 18.31
C ASN B 64 -16.90 5.53 17.96
N LYS B 65 -17.83 4.66 18.30
CA LYS B 65 -19.26 4.82 17.98
C LYS B 65 -19.89 5.99 18.75
N ASN B 66 -19.22 6.55 19.76
CA ASN B 66 -19.79 7.64 20.59
C ASN B 66 -19.43 8.99 19.98
N VAL B 67 -18.65 8.98 18.90
CA VAL B 67 -18.16 10.21 18.23
C VAL B 67 -19.11 10.56 17.07
N LYS B 68 -19.56 11.82 17.02
CA LYS B 68 -20.68 12.26 16.15
C LYS B 68 -20.32 13.56 15.42
N ASN B 69 -20.83 13.67 14.20
CA ASN B 69 -20.62 14.83 13.33
C ASN B 69 -21.71 15.86 13.60
N ARG B 70 -21.37 17.05 14.11
CA ARG B 70 -22.29 18.23 14.06
C ARG B 70 -21.64 19.36 13.25
N GLY B 71 -21.02 19.00 12.14
CA GLY B 71 -20.46 19.96 11.17
C GLY B 71 -21.48 20.37 10.13
N ILE B 72 -21.47 21.65 9.72
CA ILE B 72 -22.31 22.23 8.63
C ILE B 72 -21.37 23.09 7.78
N SER B 73 -21.16 22.71 6.53
CA SER B 73 -20.48 23.55 5.52
C SER B 73 -21.09 24.94 5.50
N GLY B 74 -20.23 25.96 5.47
CA GLY B 74 -20.59 27.39 5.39
C GLY B 74 -20.96 27.96 6.75
N ASP B 75 -20.86 27.19 7.84
CA ASP B 75 -21.32 27.66 9.19
C ASP B 75 -20.38 28.72 9.74
N ILE B 76 -20.92 29.62 10.55
CA ILE B 76 -20.24 30.82 11.13
C ILE B 76 -20.51 30.74 12.63
N CYS B 77 -19.85 31.58 13.43
CA CYS B 77 -19.94 31.49 14.90
C CYS B 77 -21.40 31.46 15.40
N MET B 78 -22.22 32.36 14.91
CA MET B 78 -23.61 32.57 15.41
C MET B 78 -24.53 31.46 14.83
N GLY B 79 -24.14 30.80 13.76
CA GLY B 79 -24.88 29.64 13.23
C GLY B 79 -24.78 28.46 14.17
N VAL B 80 -23.57 28.26 14.69
CA VAL B 80 -23.24 27.23 15.70
C VAL B 80 -23.98 27.66 16.96
N TYR B 81 -23.80 28.91 17.34
CA TYR B 81 -24.47 29.43 18.55
C TYR B 81 -25.97 29.09 18.45
N ASP B 82 -26.61 29.38 17.31
CA ASP B 82 -28.10 29.29 17.23
C ASP B 82 -28.58 27.85 17.26
N ARG B 83 -27.70 26.85 17.13
CA ARG B 83 -28.14 25.43 17.10
C ARG B 83 -27.51 24.61 18.23
N LEU B 84 -27.13 25.27 19.32
CA LEU B 84 -26.55 24.50 20.45
C LEU B 84 -27.56 23.56 21.12
N ASP B 85 -28.84 23.91 21.10
CA ASP B 85 -29.89 23.27 21.93
C ASP B 85 -30.00 21.77 21.66
N PRO B 86 -30.12 21.31 20.39
CA PRO B 86 -30.20 19.88 20.14
C PRO B 86 -28.93 19.11 20.53
N ILE B 87 -27.86 19.82 20.89
CA ILE B 87 -26.54 19.23 21.28
C ILE B 87 -26.47 19.26 22.82
N VAL B 88 -26.61 20.45 23.41
CA VAL B 88 -26.49 20.68 24.89
C VAL B 88 -27.57 19.90 25.67
N LYS B 89 -28.83 19.78 25.20
CA LYS B 89 -29.87 19.01 25.95
C LYS B 89 -29.40 17.57 26.19
N GLY B 90 -28.48 17.05 25.35
CA GLY B 90 -27.97 15.68 25.50
C GLY B 90 -26.87 15.55 26.54
N LYS B 91 -26.28 16.66 26.98
CA LYS B 91 -25.19 16.62 27.99
C LYS B 91 -24.04 15.72 27.53
N PRO B 92 -23.52 15.95 26.32
CA PRO B 92 -22.47 15.07 25.80
C PRO B 92 -21.21 15.07 26.69
N ALA B 93 -20.46 13.97 26.75
CA ALA B 93 -19.10 13.89 27.38
C ALA B 93 -18.16 15.02 26.92
N LYS B 94 -18.16 15.33 25.62
CA LYS B 94 -17.14 16.22 25.02
C LYS B 94 -17.75 16.99 23.83
N ILE B 95 -17.31 18.23 23.66
CA ILE B 95 -17.49 18.98 22.38
C ILE B 95 -16.12 19.45 21.94
N PHE B 96 -15.74 19.08 20.72
CA PHE B 96 -14.59 19.67 20.00
C PHE B 96 -15.11 20.74 19.03
N LEU B 97 -14.84 22.00 19.32
CA LEU B 97 -15.32 23.11 18.47
C LEU B 97 -14.19 23.55 17.54
N LEU B 98 -14.48 23.68 16.25
CA LEU B 98 -13.63 24.41 15.29
C LEU B 98 -14.51 25.33 14.47
N ILE B 99 -14.46 26.63 14.75
CA ILE B 99 -15.31 27.62 14.05
C ILE B 99 -14.53 28.92 13.85
N GLY B 100 -14.94 29.69 12.83
CA GLY B 100 -14.56 31.09 12.63
C GLY B 100 -14.01 31.40 11.25
N ILE B 101 -13.48 30.42 10.51
CA ILE B 101 -12.85 30.74 9.20
C ILE B 101 -13.89 31.37 8.25
N ASN B 102 -15.17 31.03 8.35
CA ASN B 102 -16.20 31.60 7.44
C ASN B 102 -16.46 33.06 7.85
N ASP B 103 -16.40 33.36 9.16
CA ASP B 103 -16.51 34.74 9.67
C ASP B 103 -15.33 35.55 9.16
N VAL B 104 -14.14 34.95 9.06
CA VAL B 104 -12.94 35.62 8.48
C VAL B 104 -13.25 36.02 7.05
N SER B 105 -13.80 35.07 6.25
CA SER B 105 -14.10 35.22 4.81
C SER B 105 -15.07 36.40 4.54
N ARG B 106 -15.82 36.85 5.55
CA ARG B 106 -16.80 37.95 5.47
C ARG B 106 -16.21 39.27 5.96
N GLY B 107 -14.93 39.26 6.33
CA GLY B 107 -14.19 40.45 6.80
C GLY B 107 -14.42 40.77 8.27
N THR B 108 -15.02 39.84 9.04
CA THR B 108 -15.26 40.01 10.49
C THR B 108 -13.90 40.06 11.21
N SER B 109 -13.74 40.93 12.20
CA SER B 109 -12.47 41.08 12.96
C SER B 109 -12.28 39.88 13.89
N ALA B 110 -11.04 39.55 14.25
CA ALA B 110 -10.74 38.46 15.21
C ALA B 110 -11.46 38.73 16.53
N ASP B 111 -11.51 39.99 16.92
CA ASP B 111 -12.07 40.42 18.23
C ASP B 111 -13.56 40.07 18.24
N LYS B 112 -14.29 40.44 17.18
CA LYS B 112 -15.73 40.14 17.03
C LYS B 112 -15.91 38.62 17.05
N ILE B 113 -15.06 37.89 16.32
CA ILE B 113 -15.11 36.41 16.23
C ILE B 113 -14.86 35.84 17.63
N ILE B 114 -13.94 36.43 18.39
CA ILE B 114 -13.62 35.91 19.75
C ILE B 114 -14.83 36.09 20.67
N SER B 115 -15.47 37.25 20.59
CA SER B 115 -16.69 37.57 21.38
C SER B 115 -17.79 36.51 21.10
N GLU B 116 -17.96 36.12 19.85
CA GLU B 116 -19.00 35.13 19.45
C GLU B 116 -18.63 33.75 20.02
N ILE B 117 -17.35 33.37 19.89
CA ILE B 117 -16.84 32.08 20.45
C ILE B 117 -17.05 32.10 21.96
N SER B 118 -16.88 33.25 22.58
CA SER B 118 -17.16 33.37 24.02
C SER B 118 -18.61 33.02 24.35
N MET B 119 -19.56 33.54 23.58
CA MET B 119 -21.02 33.22 23.75
C MET B 119 -21.21 31.69 23.70
N ILE B 120 -20.66 31.03 22.70
CA ILE B 120 -20.71 29.55 22.60
C ILE B 120 -20.10 28.84 23.83
N VAL B 121 -18.90 29.24 24.25
CA VAL B 121 -18.26 28.66 25.47
C VAL B 121 -19.23 28.83 26.64
N ARG B 122 -19.69 30.04 26.91
CA ARG B 122 -20.49 30.31 28.13
C ARG B 122 -21.84 29.59 28.06
N LYS B 123 -22.46 29.51 26.88
CA LYS B 123 -23.76 28.80 26.71
C LYS B 123 -23.54 27.32 27.01
N ILE B 124 -22.48 26.70 26.49
CA ILE B 124 -22.19 25.26 26.71
C ILE B 124 -22.02 25.00 28.21
N LYS B 125 -21.21 25.81 28.87
CA LYS B 125 -20.89 25.63 30.32
C LYS B 125 -22.16 25.73 31.18
N GLN B 126 -23.03 26.69 30.89
CA GLN B 126 -24.32 26.91 31.59
C GLN B 126 -25.27 25.73 31.32
N GLU B 127 -25.54 25.35 30.06
CA GLU B 127 -26.59 24.36 29.74
C GLU B 127 -26.10 22.94 30.08
N SER B 128 -24.79 22.69 29.99
CA SER B 128 -24.19 21.33 30.21
C SER B 128 -22.83 21.43 30.91
N PRO B 129 -22.81 21.61 32.25
CA PRO B 129 -21.60 22.00 32.97
C PRO B 129 -20.59 20.85 32.99
N LYS B 130 -21.04 19.62 32.78
CA LYS B 130 -20.20 18.41 32.91
C LYS B 130 -19.52 18.10 31.57
N THR B 131 -19.83 18.84 30.49
CA THR B 131 -19.29 18.56 29.13
C THR B 131 -17.87 19.10 29.09
N LYS B 132 -16.87 18.28 28.75
CA LYS B 132 -15.50 18.80 28.46
C LYS B 132 -15.51 19.47 27.10
N LEU B 133 -15.27 20.77 27.07
CA LEU B 133 -15.27 21.63 25.87
C LEU B 133 -13.81 21.89 25.48
N TYR B 134 -13.42 21.52 24.26
CA TYR B 134 -12.05 21.68 23.70
C TYR B 134 -12.14 22.68 22.56
N LEU B 135 -11.47 23.82 22.69
CA LEU B 135 -11.43 24.85 21.65
C LEU B 135 -10.23 24.56 20.74
N GLN B 136 -10.49 24.43 19.43
CA GLN B 136 -9.50 23.99 18.44
C GLN B 136 -9.11 25.25 17.69
N SER B 137 -7.78 25.44 17.59
CA SER B 137 -7.15 26.53 16.81
C SER B 137 -7.83 26.61 15.44
N VAL B 138 -8.15 27.81 14.96
CA VAL B 138 -8.55 27.98 13.54
C VAL B 138 -7.41 27.43 12.69
N LEU B 139 -7.74 26.66 11.64
CA LEU B 139 -6.68 26.11 10.77
C LEU B 139 -6.12 27.19 9.85
N PRO B 140 -4.81 27.08 9.50
CA PRO B 140 -4.21 27.94 8.46
C PRO B 140 -4.86 27.74 7.09
N VAL B 141 -4.71 28.72 6.21
CA VAL B 141 -5.23 28.67 4.82
C VAL B 141 -4.10 28.96 3.84
N ASN B 142 -4.36 28.77 2.55
CA ASN B 142 -3.28 28.87 1.54
C ASN B 142 -3.91 29.29 0.21
N ASP B 143 -3.46 30.42 -0.35
CA ASP B 143 -3.97 30.92 -1.65
C ASP B 143 -3.27 30.23 -2.84
N CYS B 144 -2.39 29.25 -2.60
CA CYS B 144 -1.55 28.62 -3.67
C CYS B 144 -2.44 27.95 -4.74
N TYR B 145 -3.64 27.48 -4.41
CA TYR B 145 -4.56 26.86 -5.41
C TYR B 145 -5.53 27.89 -6.02
N GLY B 146 -5.46 29.15 -5.57
CA GLY B 146 -6.29 30.24 -6.13
C GLY B 146 -7.76 30.02 -5.94
N MET B 147 -8.14 29.43 -4.81
CA MET B 147 -9.56 29.15 -4.51
C MET B 147 -9.91 29.83 -3.17
N PHE B 148 -11.18 30.18 -2.99
CA PHE B 148 -11.73 30.66 -1.70
C PHE B 148 -10.95 31.91 -1.28
N ASN B 149 -10.73 32.83 -2.23
CA ASN B 149 -9.88 34.04 -2.05
C ASN B 149 -10.36 34.86 -0.84
N GLY B 150 -11.67 34.96 -0.59
CA GLY B 150 -12.18 35.56 0.68
C GLY B 150 -11.56 34.92 1.94
N HIS B 151 -11.24 33.64 1.88
CA HIS B 151 -10.59 32.94 3.02
C HIS B 151 -9.09 33.14 2.93
N THR B 152 -8.50 32.74 1.82
CA THR B 152 -7.02 32.56 1.69
C THR B 152 -6.35 33.93 1.76
N SER B 153 -7.03 34.96 1.27
CA SER B 153 -6.49 36.34 1.22
C SER B 153 -6.41 36.95 2.63
N ARG B 154 -7.14 36.40 3.63
CA ARG B 154 -7.07 36.87 5.05
C ARG B 154 -6.37 35.82 5.90
N TRP B 155 -5.35 35.17 5.31
CA TRP B 155 -4.55 34.14 6.00
C TRP B 155 -3.93 34.71 7.28
N GLN B 156 -3.64 36.02 7.34
CA GLN B 156 -2.96 36.59 8.55
C GLN B 156 -3.89 36.52 9.78
N VAL B 157 -5.20 36.44 9.57
CA VAL B 157 -6.24 36.58 10.64
C VAL B 157 -6.31 35.31 11.46
N VAL B 158 -5.91 34.21 10.85
CA VAL B 158 -5.88 32.89 11.52
C VAL B 158 -5.05 33.02 12.80
N LYS B 159 -3.82 33.49 12.67
CA LYS B 159 -2.91 33.72 13.83
C LYS B 159 -3.57 34.69 14.82
N GLN B 160 -4.13 35.79 14.31
CA GLN B 160 -4.77 36.85 15.15
C GLN B 160 -5.79 36.21 16.11
N ILE B 161 -6.68 35.36 15.56
CA ILE B 161 -7.77 34.69 16.30
C ILE B 161 -7.17 33.75 17.35
N ASN B 162 -6.26 32.87 16.96
CA ASN B 162 -5.70 31.83 17.88
C ASN B 162 -4.92 32.48 19.02
N ASP B 163 -4.29 33.64 18.80
CA ASP B 163 -3.48 34.32 19.86
C ASP B 163 -4.48 34.84 20.91
N LEU B 164 -5.74 35.04 20.52
CA LEU B 164 -6.83 35.41 21.47
C LEU B 164 -7.60 34.16 21.95
N LEU B 165 -7.72 33.13 21.13
CA LEU B 165 -8.58 31.94 21.41
C LEU B 165 -7.96 31.17 22.58
N GLU B 166 -6.64 31.09 22.62
CA GLU B 166 -5.92 30.33 23.67
C GLU B 166 -6.18 30.97 25.04
N PRO B 167 -5.97 32.29 25.22
CA PRO B 167 -6.35 32.97 26.47
C PRO B 167 -7.84 32.94 26.81
N LEU B 168 -8.70 32.94 25.80
CA LEU B 168 -10.15 32.70 26.02
C LEU B 168 -10.30 31.35 26.71
N ALA B 169 -9.67 30.28 26.20
CA ALA B 169 -9.76 28.93 26.81
C ALA B 169 -9.29 28.96 28.28
N VAL B 170 -8.15 29.60 28.54
CA VAL B 170 -7.54 29.60 29.91
C VAL B 170 -8.54 30.32 30.82
N LYS B 171 -9.03 31.50 30.41
CA LYS B 171 -10.00 32.28 31.23
C LYS B 171 -11.26 31.44 31.51
N GLU B 172 -11.81 30.77 30.50
CA GLU B 172 -13.09 30.03 30.68
C GLU B 172 -12.88 28.62 31.25
N GLY B 173 -11.62 28.27 31.53
CA GLY B 173 -11.16 26.99 32.12
C GLY B 173 -11.44 25.80 31.20
N VAL B 174 -11.26 25.96 29.88
CA VAL B 174 -11.48 24.89 28.88
C VAL B 174 -10.17 24.64 28.14
N ALA B 175 -9.99 23.44 27.58
CA ALA B 175 -8.77 23.04 26.84
C ALA B 175 -8.67 23.84 25.54
N TYR B 176 -7.45 24.19 25.13
CA TYR B 176 -7.12 24.81 23.82
C TYR B 176 -6.37 23.74 23.05
N ILE B 177 -6.73 23.38 21.82
CA ILE B 177 -5.88 22.39 21.05
C ILE B 177 -5.16 23.13 19.91
N ASP B 178 -3.84 23.06 19.90
CA ASP B 178 -3.02 23.65 18.82
C ASP B 178 -2.92 22.63 17.67
N LEU B 179 -3.91 22.61 16.75
CA LEU B 179 -3.80 21.96 15.40
C LEU B 179 -2.88 22.78 14.48
N TYR B 180 -3.04 24.09 14.50
CA TYR B 180 -2.37 25.12 13.67
C TYR B 180 -0.87 24.78 13.52
N SER B 181 -0.12 24.46 14.60
CA SER B 181 1.38 24.35 14.54
C SER B 181 1.75 23.16 13.67
N HIS B 182 0.86 22.16 13.65
CA HIS B 182 1.06 20.94 12.84
C HIS B 182 0.73 21.21 11.37
N PHE B 183 -0.29 21.99 11.08
CA PHE B 183 -0.83 22.12 9.70
C PHE B 183 -0.07 23.23 9.00
N VAL B 184 0.49 24.14 9.79
CA VAL B 184 1.10 25.38 9.28
C VAL B 184 2.49 25.00 8.74
N GLU B 185 2.96 25.72 7.74
CA GLU B 185 4.38 25.69 7.30
C GLU B 185 5.13 26.85 7.96
N LYS B 186 6.29 26.54 8.55
CA LYS B 186 7.18 27.50 9.26
C LYS B 186 7.26 28.85 8.52
N GLU B 187 7.75 28.88 7.28
CA GLU B 187 8.24 30.13 6.62
C GLU B 187 7.17 30.80 5.73
N THR B 188 5.90 30.37 5.75
CA THR B 188 4.82 31.06 4.99
C THR B 188 3.67 31.49 5.89
N GLY B 189 3.39 30.75 6.96
CA GLY B 189 2.22 31.06 7.81
C GLY B 189 0.96 30.56 7.14
N LYS B 190 1.10 29.69 6.15
CA LYS B 190 -0.03 29.17 5.35
C LYS B 190 -0.12 27.64 5.50
N MET B 191 -1.27 27.09 5.12
CA MET B 191 -1.55 25.62 5.15
C MET B 191 -0.48 24.90 4.32
N ASN B 192 0.23 23.94 4.92
CA ASN B 192 1.00 22.91 4.19
C ASN B 192 0.11 22.32 3.08
N PRO B 193 0.45 22.51 1.79
CA PRO B 193 -0.39 22.02 0.69
C PRO B 193 -0.58 20.50 0.61
N VAL B 194 0.23 19.72 1.31
CA VAL B 194 0.08 18.23 1.40
C VAL B 194 -1.21 17.89 2.18
N TYR B 195 -1.73 18.78 3.02
CA TYR B 195 -2.99 18.58 3.75
C TYR B 195 -4.21 19.03 2.92
N THR B 196 -4.04 19.78 1.82
CA THR B 196 -5.22 20.41 1.16
C THR B 196 -5.09 20.39 -0.36
N ASN B 197 -6.23 20.38 -1.04
CA ASN B 197 -6.30 20.45 -2.52
C ASN B 197 -6.99 21.78 -2.88
N ASP B 198 -7.36 22.65 -1.93
CA ASP B 198 -7.99 23.94 -2.31
C ASP B 198 -7.45 25.13 -1.50
N GLY B 199 -6.72 24.86 -0.42
CA GLY B 199 -6.16 25.87 0.50
C GLY B 199 -7.01 26.10 1.73
N LEU B 200 -8.04 25.27 1.95
CA LEU B 200 -9.06 25.54 3.02
C LEU B 200 -9.52 24.26 3.70
N HIS B 201 -9.94 23.28 2.91
CA HIS B 201 -10.45 21.96 3.35
C HIS B 201 -9.32 20.91 3.35
N LEU B 202 -9.52 19.81 4.08
CA LEU B 202 -8.53 18.73 4.29
C LEU B 202 -8.81 17.56 3.37
N LEU B 203 -7.74 17.00 2.85
CA LEU B 203 -7.71 15.66 2.20
C LEU B 203 -7.73 14.60 3.30
N GLY B 204 -7.83 13.34 2.94
CA GLY B 204 -7.55 12.28 3.92
C GLY B 204 -6.39 12.60 4.86
N LYS B 205 -5.15 12.75 4.37
CA LYS B 205 -3.97 12.84 5.28
C LYS B 205 -4.19 14.03 6.24
N GLY B 206 -4.89 15.08 5.82
CA GLY B 206 -5.27 16.20 6.71
C GLY B 206 -6.07 15.73 7.93
N TYR B 207 -7.07 14.88 7.72
CA TYR B 207 -7.86 14.28 8.84
C TYR B 207 -6.99 13.28 9.63
N LEU B 208 -6.02 12.58 9.02
CA LEU B 208 -5.14 11.64 9.80
C LEU B 208 -4.22 12.43 10.76
N LEU B 209 -3.66 13.55 10.33
CA LEU B 209 -2.93 14.46 11.27
C LEU B 209 -3.88 14.88 12.41
N TRP B 210 -5.01 15.52 12.09
CA TRP B 210 -6.06 15.89 13.10
C TRP B 210 -6.21 14.73 14.09
N ARG B 211 -6.44 13.51 13.58
CA ARG B 211 -6.74 12.32 14.42
C ARG B 211 -5.61 12.20 15.44
N ASP B 212 -4.35 12.17 14.97
CA ASP B 212 -3.14 11.97 15.82
C ASP B 212 -3.05 13.07 16.87
N ILE B 213 -3.35 14.34 16.52
CA ILE B 213 -3.27 15.50 17.45
C ILE B 213 -4.32 15.32 18.56
N VAL B 214 -5.57 15.08 18.16
CA VAL B 214 -6.75 15.16 19.06
C VAL B 214 -6.99 13.81 19.73
N LYS B 215 -6.44 12.72 19.22
CA LYS B 215 -6.79 11.36 19.75
C LYS B 215 -6.63 11.26 21.27
N PRO B 216 -5.48 11.69 21.88
CA PRO B 216 -5.28 11.64 23.33
C PRO B 216 -6.38 12.32 24.11
N TYR B 217 -6.98 13.36 23.53
CA TYR B 217 -8.08 14.14 24.16
C TYR B 217 -9.40 13.39 24.03
N VAL B 218 -9.60 12.63 22.95
CA VAL B 218 -10.81 11.79 22.78
C VAL B 218 -10.77 10.60 23.77
N ASP B 219 -9.58 10.08 24.09
CA ASP B 219 -9.39 8.88 24.97
C ASP B 219 -9.11 9.33 26.40
N GLN B 220 -8.58 11.24 27.45
CA GLN B 220 -8.89 11.97 28.69
C GLN B 220 -10.21 11.42 29.28
N GLU C 21 -9.68 22.41 -19.32
CA GLU C 21 -10.53 21.37 -19.96
C GLU C 21 -10.34 20.04 -19.23
N ARG C 22 -11.29 19.11 -19.39
CA ARG C 22 -11.23 17.76 -18.76
C ARG C 22 -10.17 16.97 -19.52
N LYS C 23 -9.99 17.26 -20.81
CA LYS C 23 -8.92 16.67 -21.66
C LYS C 23 -7.56 16.90 -20.96
N TYR C 24 -7.33 18.08 -20.38
CA TYR C 24 -6.02 18.42 -19.77
C TYR C 24 -5.90 17.82 -18.37
N SER C 25 -6.97 17.88 -17.59
CA SER C 25 -7.10 17.19 -16.28
C SER C 25 -6.95 15.66 -16.40
N THR C 26 -7.61 15.04 -17.37
CA THR C 26 -7.54 13.57 -17.57
C THR C 26 -6.16 13.19 -18.10
N PHE C 27 -5.53 14.01 -18.95
CA PHE C 27 -4.15 13.72 -19.43
C PHE C 27 -3.15 13.79 -18.27
N TYR C 28 -3.31 14.78 -17.40
CA TYR C 28 -2.44 14.94 -16.19
C TYR C 28 -2.52 13.64 -15.42
N GLU C 29 -3.74 13.17 -15.19
CA GLU C 29 -3.97 11.97 -14.33
C GLU C 29 -3.37 10.75 -15.03
N GLN C 30 -3.48 10.65 -16.36
CA GLN C 30 -2.87 9.52 -17.13
C GLN C 30 -1.34 9.53 -16.94
N ARG C 31 -0.67 10.68 -17.04
CA ARG C 31 0.83 10.72 -16.97
C ARG C 31 1.25 10.49 -15.52
N ALA C 32 0.55 11.15 -14.60
CA ALA C 32 0.77 11.07 -13.14
C ALA C 32 0.73 9.61 -12.67
N THR C 33 -0.34 8.87 -12.97
CA THR C 33 -0.50 7.45 -12.58
C THR C 33 0.60 6.64 -13.24
N LEU C 34 1.05 7.02 -14.45
CA LEU C 34 2.12 6.28 -15.15
C LEU C 34 3.38 6.49 -14.33
N PHE C 35 3.70 7.73 -13.99
CA PHE C 35 4.96 8.05 -13.24
C PHE C 35 4.94 7.32 -11.88
N GLU C 36 3.77 7.14 -11.27
CA GLU C 36 3.64 6.41 -9.98
C GLU C 36 4.11 4.96 -10.18
N GLU C 37 3.90 4.39 -11.36
CA GLU C 37 4.31 2.99 -11.63
C GLU C 37 5.78 2.88 -12.04
N LEU C 38 6.45 3.99 -12.32
CA LEU C 38 7.80 3.96 -12.93
C LEU C 38 8.83 4.34 -11.89
N PRO C 39 9.68 3.38 -11.44
CA PRO C 39 10.61 3.61 -10.33
C PRO C 39 11.72 4.63 -10.61
N VAL C 40 11.73 5.76 -9.89
CA VAL C 40 12.87 6.72 -9.89
C VAL C 40 13.96 6.16 -8.97
N THR C 41 15.22 6.36 -9.37
CA THR C 41 16.44 5.77 -8.76
C THR C 41 17.46 6.90 -8.63
N SER C 42 18.53 6.69 -7.86
CA SER C 42 19.42 7.80 -7.42
C SER C 42 20.40 8.22 -8.52
N LYS C 43 20.42 7.53 -9.66
CA LYS C 43 21.26 7.84 -10.85
C LYS C 43 20.47 8.72 -11.85
N ASP C 44 19.17 8.90 -11.59
CA ASP C 44 18.20 9.51 -12.55
C ASP C 44 18.46 11.01 -12.67
N ILE C 45 18.38 11.48 -13.91
CA ILE C 45 18.31 12.92 -14.28
C ILE C 45 16.88 13.15 -14.82
N ILE C 46 16.12 14.08 -14.21
CA ILE C 46 14.66 14.28 -14.45
C ILE C 46 14.46 15.61 -15.19
N PHE C 47 13.83 15.61 -16.36
CA PHE C 47 13.26 16.84 -16.96
C PHE C 47 11.81 16.93 -16.51
N LEU C 48 11.55 17.97 -15.72
CA LEU C 48 10.27 18.19 -15.02
C LEU C 48 9.68 19.47 -15.56
N GLY C 49 8.45 19.39 -16.08
CA GLY C 49 7.67 20.57 -16.51
C GLY C 49 6.45 20.22 -17.31
N ASN C 50 6.07 21.11 -18.24
CA ASN C 50 4.79 21.18 -18.97
C ASN C 50 4.97 20.53 -20.35
N SER C 51 4.20 20.94 -21.37
CA SER C 51 4.26 20.33 -22.73
C SER C 51 5.65 20.57 -23.36
N ILE C 52 6.32 21.66 -23.00
CA ILE C 52 7.67 21.97 -23.58
C ILE C 52 8.72 20.96 -23.10
N THR C 53 8.58 20.43 -21.87
CA THR C 53 9.36 19.25 -21.40
C THR C 53 8.75 17.95 -21.94
N ASN C 54 7.43 17.76 -21.87
CA ASN C 54 6.76 16.50 -22.31
C ASN C 54 7.09 16.19 -23.78
N GLY C 55 7.30 17.23 -24.59
CA GLY C 55 7.61 17.19 -26.04
C GLY C 55 8.81 16.34 -26.46
N CYS C 56 9.82 16.20 -25.59
CA CYS C 56 11.13 15.64 -25.97
C CYS C 56 11.25 14.14 -25.65
N GLU C 57 12.11 13.47 -26.40
CA GLU C 57 12.67 12.14 -26.05
C GLU C 57 14.02 12.38 -25.36
N TRP C 58 13.96 12.63 -24.05
CA TRP C 58 15.08 13.19 -23.26
C TRP C 58 16.30 12.27 -23.30
N ALA C 59 16.10 10.97 -23.02
CA ALA C 59 17.14 9.91 -23.06
C ALA C 59 17.83 9.93 -24.44
N GLU C 60 17.07 9.94 -25.52
CA GLU C 60 17.66 9.90 -26.89
C GLU C 60 18.37 11.24 -27.11
N LEU C 61 17.91 12.35 -26.53
CA LEU C 61 18.48 13.68 -26.87
C LEU C 61 19.94 13.77 -26.36
N PHE C 62 20.22 13.34 -25.14
CA PHE C 62 21.59 13.39 -24.57
C PHE C 62 22.26 12.01 -24.66
N GLN C 63 21.63 11.06 -25.34
CA GLN C 63 22.18 9.68 -25.48
C GLN C 63 22.54 9.15 -24.10
N ASN C 64 21.66 9.36 -23.12
CA ASN C 64 21.94 8.98 -21.72
C ASN C 64 20.71 8.26 -21.16
N LYS C 65 20.87 6.96 -20.88
CA LYS C 65 19.85 6.02 -20.34
C LYS C 65 19.22 6.47 -18.99
N ASN C 66 19.91 7.30 -18.22
CA ASN C 66 19.48 7.77 -16.88
C ASN C 66 18.49 8.95 -16.98
N VAL C 67 18.46 9.66 -18.11
CA VAL C 67 17.61 10.89 -18.29
C VAL C 67 16.16 10.47 -18.55
N LYS C 68 15.19 11.13 -17.90
CA LYS C 68 13.77 10.69 -17.89
C LYS C 68 12.80 11.87 -18.00
N ASN C 69 11.64 11.57 -18.59
CA ASN C 69 10.63 12.57 -18.99
C ASN C 69 9.57 12.51 -17.90
N ARG C 70 9.44 13.60 -17.16
CA ARG C 70 8.31 13.86 -16.25
C ARG C 70 7.64 15.15 -16.67
N GLY C 71 7.48 15.39 -17.98
CA GLY C 71 6.67 16.52 -18.44
C GLY C 71 5.23 16.12 -18.69
N ILE C 72 4.31 17.03 -18.44
CA ILE C 72 2.84 16.85 -18.67
C ILE C 72 2.34 18.06 -19.44
N SER C 73 1.93 17.88 -20.70
CA SER C 73 1.25 18.96 -21.43
C SER C 73 0.19 19.56 -20.52
N GLY C 74 0.13 20.90 -20.49
CA GLY C 74 -0.88 21.72 -19.81
C GLY C 74 -0.55 22.03 -18.35
N ASP C 75 0.56 21.49 -17.81
CA ASP C 75 0.89 21.60 -16.36
C ASP C 75 1.23 23.03 -15.92
N ILE C 76 0.89 23.30 -14.67
CA ILE C 76 1.08 24.59 -13.98
C ILE C 76 1.94 24.28 -12.74
N CYS C 77 2.35 25.31 -12.02
CA CYS C 77 3.32 25.20 -10.90
C CYS C 77 2.76 24.25 -9.85
N MET C 78 1.51 24.44 -9.46
CA MET C 78 0.96 23.61 -8.34
C MET C 78 0.75 22.21 -8.84
N GLY C 79 0.51 22.05 -10.13
CA GLY C 79 0.37 20.73 -10.75
C GLY C 79 1.64 19.94 -10.60
N VAL C 80 2.78 20.62 -10.80
CA VAL C 80 4.13 20.04 -10.58
C VAL C 80 4.25 19.78 -9.06
N TYR C 81 3.94 20.76 -8.21
CA TYR C 81 4.10 20.63 -6.74
C TYR C 81 3.39 19.33 -6.32
N ASP C 82 2.14 19.19 -6.77
CA ASP C 82 1.22 18.13 -6.28
C ASP C 82 1.69 16.74 -6.71
N ARG C 83 2.64 16.61 -7.66
CA ARG C 83 3.12 15.28 -8.10
C ARG C 83 4.63 15.13 -7.82
N LEU C 84 5.19 15.85 -6.85
CA LEU C 84 6.63 15.71 -6.53
C LEU C 84 6.94 14.33 -5.92
N ASP C 85 5.97 13.67 -5.24
CA ASP C 85 6.18 12.50 -4.35
C ASP C 85 7.00 11.43 -5.08
N PRO C 86 6.50 10.80 -6.16
CA PRO C 86 7.21 9.70 -6.81
C PRO C 86 8.42 10.10 -7.66
N ILE C 87 8.78 11.40 -7.64
CA ILE C 87 10.06 11.92 -8.21
C ILE C 87 11.06 12.07 -7.07
N VAL C 88 10.66 12.67 -5.94
CA VAL C 88 11.56 12.96 -4.79
C VAL C 88 11.85 11.70 -3.97
N LYS C 89 10.95 10.70 -4.00
CA LYS C 89 11.18 9.41 -3.27
C LYS C 89 12.49 8.79 -3.76
N GLY C 90 12.61 8.58 -5.07
CA GLY C 90 13.77 7.91 -5.69
C GLY C 90 15.06 8.71 -5.60
N LYS C 91 15.03 9.91 -4.99
CA LYS C 91 16.25 10.69 -4.68
C LYS C 91 17.13 10.78 -5.94
N PRO C 92 16.62 11.37 -7.05
CA PRO C 92 17.40 11.50 -8.28
C PRO C 92 18.57 12.48 -8.13
N ALA C 93 19.59 12.37 -8.98
CA ALA C 93 20.84 13.17 -8.99
C ALA C 93 20.57 14.61 -9.39
N LYS C 94 19.63 14.78 -10.33
N LYS C 94 19.62 14.78 -10.31
CA LYS C 94 19.35 16.09 -10.97
CA LYS C 94 19.35 16.08 -10.98
C LYS C 94 17.86 16.19 -11.28
C LYS C 94 17.86 16.19 -11.30
N ILE C 95 17.29 17.39 -11.15
CA ILE C 95 15.92 17.71 -11.62
C ILE C 95 16.07 19.03 -12.37
N PHE C 96 15.81 19.01 -13.68
CA PHE C 96 15.71 20.22 -14.53
C PHE C 96 14.24 20.67 -14.57
N LEU C 97 13.95 21.86 -14.03
CA LEU C 97 12.58 22.44 -13.96
C LEU C 97 12.40 23.50 -15.04
N LEU C 98 11.37 23.33 -15.86
CA LEU C 98 10.82 24.42 -16.67
C LEU C 98 9.30 24.45 -16.41
N ILE C 99 8.85 25.48 -15.75
CA ILE C 99 7.40 25.58 -15.45
C ILE C 99 7.06 27.03 -15.41
N GLY C 100 5.77 27.32 -15.66
CA GLY C 100 5.19 28.65 -15.41
C GLY C 100 4.40 29.25 -16.56
N ILE C 101 4.70 28.91 -17.82
CA ILE C 101 4.05 29.58 -18.97
C ILE C 101 2.53 29.29 -19.00
N ASN C 102 2.06 28.17 -18.49
CA ASN C 102 0.59 27.87 -18.41
C ASN C 102 -0.05 28.69 -17.29
N ASP C 103 0.70 29.06 -16.26
CA ASP C 103 0.19 29.98 -15.22
C ASP C 103 0.12 31.38 -15.80
N VAL C 104 1.08 31.75 -16.64
CA VAL C 104 0.99 33.08 -17.34
C VAL C 104 -0.33 33.13 -18.14
N SER C 105 -0.72 32.05 -18.85
CA SER C 105 -1.94 32.02 -19.71
C SER C 105 -3.22 32.22 -18.90
N ARG C 106 -3.25 31.89 -17.62
CA ARG C 106 -4.41 32.11 -16.75
C ARG C 106 -4.37 33.53 -16.20
N GLY C 107 -3.30 34.26 -16.44
CA GLY C 107 -3.17 35.67 -15.99
C GLY C 107 -2.65 35.76 -14.55
N THR C 108 -2.13 34.66 -13.99
CA THR C 108 -1.37 34.68 -12.70
C THR C 108 -0.14 35.57 -12.84
N SER C 109 0.23 36.36 -11.83
CA SER C 109 1.38 37.31 -11.89
C SER C 109 2.70 36.55 -11.82
N ALA C 110 3.78 37.21 -12.24
CA ALA C 110 5.17 36.71 -12.12
C ALA C 110 5.48 36.40 -10.65
N ASP C 111 5.09 37.32 -9.77
CA ASP C 111 5.31 37.25 -8.31
C ASP C 111 4.66 35.98 -7.76
N LYS C 112 3.37 35.77 -8.00
CA LYS C 112 2.68 34.52 -7.56
C LYS C 112 3.40 33.29 -8.11
N ILE C 113 3.85 33.34 -9.37
CA ILE C 113 4.45 32.15 -10.02
C ILE C 113 5.77 31.84 -9.29
N ILE C 114 6.54 32.89 -9.02
CA ILE C 114 7.79 32.82 -8.19
C ILE C 114 7.47 32.23 -6.81
N SER C 115 6.39 32.63 -6.13
CA SER C 115 6.06 32.03 -4.81
C SER C 115 5.74 30.53 -4.97
N GLU C 116 5.16 30.12 -6.09
CA GLU C 116 4.85 28.68 -6.29
C GLU C 116 6.11 27.92 -6.71
N ILE C 117 6.94 28.49 -7.56
CA ILE C 117 8.24 27.85 -7.90
C ILE C 117 9.03 27.74 -6.58
N SER C 118 9.02 28.76 -5.73
CA SER C 118 9.82 28.70 -4.47
C SER C 118 9.33 27.53 -3.60
N MET C 119 8.01 27.25 -3.56
CA MET C 119 7.44 26.08 -2.80
C MET C 119 8.00 24.79 -3.41
N ILE C 120 8.08 24.75 -4.75
CA ILE C 120 8.63 23.55 -5.46
C ILE C 120 10.06 23.29 -5.00
N VAL C 121 10.88 24.33 -5.05
CA VAL C 121 12.33 24.33 -4.70
C VAL C 121 12.47 23.84 -3.26
N ARG C 122 11.78 24.54 -2.33
CA ARG C 122 11.82 24.26 -0.88
C ARG C 122 11.42 22.79 -0.67
N LYS C 123 10.39 22.29 -1.36
CA LYS C 123 9.97 20.86 -1.15
C LYS C 123 11.03 19.88 -1.68
N ILE C 124 11.66 20.13 -2.83
CA ILE C 124 12.67 19.17 -3.40
C ILE C 124 13.88 19.14 -2.44
N LYS C 125 14.33 20.28 -1.98
CA LYS C 125 15.49 20.38 -1.05
C LYS C 125 15.18 19.64 0.26
N GLN C 126 14.00 19.90 0.82
CA GLN C 126 13.41 19.15 1.97
C GLN C 126 13.39 17.63 1.74
N GLU C 127 12.81 17.15 0.65
CA GLU C 127 12.47 15.72 0.48
C GLU C 127 13.67 14.94 -0.04
N SER C 128 14.53 15.62 -0.78
CA SER C 128 15.66 14.99 -1.51
C SER C 128 16.82 15.97 -1.52
N PRO C 129 17.59 16.08 -0.41
CA PRO C 129 18.58 17.15 -0.27
C PRO C 129 19.81 16.96 -1.15
N LYS C 130 20.14 15.73 -1.57
CA LYS C 130 21.31 15.46 -2.44
C LYS C 130 21.00 15.74 -3.93
N THR C 131 19.75 16.02 -4.32
CA THR C 131 19.37 16.27 -5.74
C THR C 131 19.88 17.64 -6.15
N LYS C 132 20.60 17.77 -7.25
CA LYS C 132 20.94 19.09 -7.83
C LYS C 132 19.71 19.54 -8.61
N LEU C 133 19.11 20.65 -8.22
CA LEU C 133 17.92 21.23 -8.87
C LEU C 133 18.44 22.31 -9.84
N TYR C 134 18.01 22.30 -11.10
CA TYR C 134 18.31 23.42 -12.03
C TYR C 134 16.99 24.05 -12.49
N LEU C 135 16.85 25.35 -12.20
CA LEU C 135 15.70 26.20 -12.55
C LEU C 135 16.01 26.79 -13.92
N GLN C 136 15.24 26.38 -14.92
CA GLN C 136 15.40 26.86 -16.30
C GLN C 136 14.49 28.08 -16.53
N SER C 137 15.09 29.16 -17.02
CA SER C 137 14.42 30.37 -17.54
C SER C 137 13.16 29.94 -18.28
N VAL C 138 12.04 30.57 -17.99
CA VAL C 138 10.81 30.42 -18.80
C VAL C 138 11.20 30.79 -20.25
N LEU C 139 10.74 30.03 -21.24
CA LEU C 139 11.06 30.34 -22.66
C LEU C 139 10.22 31.51 -23.17
N PRO C 140 10.81 32.33 -24.08
CA PRO C 140 10.06 33.40 -24.73
C PRO C 140 8.91 32.79 -25.55
N VAL C 141 7.88 33.56 -25.82
CA VAL C 141 6.77 33.13 -26.72
C VAL C 141 6.67 34.15 -27.85
N ASN C 142 5.87 33.85 -28.89
CA ASN C 142 5.71 34.77 -30.05
C ASN C 142 4.28 34.63 -30.55
N ASP C 143 3.55 35.74 -30.64
CA ASP C 143 2.16 35.79 -31.17
C ASP C 143 2.14 35.71 -32.70
N CYS C 144 3.29 35.67 -33.36
CA CYS C 144 3.38 35.76 -34.85
C CYS C 144 2.43 34.75 -35.51
N TYR C 145 2.26 33.55 -34.93
CA TYR C 145 1.45 32.46 -35.52
C TYR C 145 0.01 32.59 -35.10
N GLY C 146 -0.28 33.46 -34.16
CA GLY C 146 -1.66 33.79 -33.76
C GLY C 146 -2.32 32.60 -33.06
N MET C 147 -1.52 31.76 -32.38
CA MET C 147 -2.05 30.59 -31.62
C MET C 147 -1.72 30.79 -30.13
N PHE C 148 -2.37 30.05 -29.24
CA PHE C 148 -2.20 30.19 -27.77
C PHE C 148 -2.16 31.69 -27.42
N ASN C 149 -3.20 32.44 -27.82
N ASN C 149 -3.20 32.44 -27.80
CA ASN C 149 -3.29 33.91 -27.66
CA ASN C 149 -3.23 33.92 -27.66
C ASN C 149 -3.19 34.25 -26.17
C ASN C 149 -3.25 34.28 -26.16
N GLY C 150 -3.75 33.38 -25.30
CA GLY C 150 -3.65 33.47 -23.83
C GLY C 150 -2.21 33.52 -23.33
N HIS C 151 -1.34 32.66 -23.84
CA HIS C 151 0.15 32.72 -23.63
C HIS C 151 0.77 33.94 -24.33
N THR C 152 0.67 34.02 -25.65
CA THR C 152 1.54 34.88 -26.51
C THR C 152 1.22 36.35 -26.32
N SER C 153 -0.05 36.69 -26.07
CA SER C 153 -0.51 38.05 -25.74
C SER C 153 0.21 38.55 -24.47
N ARG C 154 0.64 37.64 -23.60
CA ARG C 154 1.31 37.98 -22.32
C ARG C 154 2.81 37.69 -22.37
N TRP C 155 3.46 37.90 -23.54
CA TRP C 155 4.90 37.62 -23.81
C TRP C 155 5.84 38.40 -22.87
N GLN C 156 5.44 39.58 -22.40
CA GLN C 156 6.28 40.47 -21.56
C GLN C 156 6.45 39.87 -20.15
N VAL C 157 5.55 38.97 -19.76
CA VAL C 157 5.58 38.34 -18.40
C VAL C 157 6.75 37.34 -18.36
N VAL C 158 7.26 36.85 -19.49
CA VAL C 158 8.34 35.82 -19.44
C VAL C 158 9.57 36.46 -18.76
N LYS C 159 9.99 37.61 -19.26
CA LYS C 159 11.19 38.36 -18.76
C LYS C 159 10.99 38.76 -17.28
N GLN C 160 9.78 39.10 -16.86
CA GLN C 160 9.51 39.52 -15.45
C GLN C 160 9.66 38.31 -14.55
N ILE C 161 9.26 37.13 -15.04
CA ILE C 161 9.46 35.88 -14.26
C ILE C 161 10.97 35.67 -14.15
N ASN C 162 11.71 35.72 -15.25
CA ASN C 162 13.14 35.28 -15.29
C ASN C 162 14.00 36.22 -14.43
N ASP C 163 13.56 37.47 -14.31
CA ASP C 163 14.26 38.52 -13.52
C ASP C 163 14.16 38.17 -12.04
N LEU C 164 12.99 37.70 -11.60
CA LEU C 164 12.80 37.17 -10.22
C LEU C 164 13.36 35.76 -10.09
N LEU C 165 13.40 34.95 -11.16
CA LEU C 165 13.69 33.50 -11.00
C LEU C 165 15.18 33.27 -10.66
N GLU C 166 16.07 34.05 -11.28
CA GLU C 166 17.56 33.96 -11.15
C GLU C 166 17.97 34.36 -9.72
N PRO C 167 17.55 35.53 -9.19
CA PRO C 167 17.80 35.84 -7.78
C PRO C 167 17.26 34.71 -6.85
N LEU C 168 16.16 34.07 -7.22
CA LEU C 168 15.54 33.01 -6.36
C LEU C 168 16.47 31.80 -6.31
N ALA C 169 17.09 31.44 -7.43
CA ALA C 169 18.07 30.35 -7.50
C ALA C 169 19.24 30.61 -6.53
N VAL C 170 19.87 31.79 -6.63
CA VAL C 170 20.97 32.32 -5.76
C VAL C 170 20.53 32.21 -4.28
N LYS C 171 19.38 32.77 -3.95
CA LYS C 171 18.78 32.76 -2.59
C LYS C 171 18.62 31.32 -2.12
N GLU C 172 18.10 30.43 -2.98
CA GLU C 172 17.83 29.03 -2.55
C GLU C 172 19.05 28.15 -2.72
N GLY C 173 20.10 28.61 -3.39
CA GLY C 173 21.32 27.79 -3.57
C GLY C 173 21.12 26.72 -4.63
N VAL C 174 20.41 27.03 -5.71
CA VAL C 174 20.22 26.04 -6.81
C VAL C 174 20.74 26.67 -8.10
N ALA C 175 20.95 25.87 -9.15
CA ALA C 175 21.42 26.38 -10.47
C ALA C 175 20.29 27.17 -11.17
N TYR C 176 20.62 28.28 -11.82
CA TYR C 176 19.78 28.96 -12.83
C TYR C 176 20.43 28.84 -14.22
N ILE C 177 19.79 28.12 -15.14
CA ILE C 177 20.24 28.02 -16.57
C ILE C 177 19.42 29.01 -17.39
N ASP C 178 20.10 29.92 -18.10
CA ASP C 178 19.46 30.89 -19.02
C ASP C 178 19.29 30.26 -20.42
N LEU C 179 18.18 29.55 -20.65
CA LEU C 179 17.75 29.13 -22.01
C LEU C 179 17.25 30.33 -22.82
N TYR C 180 16.53 31.22 -22.14
CA TYR C 180 15.75 32.34 -22.71
C TYR C 180 16.58 33.15 -23.71
N SER C 181 17.84 33.41 -23.37
CA SER C 181 18.71 34.37 -24.10
C SER C 181 19.05 33.81 -25.48
N HIS C 182 19.19 32.49 -25.59
CA HIS C 182 19.46 31.77 -26.87
C HIS C 182 18.18 31.75 -27.75
N PHE C 183 17.03 31.49 -27.17
CA PHE C 183 15.75 31.28 -27.92
C PHE C 183 15.17 32.61 -28.44
N VAL C 184 15.44 33.75 -27.79
CA VAL C 184 14.72 35.04 -27.99
C VAL C 184 15.30 35.80 -29.18
N GLU C 185 14.49 36.66 -29.79
CA GLU C 185 14.93 37.74 -30.73
C GLU C 185 15.22 38.99 -29.87
N LYS C 186 16.48 39.44 -29.80
CA LYS C 186 16.85 40.63 -28.97
C LYS C 186 16.01 41.85 -29.39
N GLU C 187 15.84 42.06 -30.70
CA GLU C 187 15.03 43.18 -31.26
C GLU C 187 13.55 43.13 -30.87
N THR C 188 12.95 41.96 -30.51
CA THR C 188 11.47 41.80 -30.35
C THR C 188 11.06 41.39 -28.94
N GLY C 189 11.88 40.61 -28.24
CA GLY C 189 11.57 40.04 -26.90
C GLY C 189 10.70 38.79 -27.03
N LYS C 190 10.73 38.17 -28.20
CA LYS C 190 9.79 37.10 -28.59
C LYS C 190 10.59 35.90 -29.08
N MET C 191 10.03 34.70 -28.90
CA MET C 191 10.66 33.44 -29.36
C MET C 191 11.03 33.58 -30.85
N ASN C 192 12.28 33.30 -31.21
CA ASN C 192 12.78 33.24 -32.61
C ASN C 192 11.93 32.21 -33.37
N PRO C 193 11.15 32.64 -34.40
CA PRO C 193 10.31 31.74 -35.21
C PRO C 193 10.99 30.47 -35.76
N VAL C 194 12.31 30.48 -35.87
CA VAL C 194 13.11 29.34 -36.40
C VAL C 194 12.99 28.11 -35.48
N TYR C 195 12.73 28.32 -34.19
CA TYR C 195 12.70 27.21 -33.20
C TYR C 195 11.27 26.68 -32.93
N THR C 196 10.24 27.24 -33.56
CA THR C 196 8.82 27.00 -33.20
C THR C 196 7.88 27.18 -34.41
N ASN C 197 6.76 26.46 -34.44
CA ASN C 197 5.72 26.53 -35.52
C ASN C 197 4.43 27.08 -34.93
N ASP C 198 4.38 27.41 -33.63
CA ASP C 198 3.10 27.80 -33.00
C ASP C 198 3.29 28.95 -32.01
N GLY C 199 4.53 29.26 -31.64
CA GLY C 199 4.88 30.44 -30.82
C GLY C 199 5.05 30.07 -29.37
N LEU C 200 5.00 28.79 -29.04
CA LEU C 200 4.98 28.28 -27.64
C LEU C 200 5.86 27.04 -27.52
N HIS C 201 5.70 26.09 -28.45
CA HIS C 201 6.37 24.78 -28.45
C HIS C 201 7.60 24.79 -29.38
N LEU C 202 8.44 23.79 -29.22
CA LEU C 202 9.73 23.65 -29.93
C LEU C 202 9.63 22.68 -31.12
N LEU C 203 10.17 23.14 -32.25
CA LEU C 203 10.60 22.28 -33.38
C LEU C 203 11.79 21.47 -32.87
N GLY C 204 12.07 20.30 -33.46
CA GLY C 204 13.28 19.52 -33.19
C GLY C 204 14.55 20.37 -33.02
N LYS C 205 14.72 21.36 -33.90
CA LYS C 205 15.80 22.39 -33.90
C LYS C 205 15.86 23.15 -32.56
N GLY C 206 14.70 23.47 -31.97
CA GLY C 206 14.58 23.94 -30.58
C GLY C 206 15.27 23.01 -29.58
N TYR C 207 14.90 21.73 -29.60
CA TYR C 207 15.39 20.74 -28.61
C TYR C 207 16.92 20.58 -28.73
N LEU C 208 17.49 20.66 -29.93
CA LEU C 208 18.98 20.63 -30.16
C LEU C 208 19.64 21.87 -29.53
N LEU C 209 19.10 23.08 -29.70
CA LEU C 209 19.66 24.29 -29.04
C LEU C 209 19.63 24.09 -27.52
N TRP C 210 18.47 23.68 -26.98
CA TRP C 210 18.26 23.38 -25.54
C TRP C 210 19.34 22.39 -25.09
N ARG C 211 19.45 21.23 -25.74
CA ARG C 211 20.47 20.19 -25.43
C ARG C 211 21.86 20.82 -25.32
N ASP C 212 22.25 21.60 -26.32
CA ASP C 212 23.58 22.28 -26.36
C ASP C 212 23.74 23.10 -25.08
N ILE C 213 22.74 23.89 -24.70
CA ILE C 213 22.90 24.84 -23.55
C ILE C 213 23.11 24.07 -22.24
N VAL C 214 22.58 22.85 -22.13
CA VAL C 214 22.22 22.19 -20.84
C VAL C 214 23.09 20.96 -20.60
N LYS C 215 23.66 20.39 -21.67
CA LYS C 215 24.67 19.32 -21.67
C LYS C 215 25.76 19.51 -20.60
N PRO C 216 26.43 20.68 -20.48
CA PRO C 216 27.41 20.81 -19.40
C PRO C 216 26.86 20.48 -18.00
N TYR C 217 25.64 20.94 -17.68
CA TYR C 217 24.96 20.65 -16.39
C TYR C 217 24.59 19.17 -16.32
N VAL C 218 24.03 18.63 -17.40
CA VAL C 218 23.61 17.20 -17.42
C VAL C 218 24.82 16.29 -17.10
N ASP C 219 26.00 16.63 -17.66
CA ASP C 219 27.19 15.74 -17.83
C ASP C 219 27.78 15.31 -16.48
N GLN C 220 27.52 17.45 -14.50
CA GLN C 220 28.34 17.50 -13.26
C GLN C 220 28.50 16.09 -12.71
N ARG D 22 -4.89 20.99 -36.24
CA ARG D 22 -4.57 22.44 -36.07
C ARG D 22 -3.37 22.58 -35.12
N LYS D 23 -3.62 22.57 -33.81
CA LYS D 23 -2.62 22.27 -32.74
C LYS D 23 -2.05 20.85 -32.98
N TYR D 24 -2.89 19.92 -33.43
CA TYR D 24 -2.49 18.52 -33.75
C TYR D 24 -1.51 18.48 -34.94
N SER D 25 -1.71 19.32 -35.95
CA SER D 25 -0.84 19.40 -37.14
C SER D 25 0.50 20.04 -36.75
N THR D 26 0.50 21.09 -35.93
CA THR D 26 1.73 21.74 -35.42
C THR D 26 2.47 20.74 -34.53
N PHE D 27 1.73 19.98 -33.72
CA PHE D 27 2.31 18.97 -32.81
C PHE D 27 2.98 17.87 -33.68
N TYR D 28 2.28 17.36 -34.70
CA TYR D 28 2.88 16.33 -35.60
C TYR D 28 4.26 16.82 -36.07
N GLU D 29 4.27 18.06 -36.57
CA GLU D 29 5.50 18.67 -37.10
C GLU D 29 6.51 18.79 -35.95
N GLN D 30 6.09 19.29 -34.78
CA GLN D 30 6.98 19.34 -33.60
C GLN D 30 7.62 17.96 -33.41
N ARG D 31 6.84 16.87 -33.34
CA ARG D 31 7.38 15.54 -33.00
C ARG D 31 8.13 14.95 -34.18
N ALA D 32 7.65 15.21 -35.40
CA ALA D 32 8.27 14.62 -36.62
C ALA D 32 9.66 15.20 -36.81
N THR D 33 9.80 16.53 -36.73
CA THR D 33 11.11 17.21 -36.84
C THR D 33 12.03 16.69 -35.71
N LEU D 34 11.54 16.38 -34.53
CA LEU D 34 12.44 15.95 -33.43
C LEU D 34 13.00 14.57 -33.78
N PHE D 35 12.13 13.69 -34.24
CA PHE D 35 12.48 12.33 -34.70
C PHE D 35 13.54 12.42 -35.80
N GLU D 36 13.49 13.45 -36.65
CA GLU D 36 14.44 13.58 -37.78
C GLU D 36 15.82 13.91 -37.23
N GLU D 37 15.93 14.30 -35.95
CA GLU D 37 17.23 14.60 -35.31
C GLU D 37 17.70 13.45 -34.41
N LEU D 38 16.85 12.48 -34.07
CA LEU D 38 17.23 11.40 -33.11
C LEU D 38 17.55 10.13 -33.89
N PRO D 39 18.83 9.75 -33.98
CA PRO D 39 19.24 8.59 -34.80
C PRO D 39 18.60 7.26 -34.39
N VAL D 40 18.00 6.52 -35.32
CA VAL D 40 17.52 5.12 -35.06
C VAL D 40 18.66 4.16 -35.47
N THR D 41 18.85 3.06 -34.73
CA THR D 41 19.95 2.08 -34.92
C THR D 41 19.40 0.66 -34.94
N SER D 42 20.22 -0.28 -35.41
CA SER D 42 19.86 -1.72 -35.60
C SER D 42 19.46 -2.34 -34.25
N LYS D 43 19.91 -1.78 -33.12
CA LYS D 43 19.55 -2.21 -31.73
C LYS D 43 18.07 -1.94 -31.41
N ASP D 44 17.52 -0.89 -32.03
CA ASP D 44 16.32 -0.16 -31.52
C ASP D 44 15.05 -1.02 -31.62
N ILE D 45 14.16 -0.79 -30.65
CA ILE D 45 12.80 -1.35 -30.52
C ILE D 45 11.85 -0.15 -30.49
N ILE D 46 11.13 0.08 -31.59
CA ILE D 46 10.37 1.33 -31.81
C ILE D 46 8.89 1.09 -31.45
N PHE D 47 8.29 1.93 -30.61
CA PHE D 47 6.80 1.98 -30.45
C PHE D 47 6.29 3.14 -31.29
N LEU D 48 5.51 2.78 -32.30
CA LEU D 48 5.03 3.64 -33.41
C LEU D 48 3.50 3.69 -33.33
N GLY D 49 2.90 4.89 -33.27
CA GLY D 49 1.44 5.06 -33.31
C GLY D 49 1.03 6.45 -32.87
N ASN D 50 -0.16 6.54 -32.27
CA ASN D 50 -0.86 7.82 -31.95
C ASN D 50 -0.62 8.17 -30.46
N SER D 51 -1.53 8.92 -29.84
CA SER D 51 -1.50 9.37 -28.42
C SER D 51 -1.28 8.20 -27.47
N ILE D 52 -1.95 7.07 -27.73
CA ILE D 52 -1.92 5.82 -26.92
C ILE D 52 -0.48 5.30 -26.94
N THR D 53 0.24 5.56 -28.04
CA THR D 53 1.69 5.28 -28.13
C THR D 53 2.50 6.42 -27.47
N ASN D 54 2.13 7.67 -27.77
CA ASN D 54 2.86 8.90 -27.34
C ASN D 54 2.91 8.97 -25.80
N GLY D 55 1.86 8.51 -25.09
CA GLY D 55 1.65 8.80 -23.65
C GLY D 55 2.63 8.06 -22.75
N CYS D 56 3.34 7.06 -23.27
CA CYS D 56 4.15 6.17 -22.40
C CYS D 56 5.61 6.61 -22.38
N GLU D 57 6.35 6.19 -21.35
CA GLU D 57 7.83 6.29 -21.25
C GLU D 57 8.38 4.87 -21.43
N TRP D 58 8.44 4.41 -22.68
CA TRP D 58 8.55 2.97 -23.04
C TRP D 58 9.88 2.40 -22.57
N ALA D 59 10.96 3.20 -22.67
CA ALA D 59 12.30 2.80 -22.19
C ALA D 59 12.22 2.46 -20.69
N GLU D 60 11.48 3.28 -19.94
CA GLU D 60 11.24 3.09 -18.47
C GLU D 60 10.37 1.85 -18.26
N LEU D 61 9.22 1.77 -18.92
CA LEU D 61 8.21 0.69 -18.74
C LEU D 61 8.83 -0.69 -18.99
N PHE D 62 9.76 -0.84 -19.93
CA PHE D 62 10.43 -2.14 -20.22
C PHE D 62 11.84 -2.21 -19.62
N GLN D 63 12.27 -1.17 -18.90
N GLN D 63 12.35 -1.16 -18.99
CA GLN D 63 13.66 -1.04 -18.39
CA GLN D 63 13.70 -1.16 -18.36
C GLN D 63 14.62 -1.58 -19.46
C GLN D 63 14.78 -1.45 -19.42
N ASN D 64 14.58 -0.99 -20.65
CA ASN D 64 15.48 -1.30 -21.79
C ASN D 64 15.92 0.02 -22.47
N LYS D 65 17.21 0.33 -22.42
CA LYS D 65 17.86 1.45 -23.14
C LYS D 65 17.42 1.53 -24.62
N ASN D 66 17.00 0.41 -25.24
CA ASN D 66 16.81 0.36 -26.73
C ASN D 66 15.35 0.58 -27.16
N VAL D 67 14.38 0.67 -26.25
CA VAL D 67 12.95 0.90 -26.63
C VAL D 67 12.77 2.42 -26.72
N LYS D 68 11.95 2.87 -27.70
CA LYS D 68 11.96 4.28 -28.17
C LYS D 68 10.54 4.70 -28.54
N ASN D 69 10.20 5.95 -28.19
CA ASN D 69 8.87 6.53 -28.42
C ASN D 69 8.84 7.24 -29.80
N ARG D 70 8.08 6.66 -30.73
CA ARG D 70 7.69 7.32 -32.01
C ARG D 70 6.17 7.47 -32.05
N GLY D 71 5.57 7.73 -30.88
CA GLY D 71 4.17 8.15 -30.73
C GLY D 71 3.97 9.63 -31.02
N ILE D 72 2.89 9.99 -31.75
CA ILE D 72 2.41 11.39 -31.99
C ILE D 72 0.89 11.41 -31.81
N SER D 73 0.45 11.98 -30.69
N SER D 73 0.45 12.00 -30.70
CA SER D 73 -0.95 12.37 -30.42
CA SER D 73 -0.97 12.32 -30.41
C SER D 73 -1.62 12.82 -31.73
C SER D 73 -1.66 12.87 -31.65
N GLY D 74 -2.77 12.25 -32.07
CA GLY D 74 -3.55 12.72 -33.22
C GLY D 74 -3.18 11.98 -34.47
N ASP D 75 -2.17 11.11 -34.46
CA ASP D 75 -1.67 10.52 -35.73
C ASP D 75 -2.71 9.55 -36.29
N ILE D 76 -2.72 9.43 -37.63
CA ILE D 76 -3.67 8.56 -38.41
C ILE D 76 -2.77 7.65 -39.24
N CYS D 77 -3.31 6.69 -39.98
CA CYS D 77 -2.47 5.68 -40.66
C CYS D 77 -1.45 6.33 -41.60
N MET D 78 -1.86 7.32 -42.39
CA MET D 78 -1.04 7.88 -43.49
C MET D 78 -0.05 8.90 -42.88
N GLY D 79 -0.45 9.54 -41.77
CA GLY D 79 0.42 10.35 -40.91
C GLY D 79 1.61 9.53 -40.46
N VAL D 80 1.37 8.26 -40.14
CA VAL D 80 2.47 7.30 -39.86
C VAL D 80 3.20 6.99 -41.16
N TYR D 81 2.49 6.53 -42.19
CA TYR D 81 3.12 6.17 -43.48
C TYR D 81 4.19 7.23 -43.83
N ASP D 82 3.81 8.51 -43.75
CA ASP D 82 4.57 9.66 -44.33
C ASP D 82 5.84 9.94 -43.52
N ARG D 83 5.96 9.46 -42.29
CA ARG D 83 7.16 9.75 -41.45
C ARG D 83 7.95 8.45 -41.20
N LEU D 84 7.81 7.44 -42.07
CA LEU D 84 8.47 6.14 -41.86
C LEU D 84 9.97 6.26 -42.07
N ASP D 85 10.37 7.18 -42.93
N ASP D 85 10.39 7.16 -42.97
CA ASP D 85 11.76 7.36 -43.43
CA ASP D 85 11.79 7.32 -43.44
C ASP D 85 12.77 7.42 -42.27
C ASP D 85 12.77 7.39 -42.26
N PRO D 86 12.67 8.37 -41.32
CA PRO D 86 13.66 8.44 -40.25
C PRO D 86 13.56 7.30 -39.22
N ILE D 87 12.59 6.38 -39.34
CA ILE D 87 12.60 5.13 -38.53
C ILE D 87 13.19 3.99 -39.36
N VAL D 88 12.79 3.83 -40.62
CA VAL D 88 13.13 2.59 -41.40
C VAL D 88 14.61 2.62 -41.81
N LYS D 89 15.19 3.81 -42.01
N LYS D 89 15.14 3.80 -42.11
CA LYS D 89 16.61 4.01 -42.47
CA LYS D 89 16.57 3.98 -42.48
C LYS D 89 17.63 3.76 -41.34
C LYS D 89 17.47 3.38 -41.40
N GLY D 90 17.16 3.61 -40.11
CA GLY D 90 17.99 3.12 -38.99
C GLY D 90 18.02 1.60 -38.84
N LYS D 91 17.14 0.89 -39.54
CA LYS D 91 17.12 -0.61 -39.56
C LYS D 91 16.83 -1.11 -38.16
N PRO D 92 15.75 -0.62 -37.51
CA PRO D 92 15.40 -1.04 -36.15
C PRO D 92 15.07 -2.54 -36.06
N ALA D 93 15.54 -3.19 -34.99
CA ALA D 93 15.33 -4.61 -34.66
C ALA D 93 13.82 -4.92 -34.63
N LYS D 94 13.03 -4.04 -33.98
N LYS D 94 13.03 -4.05 -33.98
CA LYS D 94 11.56 -4.25 -33.79
CA LYS D 94 11.56 -4.27 -33.81
C LYS D 94 10.80 -2.94 -33.96
C LYS D 94 10.80 -2.94 -33.95
N ILE D 95 9.59 -3.04 -34.52
CA ILE D 95 8.59 -1.95 -34.59
C ILE D 95 7.25 -2.52 -34.11
N PHE D 96 6.68 -1.91 -33.08
CA PHE D 96 5.39 -2.30 -32.50
C PHE D 96 4.40 -1.22 -32.92
N LEU D 97 3.46 -1.60 -33.78
CA LEU D 97 2.57 -0.64 -34.43
C LEU D 97 1.20 -0.73 -33.80
N LEU D 98 0.71 0.42 -33.32
CA LEU D 98 -0.70 0.61 -32.96
C LEU D 98 -1.22 1.87 -33.65
N ILE D 99 -2.14 1.75 -34.59
CA ILE D 99 -2.72 2.94 -35.28
C ILE D 99 -4.15 2.64 -35.79
N GLY D 100 -4.99 3.67 -35.95
CA GLY D 100 -6.29 3.52 -36.64
C GLY D 100 -7.44 4.17 -35.91
N ILE D 101 -7.39 4.32 -34.59
CA ILE D 101 -8.59 4.81 -33.87
C ILE D 101 -8.88 6.28 -34.25
N ASN D 102 -7.87 7.09 -34.56
CA ASN D 102 -8.10 8.47 -35.05
C ASN D 102 -8.71 8.43 -36.46
N ASP D 103 -8.25 7.52 -37.31
CA ASP D 103 -8.96 7.24 -38.58
C ASP D 103 -10.42 6.89 -38.26
N VAL D 104 -10.68 6.01 -37.27
CA VAL D 104 -12.09 5.62 -36.88
C VAL D 104 -12.88 6.89 -36.59
N SER D 105 -12.27 7.91 -35.97
CA SER D 105 -13.06 9.07 -35.47
C SER D 105 -13.38 10.00 -36.64
N ARG D 106 -12.69 9.87 -37.76
CA ARG D 106 -12.98 10.68 -38.98
C ARG D 106 -14.01 9.94 -39.83
N GLY D 107 -14.64 8.88 -39.30
CA GLY D 107 -15.73 8.14 -39.96
C GLY D 107 -15.22 7.27 -41.09
N THR D 108 -13.92 7.00 -41.08
CA THR D 108 -13.22 6.13 -42.06
C THR D 108 -13.65 4.69 -41.76
N SER D 109 -13.82 3.89 -42.83
CA SER D 109 -14.26 2.48 -42.80
C SER D 109 -13.05 1.65 -42.39
N ALA D 110 -13.28 0.50 -41.77
CA ALA D 110 -12.27 -0.53 -41.39
C ALA D 110 -11.50 -1.01 -42.63
N ASP D 111 -12.16 -1.06 -43.79
CA ASP D 111 -11.55 -1.51 -45.08
C ASP D 111 -10.49 -0.48 -45.46
N LYS D 112 -10.87 0.78 -45.56
CA LYS D 112 -9.92 1.88 -45.89
C LYS D 112 -8.76 1.84 -44.89
N ILE D 113 -9.04 1.67 -43.59
CA ILE D 113 -7.99 1.73 -42.50
C ILE D 113 -7.00 0.58 -42.72
N ILE D 114 -7.50 -0.62 -43.06
CA ILE D 114 -6.67 -1.82 -43.35
C ILE D 114 -5.86 -1.60 -44.63
N SER D 115 -6.45 -0.89 -45.59
CA SER D 115 -5.77 -0.50 -46.85
C SER D 115 -4.48 0.22 -46.49
N GLU D 116 -4.57 1.12 -45.51
CA GLU D 116 -3.44 2.01 -45.14
C GLU D 116 -2.44 1.25 -44.29
N ILE D 117 -2.88 0.35 -43.41
CA ILE D 117 -1.92 -0.44 -42.59
C ILE D 117 -1.06 -1.31 -43.51
N SER D 118 -1.62 -1.97 -44.54
CA SER D 118 -0.80 -2.77 -45.50
C SER D 118 0.29 -1.89 -46.16
N MET D 119 -0.08 -0.72 -46.65
CA MET D 119 0.90 0.29 -47.13
C MET D 119 2.06 0.37 -46.14
N ILE D 120 1.77 0.62 -44.86
CA ILE D 120 2.83 0.79 -43.81
C ILE D 120 3.65 -0.51 -43.71
N VAL D 121 2.97 -1.66 -43.68
CA VAL D 121 3.62 -2.99 -43.58
C VAL D 121 4.62 -3.14 -44.74
N ARG D 122 4.13 -2.99 -45.97
CA ARG D 122 4.95 -3.27 -47.18
C ARG D 122 6.12 -2.28 -47.23
N LYS D 123 5.94 -1.01 -46.81
CA LYS D 123 7.06 -0.03 -46.89
C LYS D 123 8.16 -0.50 -45.94
N ILE D 124 7.80 -0.89 -44.72
CA ILE D 124 8.75 -1.33 -43.66
C ILE D 124 9.53 -2.54 -44.18
N LYS D 125 8.80 -3.55 -44.67
CA LYS D 125 9.33 -4.81 -45.25
C LYS D 125 10.29 -4.49 -46.41
N GLN D 126 9.87 -3.61 -47.33
CA GLN D 126 10.66 -3.17 -48.52
C GLN D 126 11.87 -2.37 -48.04
N GLU D 127 11.69 -1.38 -47.16
CA GLU D 127 12.80 -0.46 -46.78
C GLU D 127 13.76 -1.12 -45.80
N SER D 128 13.25 -1.92 -44.85
CA SER D 128 14.05 -2.58 -43.78
C SER D 128 13.52 -3.99 -43.54
N PRO D 129 13.98 -4.96 -44.35
CA PRO D 129 13.43 -6.32 -44.31
C PRO D 129 13.93 -7.13 -43.12
N LYS D 130 15.01 -6.67 -42.47
CA LYS D 130 15.62 -7.29 -41.26
C LYS D 130 14.79 -6.94 -40.02
N THR D 131 14.12 -5.78 -40.01
CA THR D 131 13.24 -5.32 -38.91
C THR D 131 12.15 -6.36 -38.69
N LYS D 132 11.75 -6.61 -37.44
CA LYS D 132 10.63 -7.54 -37.09
C LYS D 132 9.46 -6.67 -36.62
N LEU D 133 8.30 -6.80 -37.28
CA LEU D 133 7.17 -5.86 -37.21
C LEU D 133 6.00 -6.54 -36.50
N TYR D 134 5.46 -5.90 -35.46
CA TYR D 134 4.29 -6.42 -34.70
C TYR D 134 3.11 -5.49 -34.90
N LEU D 135 2.01 -6.04 -35.41
CA LEU D 135 0.74 -5.27 -35.57
C LEU D 135 -0.07 -5.55 -34.32
N GLN D 136 -0.26 -4.53 -33.48
CA GLN D 136 -1.00 -4.68 -32.21
C GLN D 136 -2.44 -4.35 -32.53
N SER D 137 -3.39 -5.21 -32.14
CA SER D 137 -4.86 -4.97 -32.16
C SER D 137 -5.15 -3.50 -31.81
N VAL D 138 -6.12 -2.87 -32.48
CA VAL D 138 -6.66 -1.55 -32.04
C VAL D 138 -7.28 -1.79 -30.65
N LEU D 139 -7.18 -0.83 -29.72
CA LEU D 139 -7.71 -1.05 -28.36
C LEU D 139 -9.17 -0.65 -28.38
N PRO D 140 -9.99 -1.32 -27.54
CA PRO D 140 -11.38 -0.91 -27.33
C PRO D 140 -11.42 0.49 -26.73
N VAL D 141 -12.53 1.17 -26.95
CA VAL D 141 -12.84 2.52 -26.42
C VAL D 141 -14.16 2.37 -25.67
N ASN D 142 -14.61 3.41 -24.98
CA ASN D 142 -15.77 3.35 -24.06
C ASN D 142 -16.35 4.74 -23.92
N ASP D 143 -17.65 4.85 -24.12
CA ASP D 143 -18.40 6.12 -24.01
C ASP D 143 -18.80 6.36 -22.55
N CYS D 144 -18.55 5.42 -21.63
CA CYS D 144 -18.97 5.54 -20.21
C CYS D 144 -18.62 6.92 -19.65
N TYR D 145 -17.52 7.54 -20.10
CA TYR D 145 -17.10 8.86 -19.58
C TYR D 145 -17.58 10.02 -20.46
N GLY D 146 -18.27 9.76 -21.56
CA GLY D 146 -18.86 10.85 -22.36
C GLY D 146 -17.80 11.76 -22.94
N MET D 147 -16.61 11.25 -23.30
CA MET D 147 -15.55 12.10 -23.91
C MET D 147 -15.15 11.53 -25.27
N PHE D 148 -14.62 12.37 -26.18
CA PHE D 148 -14.10 11.91 -27.50
C PHE D 148 -15.25 11.20 -28.23
N ASN D 149 -16.42 11.84 -28.28
N ASN D 149 -16.38 11.89 -28.37
CA ASN D 149 -17.65 11.27 -28.88
CA ASN D 149 -17.68 11.35 -28.87
C ASN D 149 -17.26 10.60 -30.22
C ASN D 149 -17.57 10.96 -30.36
N GLY D 150 -16.46 11.30 -31.04
CA GLY D 150 -16.13 10.85 -32.40
C GLY D 150 -15.49 9.47 -32.42
N HIS D 151 -14.81 9.09 -31.32
CA HIS D 151 -14.19 7.75 -31.15
C HIS D 151 -15.20 6.77 -30.52
N THR D 152 -15.87 7.21 -29.44
CA THR D 152 -16.52 6.29 -28.47
C THR D 152 -17.81 5.76 -29.10
N SER D 153 -18.52 6.60 -29.85
CA SER D 153 -19.77 6.30 -30.59
C SER D 153 -19.51 5.23 -31.66
N ARG D 154 -18.30 5.18 -32.22
CA ARG D 154 -17.87 4.18 -33.23
C ARG D 154 -17.12 3.01 -32.59
N TRP D 155 -17.50 2.58 -31.36
CA TRP D 155 -16.81 1.48 -30.62
C TRP D 155 -16.92 0.16 -31.37
N GLN D 156 -18.02 -0.02 -32.11
CA GLN D 156 -18.27 -1.24 -32.92
C GLN D 156 -17.21 -1.38 -34.02
N VAL D 157 -16.61 -0.28 -34.51
CA VAL D 157 -15.62 -0.29 -35.65
C VAL D 157 -14.27 -0.91 -35.22
N VAL D 158 -14.03 -1.11 -33.92
CA VAL D 158 -12.70 -1.59 -33.42
C VAL D 158 -12.48 -3.05 -33.79
N LYS D 159 -13.47 -3.89 -33.49
CA LYS D 159 -13.47 -5.36 -33.78
C LYS D 159 -13.46 -5.60 -35.31
N GLN D 160 -14.13 -4.75 -36.08
CA GLN D 160 -14.12 -4.84 -37.57
C GLN D 160 -12.67 -4.79 -38.09
N ILE D 161 -11.85 -3.83 -37.62
CA ILE D 161 -10.43 -3.60 -38.03
C ILE D 161 -9.58 -4.80 -37.61
N ASN D 162 -9.65 -5.13 -36.32
CA ASN D 162 -8.91 -6.29 -35.75
C ASN D 162 -9.36 -7.58 -36.45
N ASP D 163 -10.65 -7.72 -36.80
CA ASP D 163 -11.16 -8.90 -37.57
C ASP D 163 -10.43 -8.98 -38.94
N LEU D 164 -10.10 -7.85 -39.58
CA LEU D 164 -9.28 -7.81 -40.83
C LEU D 164 -7.77 -7.76 -40.51
N LEU D 165 -7.33 -7.09 -39.43
CA LEU D 165 -5.88 -6.89 -39.12
C LEU D 165 -5.22 -8.24 -38.79
N GLU D 166 -5.93 -9.19 -38.18
CA GLU D 166 -5.28 -10.48 -37.85
C GLU D 166 -5.01 -11.24 -39.16
N PRO D 167 -6.04 -11.48 -40.00
CA PRO D 167 -5.81 -12.01 -41.35
C PRO D 167 -4.71 -11.29 -42.17
N LEU D 168 -4.52 -9.99 -41.97
CA LEU D 168 -3.48 -9.22 -42.73
C LEU D 168 -2.09 -9.58 -42.18
N ALA D 169 -1.90 -9.61 -40.85
CA ALA D 169 -0.63 -10.07 -40.23
C ALA D 169 -0.24 -11.41 -40.86
N VAL D 170 -1.20 -12.32 -40.98
CA VAL D 170 -0.98 -13.72 -41.46
C VAL D 170 -0.41 -13.63 -42.87
N LYS D 171 -1.22 -13.10 -43.80
CA LYS D 171 -0.85 -12.93 -45.23
C LYS D 171 0.55 -12.31 -45.34
N GLU D 172 0.87 -11.31 -44.50
CA GLU D 172 2.09 -10.47 -44.67
C GLU D 172 3.29 -11.10 -43.96
N GLY D 173 3.13 -12.24 -43.31
CA GLY D 173 4.24 -12.89 -42.58
C GLY D 173 4.73 -12.00 -41.45
N VAL D 174 3.81 -11.33 -40.75
CA VAL D 174 4.13 -10.54 -39.53
C VAL D 174 3.19 -10.96 -38.38
N ALA D 175 3.65 -10.66 -37.17
CA ALA D 175 3.00 -10.96 -35.87
C ALA D 175 1.81 -10.03 -35.62
N TYR D 176 0.70 -10.61 -35.20
CA TYR D 176 -0.45 -9.93 -34.57
C TYR D 176 -0.31 -10.12 -33.05
N ILE D 177 -0.63 -9.08 -32.29
CA ILE D 177 -0.61 -9.09 -30.80
C ILE D 177 -1.99 -8.62 -30.36
N ASP D 178 -2.69 -9.49 -29.66
CA ASP D 178 -4.08 -9.25 -29.18
C ASP D 178 -3.98 -8.56 -27.82
N LEU D 179 -3.95 -7.23 -27.83
CA LEU D 179 -4.10 -6.42 -26.60
C LEU D 179 -5.61 -6.29 -26.32
N TYR D 180 -6.43 -6.30 -27.36
CA TYR D 180 -7.90 -5.98 -27.34
C TYR D 180 -8.64 -6.91 -26.37
N SER D 181 -8.30 -8.20 -26.39
CA SER D 181 -9.02 -9.28 -25.65
C SER D 181 -8.79 -9.14 -24.13
N HIS D 182 -7.62 -8.67 -23.73
CA HIS D 182 -7.21 -8.40 -22.31
C HIS D 182 -7.72 -7.05 -21.77
N PHE D 183 -8.05 -6.07 -22.63
CA PHE D 183 -8.41 -4.68 -22.22
C PHE D 183 -9.92 -4.51 -22.20
N VAL D 184 -10.61 -5.21 -23.10
CA VAL D 184 -12.07 -5.12 -23.28
C VAL D 184 -12.75 -5.87 -22.12
N GLU D 185 -13.98 -5.49 -21.80
CA GLU D 185 -14.93 -6.27 -20.96
C GLU D 185 -15.73 -7.21 -21.87
N LYS D 186 -15.52 -8.53 -21.76
CA LYS D 186 -16.32 -9.56 -22.46
C LYS D 186 -17.74 -9.03 -22.69
N GLU D 187 -18.33 -8.46 -21.63
CA GLU D 187 -19.78 -8.17 -21.48
C GLU D 187 -20.24 -7.08 -22.46
N THR D 188 -19.42 -6.06 -22.76
CA THR D 188 -19.88 -4.81 -23.48
C THR D 188 -19.20 -4.61 -24.85
N GLY D 189 -18.04 -5.24 -25.10
CA GLY D 189 -17.22 -5.00 -26.29
C GLY D 189 -16.47 -3.68 -26.20
N LYS D 190 -16.27 -3.19 -24.97
CA LYS D 190 -15.81 -1.82 -24.63
C LYS D 190 -14.60 -1.90 -23.69
N MET D 191 -13.84 -0.80 -23.63
CA MET D 191 -12.65 -0.70 -22.76
C MET D 191 -13.09 -0.95 -21.32
N ASN D 192 -12.37 -1.80 -20.60
CA ASN D 192 -12.47 -1.91 -19.11
C ASN D 192 -12.14 -0.56 -18.50
N PRO D 193 -13.10 0.13 -17.84
CA PRO D 193 -12.85 1.41 -17.17
C PRO D 193 -11.71 1.49 -16.15
N VAL D 194 -11.15 0.35 -15.75
CA VAL D 194 -10.00 0.30 -14.81
C VAL D 194 -8.73 0.78 -15.52
N TYR D 195 -8.73 0.89 -16.86
CA TYR D 195 -7.49 1.20 -17.65
C TYR D 195 -7.51 2.60 -18.25
N THR D 196 -8.63 3.31 -18.15
CA THR D 196 -8.83 4.64 -18.79
C THR D 196 -9.61 5.54 -17.83
N ASN D 197 -9.44 6.85 -18.00
CA ASN D 197 -10.22 7.90 -17.27
C ASN D 197 -10.93 8.77 -18.29
N ASP D 198 -10.85 8.48 -19.61
CA ASP D 198 -11.59 9.23 -20.68
C ASP D 198 -12.27 8.30 -21.70
N GLY D 199 -12.07 6.97 -21.63
CA GLY D 199 -12.63 5.96 -22.56
C GLY D 199 -11.73 5.64 -23.76
N LEU D 200 -10.54 6.28 -23.83
CA LEU D 200 -9.69 6.19 -25.04
C LEU D 200 -8.23 5.93 -24.66
N HIS D 201 -7.70 6.76 -23.75
CA HIS D 201 -6.27 6.73 -23.29
C HIS D 201 -6.11 5.82 -22.04
N LEU D 202 -4.87 5.46 -21.76
CA LEU D 202 -4.50 4.48 -20.71
C LEU D 202 -4.03 5.23 -19.47
N LEU D 203 -4.53 4.82 -18.31
CA LEU D 203 -3.92 5.15 -16.98
C LEU D 203 -2.63 4.36 -16.86
N GLY D 204 -1.79 4.68 -15.87
CA GLY D 204 -0.60 3.87 -15.62
C GLY D 204 -0.92 2.37 -15.66
N LYS D 205 -2.06 1.95 -15.11
CA LYS D 205 -2.37 0.49 -14.97
C LYS D 205 -2.55 -0.11 -16.38
N GLY D 206 -3.07 0.68 -17.33
CA GLY D 206 -3.22 0.29 -18.75
C GLY D 206 -1.90 -0.12 -19.36
N TYR D 207 -0.85 0.69 -19.13
CA TYR D 207 0.52 0.47 -19.67
C TYR D 207 1.20 -0.70 -18.94
N LEU D 208 0.79 -1.00 -17.70
CA LEU D 208 1.20 -2.25 -16.99
C LEU D 208 0.62 -3.48 -17.70
N LEU D 209 -0.68 -3.48 -18.02
CA LEU D 209 -1.29 -4.62 -18.73
C LEU D 209 -0.55 -4.76 -20.08
N TRP D 210 -0.44 -3.64 -20.82
CA TRP D 210 0.28 -3.60 -22.13
C TRP D 210 1.65 -4.26 -21.99
N ARG D 211 2.47 -3.78 -21.06
CA ARG D 211 3.84 -4.26 -20.81
C ARG D 211 3.83 -5.79 -20.66
N ASP D 212 2.92 -6.34 -19.83
CA ASP D 212 2.88 -7.78 -19.49
C ASP D 212 2.68 -8.61 -20.77
N ILE D 213 1.68 -8.26 -21.59
CA ILE D 213 1.28 -8.99 -22.83
C ILE D 213 2.42 -8.98 -23.87
N VAL D 214 3.23 -7.92 -23.92
CA VAL D 214 4.11 -7.55 -25.07
C VAL D 214 5.58 -7.76 -24.70
N LYS D 215 5.95 -7.63 -23.43
CA LYS D 215 7.38 -7.71 -23.02
C LYS D 215 7.99 -9.06 -23.47
N PRO D 216 7.23 -10.18 -23.53
CA PRO D 216 7.79 -11.39 -24.13
C PRO D 216 8.30 -11.12 -25.56
N TYR D 217 7.42 -10.60 -26.43
CA TYR D 217 7.73 -10.20 -27.83
C TYR D 217 8.89 -9.19 -27.86
N VAL D 218 9.05 -8.37 -26.82
CA VAL D 218 10.15 -7.35 -26.70
C VAL D 218 11.46 -8.07 -26.30
N ASP D 219 11.37 -9.32 -25.85
CA ASP D 219 12.56 -10.18 -25.55
C ASP D 219 12.56 -11.38 -26.49
N ARG E 22 26.02 0.56 40.49
CA ARG E 22 27.03 -0.19 39.68
C ARG E 22 26.61 -0.20 38.21
N LYS E 23 25.33 -0.49 37.94
CA LYS E 23 24.76 -0.37 36.58
C LYS E 23 24.41 1.12 36.34
N TYR E 24 23.90 1.86 37.33
CA TYR E 24 23.65 3.33 37.17
C TYR E 24 24.98 4.09 37.08
N SER E 25 26.04 3.57 37.70
CA SER E 25 27.42 4.14 37.74
C SER E 25 28.06 4.01 36.36
N THR E 26 28.02 2.83 35.78
CA THR E 26 28.60 2.55 34.45
C THR E 26 27.77 3.30 33.40
N PHE E 27 26.44 3.33 33.52
CA PHE E 27 25.51 4.04 32.59
C PHE E 27 25.90 5.54 32.61
N TYR E 28 26.10 6.09 33.82
CA TYR E 28 26.42 7.53 33.99
C TYR E 28 27.63 7.79 33.12
N GLU E 29 28.64 6.95 33.26
CA GLU E 29 29.91 7.16 32.55
C GLU E 29 29.66 7.01 31.04
N GLN E 30 28.89 6.02 30.60
CA GLN E 30 28.64 5.86 29.13
C GLN E 30 28.06 7.16 28.53
N ARG E 31 27.01 7.69 29.14
CA ARG E 31 26.25 8.88 28.65
C ARG E 31 27.15 10.11 28.74
N ALA E 32 27.87 10.29 29.88
CA ALA E 32 28.78 11.43 30.11
C ALA E 32 29.91 11.42 29.06
N THR E 33 30.56 10.29 28.82
CA THR E 33 31.67 10.23 27.83
C THR E 33 31.11 10.46 26.41
N LEU E 34 29.94 9.92 26.09
CA LEU E 34 29.19 10.31 24.87
C LEU E 34 29.07 11.84 24.83
N PHE E 35 28.57 12.49 25.88
CA PHE E 35 28.28 13.94 25.83
C PHE E 35 29.55 14.76 25.60
N GLU E 36 30.65 14.34 26.20
CA GLU E 36 31.98 14.96 26.00
C GLU E 36 32.36 14.94 24.50
N GLU E 37 31.74 14.06 23.69
CA GLU E 37 32.09 13.93 22.24
C GLU E 37 31.09 14.67 21.33
N LEU E 38 29.98 15.18 21.85
CA LEU E 38 28.96 15.86 21.00
C LEU E 38 29.01 17.37 21.21
N PRO E 39 29.39 18.17 20.22
CA PRO E 39 29.46 19.63 20.43
C PRO E 39 28.13 20.29 20.86
N VAL E 40 28.23 21.31 21.72
CA VAL E 40 27.14 22.26 22.05
C VAL E 40 27.51 23.63 21.45
N THR E 41 26.54 24.26 20.81
CA THR E 41 26.61 25.56 20.08
C THR E 41 25.59 26.51 20.71
N SER E 42 25.67 27.80 20.36
CA SER E 42 24.93 28.92 21.00
C SER E 42 23.44 28.86 20.67
N LYS E 43 23.02 27.98 19.77
CA LYS E 43 21.58 27.86 19.40
C LYS E 43 20.96 26.66 20.12
N ASP E 44 21.74 25.85 20.85
CA ASP E 44 21.24 24.60 21.47
C ASP E 44 20.27 24.91 22.58
N ILE E 45 19.14 24.20 22.59
CA ILE E 45 18.15 24.12 23.69
C ILE E 45 18.40 22.75 24.36
N ILE E 46 18.96 22.74 25.58
CA ILE E 46 19.41 21.49 26.31
C ILE E 46 18.39 21.09 27.38
N PHE E 47 17.92 19.84 27.34
CA PHE E 47 17.16 19.21 28.46
C PHE E 47 18.14 18.36 29.28
N LEU E 48 18.28 18.73 30.55
CA LEU E 48 19.33 18.24 31.48
C LEU E 48 18.61 17.69 32.70
N GLY E 49 18.85 16.43 33.04
CA GLY E 49 18.39 15.82 34.29
C GLY E 49 18.54 14.32 34.31
N ASN E 50 17.56 13.64 34.89
CA ASN E 50 17.62 12.19 35.29
C ASN E 50 16.80 11.37 34.27
N SER E 51 16.22 10.23 34.68
CA SER E 51 15.51 9.27 33.80
C SER E 51 14.35 9.99 33.10
N ILE E 52 13.71 10.90 33.85
CA ILE E 52 12.49 11.60 33.39
C ILE E 52 12.91 12.54 32.24
N THR E 53 14.18 12.99 32.20
CA THR E 53 14.69 13.75 31.03
C THR E 53 15.12 12.77 29.92
N ASN E 54 15.91 11.75 30.26
CA ASN E 54 16.59 10.80 29.35
C ASN E 54 15.57 10.03 28.50
N GLY E 55 14.34 9.85 29.05
CA GLY E 55 13.27 9.00 28.50
C GLY E 55 12.63 9.54 27.24
N CYS E 56 12.79 10.84 27.02
CA CYS E 56 12.14 11.52 25.88
C CYS E 56 13.09 11.66 24.69
N GLU E 57 12.55 11.75 23.47
CA GLU E 57 13.24 12.27 22.25
C GLU E 57 12.84 13.74 22.07
N TRP E 58 13.64 14.63 22.63
CA TRP E 58 13.26 16.05 22.83
C TRP E 58 13.18 16.77 21.49
N ALA E 59 14.16 16.60 20.60
CA ALA E 59 14.17 17.23 19.26
C ALA E 59 12.85 16.90 18.54
N GLU E 60 12.39 15.66 18.66
CA GLU E 60 11.15 15.16 17.99
C GLU E 60 9.94 15.76 18.70
N LEU E 61 10.00 15.90 20.04
CA LEU E 61 8.82 16.34 20.84
C LEU E 61 8.52 17.77 20.42
N PHE E 62 9.54 18.61 20.27
CA PHE E 62 9.29 20.03 19.90
C PHE E 62 9.39 20.23 18.40
N GLN E 63 9.72 19.20 17.60
CA GLN E 63 10.10 19.30 16.16
C GLN E 63 11.06 20.48 16.02
N ASN E 64 12.22 20.39 16.63
CA ASN E 64 13.25 21.46 16.69
C ASN E 64 14.62 20.81 16.79
N LYS E 65 15.37 20.84 15.68
CA LYS E 65 16.76 20.32 15.50
C LYS E 65 17.76 20.89 16.52
N ASN E 66 17.40 21.98 17.23
CA ASN E 66 18.28 22.63 18.23
C ASN E 66 18.09 22.01 19.63
N VAL E 67 17.03 21.23 19.87
CA VAL E 67 16.73 20.64 21.23
C VAL E 67 17.54 19.35 21.36
N LYS E 68 18.17 19.17 22.53
CA LYS E 68 19.18 18.12 22.74
C LYS E 68 18.94 17.49 24.12
N ASN E 69 19.11 16.17 24.20
CA ASN E 69 18.92 15.35 25.43
C ASN E 69 20.28 15.24 26.15
N ARG E 70 20.37 15.79 27.37
CA ARG E 70 21.54 15.56 28.30
C ARG E 70 20.98 14.86 29.56
N GLY E 71 19.96 14.02 29.36
CA GLY E 71 19.39 13.21 30.45
C GLY E 71 20.20 11.95 30.70
N ILE E 72 20.34 11.58 31.98
CA ILE E 72 21.02 10.33 32.43
C ILE E 72 20.16 9.70 33.50
N SER E 73 19.61 8.50 33.26
CA SER E 73 18.81 7.76 34.26
C SER E 73 19.68 7.54 35.52
N GLY E 74 19.16 7.83 36.70
CA GLY E 74 19.87 7.60 37.98
C GLY E 74 20.56 8.86 38.48
N ASP E 75 20.61 9.91 37.64
CA ASP E 75 21.38 11.12 37.96
C ASP E 75 20.78 11.83 39.17
N ILE E 76 21.67 12.51 39.86
CA ILE E 76 21.42 13.29 41.09
C ILE E 76 21.99 14.68 40.88
N CYS E 77 21.74 15.58 41.81
CA CYS E 77 22.14 16.99 41.65
C CYS E 77 23.63 17.11 41.38
N MET E 78 24.49 16.47 42.20
CA MET E 78 25.97 16.60 42.08
C MET E 78 26.45 15.82 40.85
N GLY E 79 25.72 14.80 40.46
CA GLY E 79 26.01 14.15 39.17
C GLY E 79 25.83 15.15 38.02
N VAL E 80 24.78 15.94 38.05
CA VAL E 80 24.52 16.94 36.96
C VAL E 80 25.62 18.02 37.02
N TYR E 81 25.87 18.56 38.22
CA TYR E 81 26.91 19.60 38.48
C TYR E 81 28.22 19.15 37.86
N ASP E 82 28.64 17.90 38.14
CA ASP E 82 30.00 17.41 37.80
C ASP E 82 30.19 17.27 36.28
N ARG E 83 29.12 17.33 35.47
CA ARG E 83 29.26 17.14 33.98
C ARG E 83 28.74 18.39 33.25
N LEU E 84 28.73 19.58 33.87
CA LEU E 84 28.24 20.82 33.19
C LEU E 84 29.20 21.24 32.06
N ASP E 85 30.49 20.91 32.17
CA ASP E 85 31.56 21.58 31.37
C ASP E 85 31.31 21.33 29.88
N PRO E 86 31.00 20.09 29.42
CA PRO E 86 30.76 19.92 27.98
C PRO E 86 29.39 20.44 27.51
N ILE E 87 28.50 20.89 28.41
CA ILE E 87 27.28 21.69 28.07
C ILE E 87 27.65 23.21 28.12
N VAL E 88 28.20 23.75 29.21
CA VAL E 88 28.25 25.24 29.42
C VAL E 88 29.31 25.88 28.51
N LYS E 89 30.31 25.11 28.12
CA LYS E 89 31.46 25.59 27.33
C LYS E 89 31.03 25.88 25.90
N GLY E 90 29.91 25.31 25.45
CA GLY E 90 29.27 25.59 24.15
C GLY E 90 28.31 26.76 24.20
N LYS E 91 27.99 27.26 25.39
CA LYS E 91 27.19 28.50 25.64
C LYS E 91 25.81 28.33 25.06
N PRO E 92 25.07 27.26 25.41
CA PRO E 92 23.73 27.05 24.84
C PRO E 92 22.80 28.24 25.05
N ALA E 93 21.83 28.40 24.15
CA ALA E 93 20.75 29.38 24.22
C ALA E 93 19.92 29.14 25.48
N LYS E 94 19.61 27.87 25.77
N LYS E 94 19.58 27.87 25.75
CA LYS E 94 18.64 27.52 26.83
CA LYS E 94 18.60 27.49 26.79
C LYS E 94 19.07 26.20 27.48
C LYS E 94 19.06 26.19 27.47
N ILE E 95 18.89 26.10 28.80
CA ILE E 95 18.99 24.82 29.58
C ILE E 95 17.72 24.68 30.41
N PHE E 96 16.95 23.63 30.18
CA PHE E 96 15.79 23.21 31.01
C PHE E 96 16.24 22.12 31.99
N LEU E 97 16.32 22.44 33.28
CA LEU E 97 16.82 21.50 34.32
C LEU E 97 15.60 20.91 35.04
N LEU E 98 15.58 19.60 35.18
CA LEU E 98 14.67 18.86 36.11
C LEU E 98 15.54 17.86 36.84
N ILE E 99 15.76 18.10 38.14
CA ILE E 99 16.68 17.26 38.95
C ILE E 99 16.17 17.21 40.38
N GLY E 100 16.35 16.07 41.02
CA GLY E 100 16.23 16.02 42.50
C GLY E 100 15.55 14.78 43.03
N ILE E 101 14.75 14.09 42.21
CA ILE E 101 13.88 13.00 42.72
C ILE E 101 14.76 11.81 43.14
N ASN E 102 15.93 11.60 42.53
CA ASN E 102 16.86 10.54 42.94
C ASN E 102 17.54 10.93 44.27
N ASP E 103 17.89 12.20 44.47
CA ASP E 103 18.41 12.69 45.77
C ASP E 103 17.39 12.37 46.87
N VAL E 104 16.11 12.61 46.58
CA VAL E 104 14.98 12.37 47.52
C VAL E 104 14.99 10.88 47.89
N SER E 105 15.25 10.03 46.89
CA SER E 105 15.13 8.55 47.02
C SER E 105 16.22 8.04 47.96
N ARG E 106 17.24 8.85 48.20
CA ARG E 106 18.46 8.55 48.99
C ARG E 106 18.33 9.10 50.42
N GLY E 107 17.20 9.74 50.71
CA GLY E 107 16.91 10.31 52.04
C GLY E 107 17.48 11.70 52.23
N THR E 108 17.94 12.37 51.17
CA THR E 108 18.44 13.77 51.25
C THR E 108 17.27 14.74 51.48
N SER E 109 17.44 15.76 52.33
CA SER E 109 16.40 16.79 52.57
C SER E 109 16.31 17.78 51.41
N ALA E 110 15.13 18.38 51.27
CA ALA E 110 14.81 19.47 50.31
C ALA E 110 15.85 20.60 50.40
N ASP E 111 16.26 20.95 51.62
CA ASP E 111 17.27 22.02 51.93
C ASP E 111 18.60 21.74 51.23
N LYS E 112 19.12 20.52 51.41
CA LYS E 112 20.43 20.04 50.86
C LYS E 112 20.31 20.03 49.33
N ILE E 113 19.23 19.46 48.79
CA ILE E 113 18.93 19.41 47.33
C ILE E 113 18.87 20.85 46.80
N ILE E 114 18.14 21.72 47.48
CA ILE E 114 18.03 23.15 47.06
C ILE E 114 19.43 23.79 47.04
N SER E 115 20.34 23.41 47.93
CA SER E 115 21.72 24.01 48.00
C SER E 115 22.61 23.44 46.88
N GLU E 116 22.37 22.19 46.48
CA GLU E 116 22.98 21.59 45.26
C GLU E 116 22.41 22.31 44.01
N ILE E 117 21.10 22.45 43.90
CA ILE E 117 20.49 23.11 42.69
C ILE E 117 21.03 24.52 42.58
N SER E 118 21.30 25.18 43.72
CA SER E 118 21.90 26.54 43.73
C SER E 118 23.34 26.52 43.21
N MET E 119 24.14 25.49 43.53
CA MET E 119 25.48 25.33 42.92
C MET E 119 25.34 25.25 41.39
N ILE E 120 24.47 24.39 40.86
CA ILE E 120 24.26 24.25 39.39
C ILE E 120 23.93 25.63 38.75
N VAL E 121 22.93 26.31 39.30
CA VAL E 121 22.48 27.65 38.83
C VAL E 121 23.71 28.55 38.75
N ARG E 122 24.47 28.64 39.85
CA ARG E 122 25.60 29.57 40.02
C ARG E 122 26.61 29.26 38.91
N LYS E 123 26.94 27.97 38.73
CA LYS E 123 27.97 27.56 37.79
C LYS E 123 27.57 27.96 36.36
N ILE E 124 26.31 27.78 36.00
CA ILE E 124 25.77 27.99 34.62
C ILE E 124 25.86 29.49 34.27
N LYS E 125 25.31 30.36 35.12
CA LYS E 125 25.28 31.84 35.00
C LYS E 125 26.68 32.44 34.86
N GLN E 126 27.61 31.93 35.67
CA GLN E 126 29.05 32.27 35.64
C GLN E 126 29.70 31.85 34.31
N GLU E 127 29.57 30.58 33.92
CA GLU E 127 30.35 29.98 32.79
C GLU E 127 29.71 30.34 31.45
N SER E 128 28.43 30.65 31.43
CA SER E 128 27.74 31.02 30.17
C SER E 128 26.57 31.91 30.56
N PRO E 129 26.89 33.20 30.87
CA PRO E 129 25.89 34.16 31.34
C PRO E 129 24.74 34.41 30.34
N LYS E 130 24.93 34.14 29.04
CA LYS E 130 23.92 34.40 27.98
C LYS E 130 22.87 33.29 28.01
N THR E 131 23.16 32.14 28.62
CA THR E 131 22.20 31.02 28.66
C THR E 131 20.98 31.45 29.45
N LYS E 132 19.78 31.24 28.89
CA LYS E 132 18.51 31.25 29.66
C LYS E 132 18.36 29.88 30.33
N LEU E 133 18.31 29.87 31.68
CA LEU E 133 18.09 28.69 32.54
C LEU E 133 16.64 28.68 33.03
N TYR E 134 16.01 27.51 32.96
CA TYR E 134 14.62 27.22 33.37
C TYR E 134 14.66 26.09 34.41
N LEU E 135 14.34 26.41 35.66
CA LEU E 135 14.28 25.40 36.73
C LEU E 135 12.88 24.83 36.78
N GLN E 136 12.75 23.53 36.46
CA GLN E 136 11.43 22.86 36.36
C GLN E 136 11.04 22.23 37.70
N SER E 137 9.80 22.49 38.15
CA SER E 137 9.20 21.82 39.34
C SER E 137 9.56 20.35 39.37
N VAL E 138 10.01 19.77 40.50
CA VAL E 138 10.21 18.29 40.60
C VAL E 138 8.84 17.63 40.36
N LEU E 139 8.77 16.54 39.58
CA LEU E 139 7.46 15.89 39.25
C LEU E 139 6.96 15.14 40.46
N PRO E 140 5.62 15.12 40.67
CA PRO E 140 5.03 14.37 41.76
C PRO E 140 5.28 12.89 41.43
N VAL E 141 5.11 12.06 42.44
CA VAL E 141 5.27 10.59 42.32
C VAL E 141 4.08 9.92 43.01
N ASN E 142 4.04 8.59 42.96
CA ASN E 142 2.83 7.80 43.35
C ASN E 142 3.20 6.34 43.66
N ASP E 143 2.92 5.92 44.90
CA ASP E 143 3.16 4.53 45.38
C ASP E 143 2.13 3.56 44.79
N CYS E 144 1.06 4.07 44.15
CA CYS E 144 -0.14 3.28 43.73
C CYS E 144 0.25 2.02 42.95
N TYR E 145 1.39 2.06 42.24
CA TYR E 145 1.97 0.93 41.48
C TYR E 145 2.99 0.22 42.37
N GLY E 146 3.36 0.81 43.51
CA GLY E 146 4.27 0.18 44.49
C GLY E 146 5.53 -0.33 43.81
N MET E 147 6.27 0.55 43.14
CA MET E 147 7.68 0.30 42.75
C MET E 147 8.46 1.59 43.03
N PHE E 148 9.80 1.57 42.91
CA PHE E 148 10.72 2.65 43.35
C PHE E 148 10.27 3.27 44.69
N ASN E 149 10.17 2.43 45.73
CA ASN E 149 9.52 2.71 47.04
C ASN E 149 10.33 3.76 47.82
N GLY E 150 11.64 3.84 47.57
CA GLY E 150 12.53 4.95 47.99
C GLY E 150 11.96 6.30 47.58
N HIS E 151 11.55 6.41 46.31
CA HIS E 151 11.01 7.64 45.69
C HIS E 151 9.59 7.91 46.21
N THR E 152 8.70 6.92 46.16
CA THR E 152 7.22 7.10 46.23
C THR E 152 6.75 7.24 47.68
N SER E 153 7.51 6.68 48.63
CA SER E 153 7.27 6.86 50.09
C SER E 153 7.51 8.33 50.46
N ARG E 154 8.43 9.02 49.78
CA ARG E 154 8.88 10.38 50.20
C ARG E 154 8.25 11.42 49.25
N TRP E 155 7.01 11.16 48.83
CA TRP E 155 6.26 12.01 47.86
C TRP E 155 6.04 13.42 48.42
N GLN E 156 5.86 13.57 49.75
CA GLN E 156 5.58 14.89 50.38
C GLN E 156 6.77 15.85 50.20
N VAL E 157 7.97 15.32 49.94
CA VAL E 157 9.23 16.11 49.84
C VAL E 157 9.24 16.85 48.49
N VAL E 158 8.46 16.40 47.52
CA VAL E 158 8.37 17.09 46.20
C VAL E 158 7.91 18.55 46.43
N LYS E 159 6.77 18.73 47.09
CA LYS E 159 6.24 20.06 47.52
C LYS E 159 7.35 20.84 48.24
N GLN E 160 8.03 20.21 49.19
CA GLN E 160 9.02 20.91 50.05
C GLN E 160 10.13 21.45 49.16
N ILE E 161 10.51 20.67 48.14
CA ILE E 161 11.55 21.13 47.18
C ILE E 161 10.97 22.33 46.42
N ASN E 162 9.79 22.18 45.83
CA ASN E 162 9.21 23.15 44.86
C ASN E 162 8.88 24.47 45.57
N ASP E 163 8.47 24.41 46.84
CA ASP E 163 8.21 25.65 47.63
C ASP E 163 9.50 26.47 47.77
N LEU E 164 10.67 25.82 47.88
CA LEU E 164 12.01 26.48 47.91
C LEU E 164 12.53 26.73 46.48
N LEU E 165 12.27 25.83 45.52
CA LEU E 165 12.79 25.96 44.13
C LEU E 165 12.34 27.30 43.50
N GLU E 166 11.07 27.67 43.66
CA GLU E 166 10.48 28.84 42.94
C GLU E 166 11.09 30.12 43.48
N PRO E 167 11.13 30.33 44.82
CA PRO E 167 11.79 31.51 45.37
C PRO E 167 13.28 31.55 44.99
N LEU E 168 13.92 30.39 44.77
CA LEU E 168 15.37 30.32 44.39
C LEU E 168 15.56 30.89 42.97
N ALA E 169 14.65 30.56 42.05
CA ALA E 169 14.66 31.04 40.64
C ALA E 169 14.51 32.56 40.60
N VAL E 170 13.53 33.13 41.30
CA VAL E 170 13.31 34.61 41.42
C VAL E 170 14.57 35.27 41.99
N LYS E 171 15.17 34.69 43.05
CA LYS E 171 16.43 35.17 43.68
C LYS E 171 17.61 35.14 42.70
N GLU E 172 17.72 34.12 41.85
CA GLU E 172 18.88 33.97 40.92
C GLU E 172 18.56 34.52 39.53
N GLY E 173 17.37 35.10 39.36
CA GLY E 173 16.91 35.73 38.11
C GLY E 173 16.85 34.73 36.96
N VAL E 174 16.31 33.54 37.22
CA VAL E 174 16.10 32.48 36.19
C VAL E 174 14.63 32.07 36.25
N ALA E 175 14.12 31.33 35.25
CA ALA E 175 12.70 30.91 35.17
C ALA E 175 12.41 29.72 36.10
N TYR E 176 11.30 29.75 36.83
CA TYR E 176 10.62 28.57 37.41
C TYR E 176 9.47 28.16 36.48
N ILE E 177 9.43 26.90 36.10
CA ILE E 177 8.34 26.29 35.31
C ILE E 177 7.63 25.26 36.16
N ASP E 178 6.37 25.57 36.47
CA ASP E 178 5.51 24.72 37.31
C ASP E 178 4.90 23.64 36.42
N LEU E 179 5.62 22.55 36.17
CA LEU E 179 5.03 21.33 35.59
C LEU E 179 4.13 20.66 36.63
N TYR E 180 4.53 20.74 37.90
CA TYR E 180 3.95 19.95 39.02
C TYR E 180 2.43 20.13 39.11
N SER E 181 1.96 21.38 39.09
CA SER E 181 0.50 21.71 39.19
C SER E 181 -0.33 20.86 38.23
N HIS E 182 0.19 20.66 37.02
CA HIS E 182 -0.51 19.98 35.90
C HIS E 182 -0.52 18.46 36.07
N PHE E 183 0.53 17.85 36.62
CA PHE E 183 0.68 16.36 36.68
C PHE E 183 0.03 15.78 37.93
N VAL E 184 -0.13 16.59 38.98
CA VAL E 184 -0.57 16.07 40.30
C VAL E 184 -2.08 15.82 40.29
N GLU E 185 -2.52 14.81 41.04
CA GLU E 185 -3.90 14.67 41.57
C GLU E 185 -4.06 15.56 42.81
N LYS E 186 -4.62 16.77 42.66
CA LYS E 186 -4.65 17.79 43.76
C LYS E 186 -5.27 17.17 45.02
N GLU E 187 -6.16 16.18 44.86
CA GLU E 187 -6.69 15.32 45.95
C GLU E 187 -5.56 14.79 46.84
N THR E 188 -4.63 14.02 46.26
CA THR E 188 -3.62 13.18 46.99
C THR E 188 -2.26 13.87 47.05
N GLY E 189 -2.09 15.01 46.38
CA GLY E 189 -0.78 15.67 46.19
C GLY E 189 0.20 14.73 45.50
N LYS E 190 -0.32 13.74 44.75
CA LYS E 190 0.47 12.65 44.12
C LYS E 190 0.32 12.69 42.60
N MET E 191 1.13 11.92 41.88
CA MET E 191 1.16 11.87 40.40
C MET E 191 -0.14 11.24 39.92
N ASN E 192 -0.89 11.96 39.08
CA ASN E 192 -2.02 11.38 38.29
C ASN E 192 -1.57 10.09 37.61
N PRO E 193 -2.22 8.94 37.91
CA PRO E 193 -1.97 7.68 37.20
C PRO E 193 -2.18 7.59 35.69
N VAL E 194 -2.79 8.59 35.05
CA VAL E 194 -2.91 8.59 33.56
C VAL E 194 -1.54 8.95 32.96
N TYR E 195 -0.63 9.54 33.74
CA TYR E 195 0.68 9.99 33.19
C TYR E 195 1.76 8.92 33.35
N THR E 196 1.52 7.86 34.13
CA THR E 196 2.63 6.97 34.57
C THR E 196 2.15 5.53 34.65
N ASN E 197 3.05 4.54 34.53
CA ASN E 197 2.76 3.12 34.79
C ASN E 197 3.68 2.55 35.87
N ASP E 198 4.32 3.39 36.69
CA ASP E 198 5.30 2.91 37.71
C ASP E 198 5.35 3.88 38.89
N GLY E 199 4.82 5.09 38.70
CA GLY E 199 4.64 6.12 39.74
C GLY E 199 5.78 7.12 39.79
N LEU E 200 6.68 7.12 38.81
CA LEU E 200 7.92 7.95 38.76
C LEU E 200 8.10 8.51 37.34
N HIS E 201 8.01 7.60 36.38
CA HIS E 201 8.34 7.84 34.95
C HIS E 201 7.09 8.16 34.15
N LEU E 202 7.28 8.64 32.91
CA LEU E 202 6.18 9.16 32.05
C LEU E 202 5.94 8.24 30.86
N LEU E 203 4.65 7.92 30.64
CA LEU E 203 4.10 7.43 29.36
C LEU E 203 4.19 8.56 28.34
N GLY E 204 4.01 8.23 27.06
CA GLY E 204 3.90 9.21 25.95
C GLY E 204 2.98 10.38 26.28
N LYS E 205 1.80 10.14 26.83
CA LYS E 205 0.76 11.18 27.10
C LYS E 205 1.29 12.19 28.14
N GLY E 206 2.17 11.75 29.03
CA GLY E 206 2.87 12.60 30.00
C GLY E 206 3.78 13.61 29.33
N TYR E 207 4.63 13.13 28.41
CA TYR E 207 5.58 13.99 27.67
C TYR E 207 4.81 15.00 26.85
N LEU E 208 3.59 14.66 26.42
CA LEU E 208 2.73 15.58 25.62
C LEU E 208 2.31 16.75 26.50
N LEU E 209 1.95 16.47 27.76
CA LEU E 209 1.59 17.49 28.76
C LEU E 209 2.79 18.41 29.00
N TRP E 210 3.94 17.81 29.25
CA TRP E 210 5.23 18.54 29.36
C TRP E 210 5.42 19.46 28.16
N ARG E 211 5.24 18.95 26.94
CA ARG E 211 5.36 19.76 25.70
C ARG E 211 4.41 20.97 25.80
N ASP E 212 3.12 20.70 26.06
CA ASP E 212 2.06 21.74 26.14
C ASP E 212 2.50 22.78 27.18
N ILE E 213 3.03 22.35 28.33
CA ILE E 213 3.42 23.26 29.45
C ILE E 213 4.65 24.10 29.05
N VAL E 214 5.65 23.53 28.39
CA VAL E 214 7.00 24.16 28.21
C VAL E 214 7.17 24.80 26.83
N LYS E 215 6.47 24.35 25.79
CA LYS E 215 6.68 24.85 24.40
C LYS E 215 6.84 26.36 24.33
N PRO E 216 6.00 27.20 25.01
CA PRO E 216 6.18 28.65 24.88
C PRO E 216 7.56 29.13 25.32
N TYR E 217 8.22 28.43 26.26
CA TYR E 217 9.58 28.73 26.80
C TYR E 217 10.64 28.28 25.79
N VAL E 218 10.40 27.16 25.14
CA VAL E 218 11.31 26.67 24.07
C VAL E 218 11.31 27.67 22.91
N ASP E 219 10.20 28.38 22.70
CA ASP E 219 10.06 29.31 21.55
C ASP E 219 10.38 30.77 21.92
N GLN E 220 10.69 31.11 23.17
CA GLN E 220 10.87 32.54 23.59
C GLN E 220 12.31 33.01 23.35
N SER F 25 9.75 -3.95 31.51
CA SER F 25 8.59 -3.91 30.61
C SER F 25 7.80 -2.61 30.84
N THR F 26 7.75 -2.06 32.07
CA THR F 26 7.18 -0.71 32.30
C THR F 26 7.96 0.31 31.47
N PHE F 27 9.28 0.13 31.31
CA PHE F 27 10.13 1.08 30.54
C PHE F 27 9.90 0.92 29.03
N TYR F 28 9.84 -0.31 28.50
CA TYR F 28 9.42 -0.62 27.09
C TYR F 28 8.11 0.11 26.81
N GLU F 29 7.21 0.12 27.78
CA GLU F 29 5.82 0.65 27.66
C GLU F 29 5.89 2.17 27.60
N GLN F 30 6.78 2.76 28.40
CA GLN F 30 7.07 4.22 28.41
C GLN F 30 7.64 4.63 27.04
N ARG F 31 8.68 3.97 26.54
CA ARG F 31 9.30 4.34 25.24
C ARG F 31 8.30 4.11 24.09
N ALA F 32 7.59 2.98 24.05
CA ALA F 32 6.69 2.62 22.92
C ALA F 32 5.47 3.56 22.89
N THR F 33 4.92 3.99 24.01
CA THR F 33 3.78 4.96 23.99
C THR F 33 4.30 6.35 23.60
N LEU F 34 5.57 6.63 23.89
CA LEU F 34 6.19 7.90 23.44
C LEU F 34 6.28 7.83 21.92
N PHE F 35 6.76 6.70 21.40
CA PHE F 35 7.05 6.55 19.96
C PHE F 35 5.75 6.67 19.14
N GLU F 36 4.62 6.27 19.75
CA GLU F 36 3.28 6.27 19.09
C GLU F 36 2.85 7.72 18.88
N GLU F 37 3.39 8.67 19.67
CA GLU F 37 2.99 10.11 19.67
C GLU F 37 3.98 10.96 18.85
N LEU F 38 5.05 10.36 18.33
CA LEU F 38 6.13 11.06 17.60
C LEU F 38 6.02 10.69 16.13
N PRO F 39 5.74 11.65 15.23
CA PRO F 39 5.51 11.33 13.83
C PRO F 39 6.80 10.87 13.14
N VAL F 40 6.67 9.85 12.29
CA VAL F 40 7.73 9.39 11.35
C VAL F 40 7.38 9.84 9.94
N THR F 41 8.39 10.30 9.18
CA THR F 41 8.30 10.76 7.77
C THR F 41 9.30 9.96 6.91
N SER F 42 9.15 10.13 5.59
CA SER F 42 9.96 9.55 4.49
C SER F 42 11.38 10.14 4.44
N LYS F 43 11.68 11.17 5.23
CA LYS F 43 13.04 11.76 5.33
C LYS F 43 13.89 10.98 6.36
N ASP F 44 13.22 10.27 7.25
CA ASP F 44 13.77 9.81 8.54
C ASP F 44 14.76 8.69 8.33
N ILE F 45 15.83 8.71 9.13
CA ILE F 45 16.81 7.60 9.25
C ILE F 45 16.62 7.08 10.67
N ILE F 46 16.12 5.84 10.81
CA ILE F 46 15.69 5.33 12.12
C ILE F 46 16.77 4.37 12.65
N PHE F 47 17.34 4.63 13.84
CA PHE F 47 18.15 3.61 14.57
C PHE F 47 17.27 2.85 15.55
N LEU F 48 17.13 1.55 15.28
CA LEU F 48 16.14 0.65 15.93
C LEU F 48 16.89 -0.45 16.72
N GLY F 49 16.53 -0.61 17.99
CA GLY F 49 17.07 -1.74 18.78
C GLY F 49 16.94 -1.59 20.25
N ASN F 50 17.96 -2.08 20.96
CA ASN F 50 17.91 -2.37 22.42
C ASN F 50 18.64 -1.18 23.11
N SER F 51 19.16 -1.39 24.32
CA SER F 51 19.89 -0.38 25.12
C SER F 51 21.12 0.11 24.35
N ILE F 52 21.68 -0.72 23.47
CA ILE F 52 22.91 -0.36 22.72
C ILE F 52 22.55 0.73 21.69
N THR F 53 21.32 0.70 21.17
CA THR F 53 20.80 1.76 20.26
C THR F 53 20.33 2.95 21.12
N ASN F 54 19.54 2.65 22.14
CA ASN F 54 18.87 3.60 23.07
C ASN F 54 19.89 4.62 23.62
N GLY F 55 21.15 4.21 23.86
CA GLY F 55 22.13 4.95 24.64
C GLY F 55 22.74 6.12 23.89
N CYS F 56 22.52 6.23 22.57
CA CYS F 56 23.11 7.27 21.71
C CYS F 56 22.11 8.42 21.56
N GLU F 57 22.65 9.59 21.22
CA GLU F 57 21.94 10.78 20.64
C GLU F 57 22.29 10.80 19.14
N TRP F 58 21.39 10.27 18.32
CA TRP F 58 21.70 9.77 16.95
C TRP F 58 21.86 10.98 16.02
N ALA F 59 20.90 11.90 16.13
CA ALA F 59 20.80 13.20 15.43
C ALA F 59 22.07 14.02 15.64
N GLU F 60 22.56 14.09 16.88
CA GLU F 60 23.88 14.72 17.20
C GLU F 60 25.06 13.97 16.57
N LEU F 61 25.14 12.63 16.67
CA LEU F 61 26.37 11.88 16.31
C LEU F 61 26.71 12.06 14.82
N PHE F 62 25.68 12.15 13.99
CA PHE F 62 25.72 12.21 12.50
C PHE F 62 25.52 13.64 11.99
N GLN F 63 25.21 14.56 12.92
N GLN F 63 25.21 14.56 12.90
CA GLN F 63 24.88 15.99 12.66
CA GLN F 63 24.92 15.98 12.56
C GLN F 63 23.86 16.05 11.52
C GLN F 63 23.87 15.96 11.44
N ASN F 64 22.69 15.41 11.73
CA ASN F 64 21.65 15.18 10.70
C ASN F 64 20.32 14.98 11.44
N LYS F 65 19.46 15.98 11.35
CA LYS F 65 18.18 16.16 12.11
C LYS F 65 17.12 15.11 11.74
N ASN F 66 17.30 14.34 10.66
CA ASN F 66 16.36 13.31 10.17
C ASN F 66 16.57 11.99 10.93
N VAL F 67 17.73 11.86 11.58
CA VAL F 67 18.15 10.60 12.25
C VAL F 67 17.49 10.56 13.61
N LYS F 68 16.85 9.43 13.91
CA LYS F 68 15.92 9.23 15.04
C LYS F 68 16.27 7.97 15.85
N ASN F 69 16.05 8.07 17.16
CA ASN F 69 16.25 6.99 18.16
C ASN F 69 14.93 6.20 18.31
N ARG F 70 14.92 4.93 17.88
CA ARG F 70 13.87 3.97 18.33
C ARG F 70 14.53 2.79 19.07
N GLY F 71 15.52 3.09 19.90
CA GLY F 71 16.10 2.17 20.90
C GLY F 71 15.28 2.11 22.17
N ILE F 72 15.21 0.92 22.77
CA ILE F 72 14.50 0.65 24.06
C ILE F 72 15.36 -0.32 24.85
N SER F 73 15.96 0.17 25.94
CA SER F 73 16.70 -0.69 26.89
C SER F 73 15.84 -1.90 27.22
N GLY F 74 16.39 -3.09 27.01
CA GLY F 74 15.77 -4.36 27.41
C GLY F 74 15.19 -5.07 26.21
N ASP F 75 15.12 -4.41 25.06
CA ASP F 75 14.23 -4.90 23.97
C ASP F 75 14.79 -6.20 23.41
N ILE F 76 13.87 -7.05 22.96
CA ILE F 76 14.18 -8.34 22.29
C ILE F 76 13.51 -8.30 20.91
N CYS F 77 14.06 -9.03 19.96
CA CYS F 77 13.57 -9.24 18.57
C CYS F 77 12.04 -9.09 18.48
N MET F 78 11.27 -9.74 19.36
CA MET F 78 9.78 -9.77 19.28
C MET F 78 9.16 -8.51 19.93
N GLY F 79 9.89 -7.83 20.83
CA GLY F 79 9.51 -6.48 21.29
C GLY F 79 9.67 -5.44 20.18
N VAL F 80 10.66 -5.64 19.31
CA VAL F 80 10.87 -4.78 18.11
C VAL F 80 9.73 -5.09 17.11
N TYR F 81 9.69 -6.33 16.61
CA TYR F 81 8.59 -6.80 15.72
C TYR F 81 7.28 -6.18 16.21
N ASP F 82 6.94 -6.33 17.50
CA ASP F 82 5.64 -5.88 18.06
C ASP F 82 5.43 -4.36 18.06
N ARG F 83 6.46 -3.53 17.80
CA ARG F 83 6.24 -2.07 17.75
C ARG F 83 6.67 -1.50 16.40
N LEU F 84 6.73 -2.30 15.32
CA LEU F 84 7.07 -1.79 13.96
C LEU F 84 6.00 -0.79 13.47
N ASP F 85 4.74 -0.92 13.87
CA ASP F 85 3.58 -0.13 13.31
C ASP F 85 3.92 1.37 13.24
N PRO F 86 4.16 2.07 14.37
CA PRO F 86 4.35 3.53 14.34
C PRO F 86 5.68 4.01 13.76
N ILE F 87 6.52 3.08 13.29
CA ILE F 87 7.76 3.34 12.50
C ILE F 87 7.44 3.19 11.00
N VAL F 88 6.83 2.07 10.56
CA VAL F 88 6.60 1.74 9.11
C VAL F 88 5.46 2.60 8.55
N LYS F 89 4.42 2.88 9.30
CA LYS F 89 3.36 3.75 8.74
C LYS F 89 4.00 5.05 8.23
N GLY F 90 5.06 5.55 8.89
CA GLY F 90 5.79 6.76 8.46
C GLY F 90 6.62 6.58 7.21
N LYS F 91 6.87 5.32 6.83
CA LYS F 91 7.59 4.97 5.57
C LYS F 91 8.96 5.62 5.59
N PRO F 92 9.79 5.35 6.62
CA PRO F 92 11.10 6.02 6.71
C PRO F 92 12.06 5.69 5.55
N ALA F 93 12.96 6.61 5.23
CA ALA F 93 14.04 6.45 4.22
C ALA F 93 14.95 5.28 4.57
N LYS F 94 15.24 5.09 5.87
N LYS F 94 15.26 5.11 5.86
CA LYS F 94 16.24 4.09 6.29
CA LYS F 94 16.26 4.10 6.31
C LYS F 94 15.92 3.54 7.69
C LYS F 94 15.90 3.54 7.68
N ILE F 95 16.30 2.28 7.91
CA ILE F 95 16.20 1.60 9.23
C ILE F 95 17.52 0.85 9.43
N PHE F 96 18.21 1.23 10.50
CA PHE F 96 19.41 0.52 10.97
C PHE F 96 18.99 -0.31 12.18
N LEU F 97 19.08 -1.64 12.08
CA LEU F 97 18.65 -2.58 13.13
C LEU F 97 19.86 -3.21 13.85
N LEU F 98 19.81 -3.21 15.17
CA LEU F 98 20.68 -3.99 16.08
C LEU F 98 19.81 -4.62 17.16
N ILE F 99 19.52 -5.91 17.06
CA ILE F 99 18.71 -6.61 18.10
C ILE F 99 19.22 -8.04 18.27
N GLY F 100 19.05 -8.63 19.47
CA GLY F 100 19.31 -10.06 19.71
C GLY F 100 20.10 -10.37 20.98
N ILE F 101 20.97 -9.47 21.46
CA ILE F 101 21.87 -9.85 22.60
C ILE F 101 20.98 -10.07 23.82
N ASN F 102 19.83 -9.40 23.93
CA ASN F 102 18.87 -9.65 25.04
C ASN F 102 18.20 -11.04 24.88
N ASP F 103 17.97 -11.51 23.67
CA ASP F 103 17.47 -12.89 23.42
C ASP F 103 18.57 -13.87 23.84
N VAL F 104 19.80 -13.62 23.37
CA VAL F 104 21.01 -14.45 23.68
C VAL F 104 21.09 -14.63 25.20
N SER F 105 20.77 -13.59 25.98
CA SER F 105 20.88 -13.59 27.47
C SER F 105 19.76 -14.44 28.10
N ARG F 106 18.68 -14.70 27.37
CA ARG F 106 17.55 -15.54 27.85
C ARG F 106 17.80 -17.01 27.48
N GLY F 107 19.00 -17.32 26.97
CA GLY F 107 19.43 -18.63 26.45
C GLY F 107 18.62 -19.12 25.25
N THR F 108 17.98 -18.21 24.48
CA THR F 108 17.36 -18.49 23.14
C THR F 108 18.45 -18.89 22.14
N SER F 109 18.11 -19.68 21.12
CA SER F 109 19.04 -20.20 20.07
C SER F 109 19.28 -19.13 18.99
N ALA F 110 20.43 -19.23 18.31
CA ALA F 110 20.86 -18.36 17.19
C ALA F 110 19.90 -18.48 16.00
N ASP F 111 19.41 -19.70 15.75
CA ASP F 111 18.34 -20.01 14.77
C ASP F 111 17.05 -19.24 15.07
N LYS F 112 16.53 -19.39 16.28
CA LYS F 112 15.22 -18.81 16.64
C LYS F 112 15.32 -17.29 16.48
N ILE F 113 16.43 -16.71 16.95
CA ILE F 113 16.68 -15.24 16.90
C ILE F 113 16.66 -14.80 15.44
N ILE F 114 17.37 -15.49 14.55
CA ILE F 114 17.37 -15.20 13.09
C ILE F 114 15.95 -15.30 12.51
N SER F 115 15.11 -16.23 13.00
CA SER F 115 13.71 -16.42 12.51
C SER F 115 12.84 -15.22 12.95
N GLU F 116 13.10 -14.67 14.13
CA GLU F 116 12.38 -13.47 14.58
C GLU F 116 12.94 -12.21 13.92
N ILE F 117 14.25 -12.13 13.63
CA ILE F 117 14.88 -11.03 12.84
C ILE F 117 14.34 -11.11 11.41
N SER F 118 14.19 -12.32 10.84
CA SER F 118 13.53 -12.55 9.53
C SER F 118 12.11 -11.96 9.51
N MET F 119 11.30 -12.15 10.56
CA MET F 119 9.92 -11.61 10.72
C MET F 119 9.91 -10.07 10.76
N ILE F 120 11.01 -9.44 11.17
CA ILE F 120 11.12 -7.95 11.24
C ILE F 120 11.42 -7.44 9.84
N VAL F 121 12.47 -8.00 9.21
CA VAL F 121 12.84 -7.71 7.79
C VAL F 121 11.58 -7.78 6.92
N ARG F 122 10.82 -8.88 6.99
CA ARG F 122 9.70 -9.12 6.02
C ARG F 122 8.62 -8.05 6.24
N LYS F 123 8.29 -7.71 7.49
CA LYS F 123 7.22 -6.71 7.81
C LYS F 123 7.66 -5.34 7.30
N ILE F 124 8.94 -5.01 7.43
CA ILE F 124 9.47 -3.69 6.98
C ILE F 124 9.48 -3.62 5.45
N LYS F 125 9.85 -4.70 4.76
CA LYS F 125 9.78 -4.74 3.27
C LYS F 125 8.31 -4.64 2.87
N GLN F 126 7.42 -5.35 3.55
CA GLN F 126 5.99 -5.47 3.16
C GLN F 126 5.30 -4.13 3.42
N GLU F 127 5.63 -3.48 4.53
CA GLU F 127 4.85 -2.35 5.07
C GLU F 127 5.36 -1.04 4.48
N SER F 128 6.64 -1.00 4.08
CA SER F 128 7.36 0.21 3.63
C SER F 128 8.48 -0.18 2.67
N PRO F 129 8.09 -0.65 1.46
CA PRO F 129 9.02 -1.14 0.44
C PRO F 129 10.20 -0.20 0.07
N LYS F 130 10.00 1.12 0.08
CA LYS F 130 11.06 2.09 -0.32
C LYS F 130 12.06 2.29 0.82
N THR F 131 11.77 1.84 2.05
CA THR F 131 12.75 1.83 3.18
C THR F 131 13.95 0.93 2.89
N LYS F 132 15.15 1.52 2.80
CA LYS F 132 16.43 0.78 2.84
C LYS F 132 16.64 0.32 4.29
N LEU F 133 16.53 -0.98 4.54
CA LEU F 133 16.78 -1.62 5.85
C LEU F 133 18.25 -2.06 5.91
N TYR F 134 18.92 -1.88 7.05
CA TYR F 134 20.33 -2.31 7.25
C TYR F 134 20.38 -3.18 8.51
N LEU F 135 20.77 -4.47 8.38
CA LEU F 135 20.92 -5.39 9.54
C LEU F 135 22.35 -5.28 10.06
N GLN F 136 22.53 -4.92 11.33
CA GLN F 136 23.86 -4.69 11.95
C GLN F 136 24.25 -5.93 12.77
N SER F 137 25.48 -6.37 12.55
CA SER F 137 26.16 -7.47 13.27
C SER F 137 25.85 -7.28 14.75
N VAL F 138 25.35 -8.30 15.41
CA VAL F 138 25.25 -8.24 16.89
C VAL F 138 26.67 -7.99 17.38
N LEU F 139 26.89 -7.11 18.37
CA LEU F 139 28.27 -6.73 18.79
C LEU F 139 28.79 -7.80 19.73
N PRO F 140 30.12 -7.91 19.85
CA PRO F 140 30.73 -8.80 20.85
C PRO F 140 30.42 -8.30 22.25
N VAL F 141 30.56 -9.18 23.23
CA VAL F 141 30.45 -8.88 24.67
C VAL F 141 31.75 -9.31 25.34
N ASN F 142 31.92 -8.96 26.61
CA ASN F 142 33.15 -9.32 27.36
C ASN F 142 32.77 -9.51 28.82
N ASP F 143 33.19 -10.62 29.41
CA ASP F 143 32.94 -10.93 30.84
C ASP F 143 34.00 -10.23 31.74
N CYS F 144 35.04 -9.60 31.20
CA CYS F 144 36.19 -9.03 31.96
C CYS F 144 35.75 -8.20 33.19
N TYR F 145 34.60 -7.50 33.16
CA TYR F 145 34.10 -6.65 34.27
C TYR F 145 33.11 -7.41 35.17
N GLY F 146 32.88 -8.70 34.90
CA GLY F 146 31.93 -9.51 35.68
C GLY F 146 30.56 -8.88 35.72
N MET F 147 30.07 -8.30 34.61
CA MET F 147 28.71 -7.69 34.60
C MET F 147 27.87 -8.34 33.48
N PHE F 148 26.56 -8.45 33.69
CA PHE F 148 25.57 -9.01 32.73
C PHE F 148 26.04 -10.41 32.28
N ASN F 149 26.27 -11.29 33.26
CA ASN F 149 26.85 -12.66 33.10
C ASN F 149 26.02 -13.46 32.07
N GLY F 150 24.69 -13.40 32.16
CA GLY F 150 23.72 -13.97 31.20
C GLY F 150 24.02 -13.59 29.77
N HIS F 151 24.55 -12.38 29.52
CA HIS F 151 24.95 -11.89 28.18
C HIS F 151 26.35 -12.42 27.88
N THR F 152 27.29 -12.19 28.81
CA THR F 152 28.76 -12.33 28.60
C THR F 152 29.19 -13.80 28.70
N SER F 153 28.48 -14.64 29.46
CA SER F 153 28.71 -16.10 29.48
C SER F 153 28.38 -16.67 28.09
N ARG F 154 27.47 -16.05 27.35
CA ARG F 154 27.05 -16.56 26.01
C ARG F 154 27.72 -15.74 24.90
N TRP F 155 28.98 -15.33 25.10
CA TRP F 155 29.78 -14.52 24.14
C TRP F 155 29.93 -15.24 22.79
N GLN F 156 29.85 -16.58 22.82
CA GLN F 156 30.21 -17.48 21.68
C GLN F 156 29.07 -17.38 20.66
N VAL F 157 27.83 -17.36 21.16
CA VAL F 157 26.58 -17.13 20.38
C VAL F 157 26.78 -15.97 19.38
N VAL F 158 27.28 -14.80 19.78
CA VAL F 158 27.29 -13.59 18.89
C VAL F 158 27.73 -14.01 17.48
N LYS F 159 28.88 -14.69 17.36
CA LYS F 159 29.46 -15.20 16.09
C LYS F 159 28.45 -16.08 15.33
N GLN F 160 27.67 -16.85 16.09
CA GLN F 160 26.70 -17.86 15.56
C GLN F 160 25.54 -17.11 14.90
N ILE F 161 24.94 -16.17 15.63
CA ILE F 161 23.89 -15.26 15.11
C ILE F 161 24.41 -14.58 13.83
N ASN F 162 25.61 -13.99 13.88
CA ASN F 162 26.18 -13.14 12.81
C ASN F 162 26.39 -13.95 11.52
N ASP F 163 26.84 -15.20 11.67
CA ASP F 163 27.10 -16.13 10.53
C ASP F 163 25.80 -16.42 9.79
N LEU F 164 24.66 -16.41 10.48
CA LEU F 164 23.29 -16.60 9.91
C LEU F 164 22.69 -15.25 9.45
N LEU F 165 23.01 -14.15 10.16
CA LEU F 165 22.34 -12.84 9.93
C LEU F 165 22.64 -12.34 8.53
N GLU F 166 23.87 -12.51 8.08
CA GLU F 166 24.36 -11.97 6.78
C GLU F 166 23.79 -12.77 5.59
N PRO F 167 23.57 -14.10 5.68
CA PRO F 167 22.73 -14.80 4.70
C PRO F 167 21.28 -14.27 4.60
N LEU F 168 20.62 -14.08 5.74
CA LEU F 168 19.25 -13.47 5.81
C LEU F 168 19.30 -12.15 5.04
N ALA F 169 20.36 -11.37 5.21
CA ALA F 169 20.56 -10.07 4.53
C ALA F 169 20.45 -10.28 3.02
N VAL F 170 21.39 -11.04 2.46
CA VAL F 170 21.44 -11.39 1.00
C VAL F 170 20.11 -12.04 0.63
N LYS F 171 19.72 -13.12 1.31
CA LYS F 171 18.44 -13.80 1.04
C LYS F 171 17.29 -12.78 0.82
N GLU F 172 17.23 -11.65 1.54
CA GLU F 172 16.09 -10.70 1.38
C GLU F 172 16.60 -9.38 0.77
N GLY F 173 17.70 -9.39 0.02
CA GLY F 173 18.29 -8.21 -0.66
C GLY F 173 18.26 -6.95 0.21
N VAL F 174 18.66 -7.06 1.48
CA VAL F 174 18.85 -5.90 2.40
C VAL F 174 20.31 -5.92 2.82
N ALA F 175 20.82 -4.83 3.38
CA ALA F 175 22.26 -4.69 3.69
C ALA F 175 22.58 -5.37 5.04
N TYR F 176 23.82 -5.82 5.14
CA TYR F 176 24.41 -6.35 6.39
C TYR F 176 25.62 -5.48 6.68
N ILE F 177 25.69 -4.96 7.90
CA ILE F 177 26.79 -4.02 8.28
C ILE F 177 27.63 -4.76 9.30
N ASP F 178 28.90 -4.97 8.98
CA ASP F 178 29.87 -5.64 9.88
C ASP F 178 30.42 -4.63 10.91
N LEU F 179 29.76 -4.49 12.05
CA LEU F 179 30.30 -3.72 13.21
C LEU F 179 31.23 -4.64 14.03
N TYR F 180 30.87 -5.94 14.16
CA TYR F 180 31.49 -6.96 15.05
C TYR F 180 33.01 -7.00 14.85
N SER F 181 33.45 -6.99 13.58
CA SER F 181 34.90 -7.10 13.22
C SER F 181 35.71 -5.87 13.69
N HIS F 182 35.06 -4.74 13.95
CA HIS F 182 35.77 -3.50 14.39
C HIS F 182 35.87 -3.47 15.92
N PHE F 183 34.85 -4.02 16.62
CA PHE F 183 34.63 -3.88 18.09
C PHE F 183 35.31 -5.03 18.86
N VAL F 184 35.35 -6.22 18.24
CA VAL F 184 35.90 -7.48 18.84
C VAL F 184 37.43 -7.39 18.87
N GLU F 185 38.09 -7.98 19.86
CA GLU F 185 39.53 -8.33 19.76
C GLU F 185 39.71 -9.73 19.16
N LYS F 186 40.40 -9.81 18.00
CA LYS F 186 40.87 -11.04 17.31
C LYS F 186 41.23 -12.14 18.32
N GLU F 187 42.06 -11.83 19.32
CA GLU F 187 42.59 -12.80 20.32
C GLU F 187 41.48 -13.48 21.11
N THR F 188 40.57 -12.71 21.71
CA THR F 188 39.57 -13.24 22.68
C THR F 188 38.27 -13.61 21.95
N GLY F 189 38.01 -12.99 20.81
CA GLY F 189 36.68 -12.93 20.19
C GLY F 189 35.64 -12.28 21.10
N LYS F 190 36.09 -11.40 21.99
CA LYS F 190 35.23 -10.68 22.97
C LYS F 190 35.36 -9.17 22.70
N MET F 191 34.42 -8.36 23.22
CA MET F 191 34.37 -6.89 22.99
C MET F 191 35.68 -6.29 23.52
N ASN F 192 36.32 -5.43 22.73
CA ASN F 192 37.55 -4.70 23.11
C ASN F 192 37.19 -3.80 24.30
N PRO F 193 37.93 -3.81 25.44
CA PRO F 193 37.54 -3.02 26.62
C PRO F 193 37.69 -1.49 26.46
N VAL F 194 38.44 -1.00 25.47
CA VAL F 194 38.53 0.45 25.13
C VAL F 194 37.13 0.97 24.74
N TYR F 195 36.17 0.12 24.37
CA TYR F 195 34.84 0.60 23.87
C TYR F 195 33.76 0.46 24.93
N THR F 196 34.07 -0.15 26.08
CA THR F 196 33.04 -0.47 27.10
C THR F 196 33.66 -0.38 28.51
N ASN F 197 32.80 -0.14 29.50
CA ASN F 197 33.05 -0.16 30.96
C ASN F 197 32.19 -1.28 31.60
N ASP F 198 31.47 -2.11 30.83
CA ASP F 198 30.65 -3.18 31.45
C ASP F 198 30.61 -4.50 30.66
N GLY F 199 31.29 -4.58 29.50
CA GLY F 199 31.33 -5.74 28.60
C GLY F 199 30.19 -5.78 27.59
N LEU F 200 29.22 -4.86 27.66
CA LEU F 200 27.98 -4.95 26.85
C LEU F 200 27.71 -3.60 26.18
N HIS F 201 27.61 -2.50 26.93
CA HIS F 201 27.18 -1.18 26.38
C HIS F 201 28.42 -0.39 25.95
N LEU F 202 28.21 0.74 25.28
CA LEU F 202 29.30 1.52 24.62
C LEU F 202 29.56 2.82 25.38
N LEU F 203 30.83 3.16 25.55
CA LEU F 203 31.28 4.49 26.01
C LEU F 203 31.17 5.41 24.80
N GLY F 204 31.41 6.71 24.97
CA GLY F 204 31.47 7.68 23.87
C GLY F 204 32.30 7.16 22.71
N LYS F 205 33.48 6.58 23.03
CA LYS F 205 34.52 6.09 22.08
C LYS F 205 33.97 4.92 21.23
N GLY F 206 33.10 4.10 21.83
CA GLY F 206 32.29 3.07 21.12
C GLY F 206 31.35 3.68 20.08
N TYR F 207 30.59 4.74 20.46
CA TYR F 207 29.65 5.39 19.50
C TYR F 207 30.40 6.05 18.36
N LEU F 208 31.60 6.60 18.61
CA LEU F 208 32.43 7.19 17.54
C LEU F 208 32.88 6.10 16.56
N LEU F 209 33.27 4.92 17.05
CA LEU F 209 33.66 3.83 16.09
C LEU F 209 32.43 3.48 15.24
N TRP F 210 31.26 3.31 15.86
CA TRP F 210 29.98 2.99 15.17
C TRP F 210 29.68 4.06 14.09
N ARG F 211 29.78 5.36 14.43
CA ARG F 211 29.65 6.50 13.47
C ARG F 211 30.58 6.26 12.28
N ASP F 212 31.86 6.07 12.53
CA ASP F 212 32.88 5.93 11.45
C ASP F 212 32.53 4.81 10.49
N ILE F 213 31.98 3.70 11.00
CA ILE F 213 31.65 2.50 10.16
C ILE F 213 30.40 2.81 9.31
N VAL F 214 29.37 3.39 9.93
CA VAL F 214 27.96 3.45 9.41
C VAL F 214 27.64 4.78 8.73
N LYS F 215 28.41 5.83 9.01
CA LYS F 215 28.16 7.19 8.44
C LYS F 215 28.01 7.13 6.91
N PRO F 216 28.89 6.50 6.10
CA PRO F 216 28.63 6.35 4.66
C PRO F 216 27.25 5.81 4.28
N TYR F 217 26.76 4.77 4.96
CA TYR F 217 25.39 4.21 4.76
C TYR F 217 24.34 5.28 5.15
N VAL F 218 24.62 6.08 6.17
CA VAL F 218 23.69 7.15 6.63
C VAL F 218 23.68 8.28 5.60
N ASP F 219 24.83 8.54 4.96
CA ASP F 219 25.04 9.67 4.03
C ASP F 219 24.81 9.22 2.59
N GLN F 220 24.44 7.19 1.54
CA GLN F 220 24.28 7.10 0.07
C GLN F 220 23.28 8.16 -0.41
N SER G 25 13.36 -34.95 -4.15
CA SER G 25 14.13 -33.70 -4.49
C SER G 25 13.45 -32.99 -5.66
N THR G 26 13.54 -33.58 -6.85
CA THR G 26 12.92 -33.09 -8.11
C THR G 26 11.39 -32.94 -7.95
N PHE G 27 10.75 -33.83 -7.19
CA PHE G 27 9.28 -33.88 -7.04
C PHE G 27 8.77 -32.66 -6.28
N TYR G 28 9.46 -32.25 -5.21
CA TYR G 28 9.17 -31.01 -4.44
C TYR G 28 9.27 -29.81 -5.40
N GLU G 29 10.22 -29.86 -6.34
CA GLU G 29 10.50 -28.74 -7.27
C GLU G 29 9.35 -28.64 -8.28
N GLN G 30 8.96 -29.79 -8.83
CA GLN G 30 7.84 -29.89 -9.80
C GLN G 30 6.53 -29.40 -9.17
N ARG G 31 6.24 -29.84 -7.94
CA ARG G 31 4.98 -29.48 -7.23
C ARG G 31 5.02 -27.99 -6.86
N ALA G 32 6.20 -27.50 -6.46
CA ALA G 32 6.37 -26.12 -5.95
C ALA G 32 6.27 -25.13 -7.13
N THR G 33 6.87 -25.44 -8.28
CA THR G 33 6.78 -24.60 -9.51
C THR G 33 5.33 -24.54 -9.98
N LEU G 34 4.54 -25.58 -9.66
CA LEU G 34 3.10 -25.68 -10.03
C LEU G 34 2.26 -24.81 -9.10
N PHE G 35 2.46 -24.90 -7.79
CA PHE G 35 1.68 -24.12 -6.79
C PHE G 35 1.89 -22.62 -7.07
N GLU G 36 3.01 -22.28 -7.71
CA GLU G 36 3.40 -20.89 -8.07
C GLU G 36 2.60 -20.38 -9.26
N GLU G 37 2.27 -21.24 -10.22
CA GLU G 37 1.46 -20.87 -11.43
C GLU G 37 -0.03 -20.85 -11.11
N LEU G 38 -0.45 -21.41 -9.98
CA LEU G 38 -1.87 -21.45 -9.63
C LEU G 38 -2.14 -20.30 -8.68
N PRO G 39 -3.26 -19.56 -8.81
CA PRO G 39 -3.64 -18.55 -7.82
C PRO G 39 -4.29 -19.05 -6.52
N VAL G 40 -4.02 -18.38 -5.41
CA VAL G 40 -4.75 -18.56 -4.11
C VAL G 40 -5.63 -17.34 -3.91
N THR G 41 -6.81 -17.52 -3.30
CA THR G 41 -7.85 -16.46 -3.14
C THR G 41 -8.42 -16.49 -1.72
N SER G 42 -9.15 -15.43 -1.35
CA SER G 42 -9.76 -15.15 -0.01
C SER G 42 -10.71 -16.26 0.46
N LYS G 43 -11.36 -16.99 -0.45
CA LYS G 43 -12.35 -18.10 -0.18
C LYS G 43 -11.65 -19.44 0.07
N ASP G 44 -10.40 -19.57 -0.37
CA ASP G 44 -9.64 -20.86 -0.39
C ASP G 44 -9.46 -21.47 1.01
N ILE G 45 -9.54 -22.80 1.02
CA ILE G 45 -9.19 -23.69 2.16
C ILE G 45 -8.01 -24.52 1.67
N ILE G 46 -6.83 -24.26 2.22
CA ILE G 46 -5.58 -24.97 1.82
C ILE G 46 -5.28 -26.09 2.81
N PHE G 47 -5.17 -27.32 2.30
CA PHE G 47 -4.52 -28.47 3.00
C PHE G 47 -3.04 -28.46 2.63
N LEU G 48 -2.17 -28.34 3.62
CA LEU G 48 -0.71 -28.09 3.45
C LEU G 48 0.08 -29.14 4.24
N GLY G 49 1.04 -29.80 3.62
CA GLY G 49 1.85 -30.82 4.30
C GLY G 49 2.61 -31.70 3.34
N ASN G 50 2.90 -32.92 3.81
CA ASN G 50 3.77 -33.98 3.22
C ASN G 50 2.89 -34.95 2.38
N SER G 51 3.41 -36.15 2.09
CA SER G 51 2.77 -37.24 1.30
C SER G 51 1.37 -37.55 1.85
N ILE G 52 1.11 -37.37 3.14
CA ILE G 52 -0.22 -37.69 3.74
C ILE G 52 -1.23 -36.61 3.29
N THR G 53 -0.79 -35.36 3.09
CA THR G 53 -1.61 -34.29 2.43
C THR G 53 -1.63 -34.52 0.90
N ASN G 54 -0.48 -34.84 0.30
CA ASN G 54 -0.34 -35.01 -1.17
C ASN G 54 -1.38 -36.04 -1.69
N GLY G 55 -1.65 -37.14 -0.97
CA GLY G 55 -2.36 -38.34 -1.47
C GLY G 55 -3.88 -38.16 -1.69
N CYS G 56 -4.50 -37.11 -1.14
CA CYS G 56 -5.97 -36.92 -1.24
C CYS G 56 -6.39 -36.06 -2.45
N GLU G 57 -7.68 -36.14 -2.81
CA GLU G 57 -8.40 -35.18 -3.68
C GLU G 57 -9.34 -34.38 -2.78
N TRP G 58 -8.81 -33.35 -2.12
CA TRP G 58 -9.49 -32.68 -1.00
C TRP G 58 -10.79 -32.01 -1.45
N ALA G 59 -10.83 -31.34 -2.61
CA ALA G 59 -12.09 -30.72 -3.12
C ALA G 59 -13.12 -31.83 -3.35
N GLU G 60 -12.69 -33.01 -3.81
CA GLU G 60 -13.68 -34.13 -3.92
C GLU G 60 -14.09 -34.62 -2.52
N LEU G 61 -13.12 -34.82 -1.64
CA LEU G 61 -13.38 -35.37 -0.27
C LEU G 61 -14.44 -34.52 0.44
N PHE G 62 -14.37 -33.21 0.34
CA PHE G 62 -15.28 -32.31 1.11
C PHE G 62 -16.43 -31.80 0.23
N GLN G 63 -16.42 -32.23 -1.04
N GLN G 63 -16.48 -32.17 -1.05
CA GLN G 63 -17.28 -31.76 -2.16
CA GLN G 63 -17.52 -31.69 -2.01
C GLN G 63 -17.44 -30.23 -2.04
C GLN G 63 -17.49 -30.15 -2.07
N ASN G 64 -16.31 -29.53 -2.15
CA ASN G 64 -16.22 -28.05 -2.02
C ASN G 64 -15.07 -27.54 -2.89
N LYS G 65 -15.40 -26.76 -3.92
CA LYS G 65 -14.42 -26.33 -4.97
C LYS G 65 -13.29 -25.48 -4.35
N ASN G 66 -13.54 -24.86 -3.19
CA ASN G 66 -12.61 -23.92 -2.49
C ASN G 66 -11.42 -24.67 -1.89
N VAL G 67 -11.54 -25.96 -1.55
CA VAL G 67 -10.45 -26.72 -0.86
C VAL G 67 -9.39 -27.09 -1.90
N LYS G 68 -8.11 -26.87 -1.59
CA LYS G 68 -6.97 -26.97 -2.53
C LYS G 68 -5.85 -27.79 -1.91
N ASN G 69 -5.18 -28.61 -2.74
CA ASN G 69 -4.11 -29.53 -2.30
C ASN G 69 -2.76 -28.82 -2.47
N ARG G 70 -2.11 -28.42 -1.37
CA ARG G 70 -0.70 -27.95 -1.37
C ARG G 70 0.14 -28.92 -0.55
N GLY G 71 -0.03 -30.22 -0.79
CA GLY G 71 0.80 -31.26 -0.18
C GLY G 71 1.95 -31.64 -1.07
N ILE G 72 3.09 -32.03 -0.49
CA ILE G 72 4.24 -32.55 -1.27
C ILE G 72 4.80 -33.80 -0.57
N SER G 73 4.72 -34.95 -1.21
CA SER G 73 5.49 -36.14 -0.78
C SER G 73 6.94 -35.74 -0.47
N GLY G 74 7.38 -36.03 0.75
CA GLY G 74 8.79 -35.87 1.19
C GLY G 74 9.02 -34.59 1.96
N ASP G 75 7.99 -33.75 2.11
CA ASP G 75 8.16 -32.45 2.80
C ASP G 75 8.39 -32.60 4.31
N ILE G 76 9.04 -31.58 4.86
CA ILE G 76 9.47 -31.43 6.28
C ILE G 76 9.07 -30.00 6.70
N CYS G 77 9.04 -29.70 8.00
CA CYS G 77 8.67 -28.36 8.55
C CYS G 77 9.40 -27.25 7.77
N MET G 78 10.71 -27.34 7.57
CA MET G 78 11.49 -26.20 6.96
C MET G 78 11.19 -26.10 5.46
N GLY G 79 10.84 -27.22 4.82
CA GLY G 79 10.49 -27.25 3.38
C GLY G 79 9.21 -26.48 3.11
N VAL G 80 8.24 -26.60 4.03
CA VAL G 80 6.94 -25.87 4.10
C VAL G 80 7.19 -24.39 4.41
N TYR G 81 8.08 -24.08 5.37
CA TYR G 81 8.47 -22.70 5.74
C TYR G 81 9.00 -22.00 4.48
N ASP G 82 9.73 -22.74 3.64
CA ASP G 82 10.46 -22.26 2.44
C ASP G 82 9.53 -22.13 1.21
N ARG G 83 8.22 -22.40 1.34
CA ARG G 83 7.30 -22.30 0.16
C ARG G 83 5.95 -21.73 0.60
N LEU G 84 5.92 -20.81 1.57
CA LEU G 84 4.65 -20.20 2.07
C LEU G 84 4.18 -19.05 1.16
N ASP G 85 5.08 -18.44 0.39
CA ASP G 85 4.82 -17.22 -0.43
C ASP G 85 3.70 -17.50 -1.44
N PRO G 86 3.87 -18.54 -2.29
CA PRO G 86 2.78 -19.04 -3.13
C PRO G 86 1.41 -19.18 -2.44
N ILE G 87 1.35 -19.39 -1.11
CA ILE G 87 0.08 -19.61 -0.35
C ILE G 87 -0.32 -18.34 0.41
N VAL G 88 0.63 -17.61 1.01
CA VAL G 88 0.28 -16.47 1.91
C VAL G 88 -0.14 -15.27 1.05
N LYS G 89 0.60 -15.00 -0.04
N LYS G 89 0.57 -15.03 -0.07
CA LYS G 89 0.26 -14.01 -1.11
CA LYS G 89 0.29 -13.97 -1.08
C LYS G 89 -1.26 -13.90 -1.19
C LYS G 89 -1.22 -13.88 -1.38
N GLY G 90 -1.92 -15.01 -1.51
CA GLY G 90 -3.34 -15.07 -1.87
C GLY G 90 -4.30 -14.94 -0.70
N LYS G 91 -3.81 -14.94 0.54
CA LYS G 91 -4.62 -14.63 1.76
C LYS G 91 -5.79 -15.59 1.93
N PRO G 92 -5.56 -16.92 1.97
CA PRO G 92 -6.65 -17.90 2.08
C PRO G 92 -7.50 -17.80 3.37
N ALA G 93 -8.73 -18.29 3.27
CA ALA G 93 -9.69 -18.42 4.39
C ALA G 93 -9.06 -19.29 5.47
N LYS G 94 -8.43 -20.39 5.06
CA LYS G 94 -8.06 -21.48 6.00
C LYS G 94 -6.80 -22.18 5.50
N ILE G 95 -5.99 -22.65 6.45
CA ILE G 95 -4.85 -23.56 6.18
C ILE G 95 -4.91 -24.64 7.25
N PHE G 96 -5.15 -25.87 6.81
CA PHE G 96 -5.02 -27.11 7.61
C PHE G 96 -3.60 -27.62 7.40
N LEU G 97 -2.80 -27.67 8.47
CA LEU G 97 -1.38 -28.08 8.45
C LEU G 97 -1.19 -29.47 9.06
N LEU G 98 -0.43 -30.31 8.37
CA LEU G 98 0.03 -31.61 8.92
C LEU G 98 1.46 -31.83 8.45
N ILE G 99 2.42 -31.90 9.38
CA ILE G 99 3.85 -31.90 8.98
C ILE G 99 4.69 -32.41 10.15
N GLY G 100 5.80 -33.07 9.85
CA GLY G 100 6.79 -33.44 10.88
C GLY G 100 7.15 -34.90 10.82
N ILE G 101 6.32 -35.77 10.25
CA ILE G 101 6.60 -37.23 10.39
C ILE G 101 7.90 -37.50 9.65
N ASN G 102 8.20 -36.73 8.62
CA ASN G 102 9.39 -36.98 7.78
C ASN G 102 10.63 -36.37 8.50
N ASP G 103 10.41 -35.39 9.36
CA ASP G 103 11.43 -34.85 10.29
C ASP G 103 11.73 -35.94 11.31
N VAL G 104 10.67 -36.40 12.00
CA VAL G 104 10.74 -37.57 12.92
C VAL G 104 11.64 -38.64 12.28
N SER G 105 11.49 -38.88 10.98
CA SER G 105 12.11 -40.01 10.24
C SER G 105 13.62 -39.78 10.07
N ARG G 106 14.08 -38.55 10.30
CA ARG G 106 15.51 -38.17 10.24
C ARG G 106 16.15 -38.33 11.61
N GLY G 107 15.37 -38.23 12.70
CA GLY G 107 15.85 -38.39 14.09
C GLY G 107 15.66 -37.13 14.89
N THR G 108 15.30 -36.04 14.22
CA THR G 108 14.98 -34.73 14.85
C THR G 108 14.02 -34.95 16.03
N SER G 109 14.25 -34.27 17.15
CA SER G 109 13.45 -34.44 18.40
C SER G 109 12.09 -33.74 18.26
N ALA G 110 11.12 -34.12 19.11
CA ALA G 110 9.79 -33.44 19.21
C ALA G 110 9.97 -31.94 19.48
N ASP G 111 10.97 -31.58 20.31
CA ASP G 111 11.29 -30.17 20.67
C ASP G 111 11.68 -29.35 19.44
N LYS G 112 12.65 -29.81 18.67
CA LYS G 112 13.12 -29.13 17.41
C LYS G 112 11.99 -29.05 16.40
N ILE G 113 11.18 -30.12 16.29
CA ILE G 113 10.04 -30.16 15.34
C ILE G 113 9.04 -29.06 15.76
N ILE G 114 8.65 -29.04 17.03
CA ILE G 114 7.61 -28.10 17.53
C ILE G 114 8.14 -26.67 17.35
N SER G 115 9.46 -26.46 17.43
CA SER G 115 10.10 -25.12 17.29
C SER G 115 9.98 -24.63 15.84
N GLU G 116 10.18 -25.53 14.86
CA GLU G 116 10.04 -25.21 13.41
C GLU G 116 8.57 -25.10 13.00
N ILE G 117 7.64 -25.73 13.73
CA ILE G 117 6.17 -25.53 13.57
C ILE G 117 5.76 -24.18 14.19
N SER G 118 6.28 -23.82 15.37
CA SER G 118 6.11 -22.46 15.97
C SER G 118 6.49 -21.42 14.91
N MET G 119 7.64 -21.62 14.27
CA MET G 119 8.13 -20.79 13.14
C MET G 119 7.00 -20.60 12.12
N ILE G 120 6.55 -21.70 11.51
CA ILE G 120 5.57 -21.67 10.38
C ILE G 120 4.31 -20.93 10.87
N VAL G 121 3.80 -21.25 12.07
CA VAL G 121 2.54 -20.66 12.63
C VAL G 121 2.66 -19.13 12.60
N ARG G 122 3.71 -18.59 13.22
CA ARG G 122 3.89 -17.13 13.41
C ARG G 122 4.22 -16.49 12.06
N LYS G 123 4.85 -17.20 11.11
CA LYS G 123 5.12 -16.64 9.76
C LYS G 123 3.81 -16.45 9.00
N ILE G 124 2.92 -17.45 9.06
CA ILE G 124 1.56 -17.39 8.43
C ILE G 124 0.75 -16.27 9.08
N LYS G 125 0.75 -16.20 10.41
CA LYS G 125 -0.05 -15.23 11.19
C LYS G 125 0.42 -13.81 10.85
N GLN G 126 1.71 -13.63 10.53
CA GLN G 126 2.30 -12.35 10.09
C GLN G 126 1.83 -12.01 8.67
N GLU G 127 2.15 -12.86 7.70
CA GLU G 127 2.08 -12.46 6.26
C GLU G 127 0.64 -12.53 5.77
N SER G 128 -0.26 -13.15 6.56
CA SER G 128 -1.67 -13.38 6.18
C SER G 128 -2.52 -13.44 7.45
N PRO G 129 -2.64 -12.31 8.17
CA PRO G 129 -3.33 -12.32 9.45
C PRO G 129 -4.81 -12.72 9.34
N LYS G 130 -5.43 -12.70 8.16
CA LYS G 130 -6.88 -13.04 8.02
C LYS G 130 -7.11 -14.56 8.03
N THR G 131 -6.09 -15.36 7.67
CA THR G 131 -6.20 -16.84 7.53
C THR G 131 -6.46 -17.47 8.90
N LYS G 132 -7.44 -18.38 8.97
CA LYS G 132 -7.72 -19.27 10.13
C LYS G 132 -6.80 -20.49 9.99
N LEU G 133 -5.81 -20.64 10.87
CA LEU G 133 -4.83 -21.76 10.82
C LEU G 133 -5.38 -22.87 11.70
N TYR G 134 -5.23 -24.14 11.31
CA TYR G 134 -5.61 -25.32 12.14
C TYR G 134 -4.41 -26.27 12.17
N LEU G 135 -3.87 -26.56 13.37
CA LEU G 135 -2.73 -27.50 13.55
C LEU G 135 -3.33 -28.89 13.71
N GLN G 136 -2.86 -29.87 12.93
CA GLN G 136 -3.38 -31.28 12.94
C GLN G 136 -2.35 -32.19 13.66
N SER G 137 -2.78 -32.87 14.75
CA SER G 137 -2.01 -33.96 15.38
C SER G 137 -1.21 -34.69 14.30
N VAL G 138 0.09 -34.89 14.50
CA VAL G 138 0.85 -35.84 13.65
C VAL G 138 0.13 -37.19 13.78
N LEU G 139 -0.01 -37.91 12.67
CA LEU G 139 -0.75 -39.21 12.65
C LEU G 139 0.13 -40.31 13.25
N PRO G 140 -0.45 -41.28 14.00
CA PRO G 140 0.31 -42.41 14.51
C PRO G 140 0.92 -43.22 13.36
N VAL G 141 1.95 -44.04 13.62
CA VAL G 141 2.57 -44.91 12.60
C VAL G 141 2.54 -46.35 13.10
N ASN G 142 2.90 -47.32 12.24
CA ASN G 142 2.88 -48.75 12.62
C ASN G 142 3.96 -49.48 11.85
N ASP G 143 4.76 -50.25 12.60
CA ASP G 143 5.90 -51.02 12.02
C ASP G 143 5.41 -52.37 11.46
N CYS G 144 4.13 -52.72 11.60
CA CYS G 144 3.55 -54.06 11.30
C CYS G 144 3.78 -54.47 9.84
N TYR G 145 3.94 -53.54 8.90
CA TYR G 145 4.08 -53.95 7.48
C TYR G 145 5.55 -54.05 7.11
N GLY G 146 6.45 -53.56 7.98
CA GLY G 146 7.91 -53.67 7.82
C GLY G 146 8.40 -52.73 6.75
N MET G 147 7.76 -51.58 6.60
CA MET G 147 8.12 -50.55 5.60
C MET G 147 8.35 -49.19 6.27
N PHE G 148 9.13 -48.31 5.62
CA PHE G 148 9.44 -46.93 6.11
C PHE G 148 10.02 -47.02 7.55
N ASN G 149 11.00 -47.90 7.75
CA ASN G 149 11.54 -48.27 9.11
C ASN G 149 12.01 -47.02 9.87
N GLY G 150 12.61 -46.03 9.17
CA GLY G 150 13.03 -44.76 9.76
C GLY G 150 11.88 -43.99 10.39
N HIS G 151 10.66 -44.10 9.86
CA HIS G 151 9.48 -43.45 10.47
C HIS G 151 8.90 -44.36 11.56
N THR G 152 8.66 -45.63 11.22
CA THR G 152 7.83 -46.56 12.03
C THR G 152 8.64 -47.00 13.25
N SER G 153 9.98 -47.01 13.18
CA SER G 153 10.86 -47.29 14.36
C SER G 153 10.65 -46.22 15.44
N ARG G 154 10.39 -44.96 15.03
CA ARG G 154 10.25 -43.77 15.94
C ARG G 154 8.77 -43.52 16.27
N TRP G 155 7.95 -44.56 16.32
CA TRP G 155 6.48 -44.45 16.53
C TRP G 155 6.11 -43.70 17.81
N GLN G 156 6.94 -43.75 18.85
CA GLN G 156 6.62 -43.10 20.16
C GLN G 156 6.73 -41.58 20.03
N VAL G 157 7.56 -41.10 19.09
CA VAL G 157 7.86 -39.66 18.86
C VAL G 157 6.58 -38.91 18.49
N VAL G 158 5.63 -39.60 17.85
CA VAL G 158 4.40 -38.94 17.32
C VAL G 158 3.69 -38.26 18.49
N LYS G 159 3.50 -39.00 19.58
CA LYS G 159 2.84 -38.59 20.85
C LYS G 159 3.60 -37.45 21.54
N GLN G 160 4.93 -37.52 21.50
CA GLN G 160 5.85 -36.48 22.04
C GLN G 160 5.48 -35.14 21.40
N ILE G 161 5.35 -35.11 20.06
CA ILE G 161 5.06 -33.86 19.29
C ILE G 161 3.68 -33.34 19.69
N ASN G 162 2.64 -34.15 19.47
CA ASN G 162 1.22 -33.76 19.74
C ASN G 162 1.09 -33.11 21.14
N ASP G 163 1.63 -33.75 22.18
CA ASP G 163 1.64 -33.27 23.60
C ASP G 163 1.89 -31.77 23.74
N LEU G 164 2.86 -31.27 22.96
CA LEU G 164 3.33 -29.85 22.87
C LEU G 164 2.38 -29.07 21.93
N LEU G 165 2.00 -29.75 20.84
CA LEU G 165 1.43 -29.16 19.62
C LEU G 165 0.11 -28.47 19.97
N GLU G 166 -0.67 -29.09 20.87
CA GLU G 166 -1.97 -28.56 21.37
C GLU G 166 -1.71 -27.32 22.25
N PRO G 167 -0.92 -27.40 23.34
CA PRO G 167 -0.42 -26.20 24.02
C PRO G 167 0.03 -25.05 23.07
N LEU G 168 0.96 -25.35 22.16
CA LEU G 168 1.48 -24.40 21.14
C LEU G 168 0.32 -23.70 20.40
N ALA G 169 -0.78 -24.43 20.16
CA ALA G 169 -1.99 -23.92 19.46
C ALA G 169 -2.82 -23.01 20.38
N VAL G 170 -3.16 -23.46 21.59
CA VAL G 170 -3.87 -22.60 22.60
C VAL G 170 -3.10 -21.28 22.69
N LYS G 171 -1.77 -21.39 22.64
CA LYS G 171 -0.78 -20.32 22.92
C LYS G 171 -0.72 -19.35 21.73
N GLU G 172 -0.79 -19.84 20.49
CA GLU G 172 -0.57 -18.96 19.30
C GLU G 172 -1.93 -18.48 18.77
N GLY G 173 -3.02 -18.98 19.35
CA GLY G 173 -4.41 -18.57 19.08
C GLY G 173 -5.08 -19.41 18.00
N VAL G 174 -4.31 -20.25 17.29
CA VAL G 174 -4.78 -21.14 16.18
C VAL G 174 -5.48 -22.35 16.81
N ALA G 175 -6.18 -23.17 16.02
CA ALA G 175 -6.86 -24.40 16.50
C ALA G 175 -5.88 -25.57 16.49
N TYR G 176 -6.17 -26.59 17.29
CA TYR G 176 -5.47 -27.90 17.27
C TYR G 176 -6.48 -28.99 16.90
N ILE G 177 -6.18 -29.83 15.92
CA ILE G 177 -7.13 -30.90 15.46
C ILE G 177 -6.55 -32.25 15.89
N ASP G 178 -7.30 -32.95 16.74
CA ASP G 178 -6.94 -34.30 17.25
C ASP G 178 -7.46 -35.33 16.26
N LEU G 179 -6.62 -35.68 15.29
CA LEU G 179 -6.84 -36.85 14.37
C LEU G 179 -6.29 -38.08 15.09
N TYR G 180 -5.11 -37.88 15.68
CA TYR G 180 -4.28 -38.94 16.35
C TYR G 180 -5.15 -39.91 17.17
N SER G 181 -6.12 -39.41 17.96
CA SER G 181 -6.87 -40.21 18.96
C SER G 181 -7.88 -41.15 18.27
N HIS G 182 -8.30 -40.81 17.04
CA HIS G 182 -9.15 -41.67 16.18
C HIS G 182 -8.29 -42.67 15.37
N PHE G 183 -7.10 -42.28 14.90
CA PHE G 183 -6.28 -43.12 14.00
C PHE G 183 -5.54 -44.18 14.83
N VAL G 184 -5.15 -43.83 16.06
CA VAL G 184 -4.30 -44.71 16.91
C VAL G 184 -5.12 -45.88 17.46
N GLU G 185 -4.50 -47.05 17.64
CA GLU G 185 -4.98 -48.15 18.55
C GLU G 185 -4.61 -47.82 20.01
N LYS G 186 -5.60 -47.75 20.89
CA LYS G 186 -5.44 -47.53 22.37
C LYS G 186 -4.17 -48.20 22.92
N GLU G 187 -3.99 -49.50 22.70
CA GLU G 187 -3.06 -50.31 23.52
C GLU G 187 -1.81 -50.73 22.74
N THR G 188 -1.44 -49.97 21.70
CA THR G 188 -0.12 -50.06 21.00
C THR G 188 0.52 -48.66 20.79
N GLY G 189 -0.25 -47.58 20.93
CA GLY G 189 0.09 -46.20 20.49
C GLY G 189 0.51 -46.15 19.02
N LYS G 190 0.00 -47.08 18.22
CA LYS G 190 0.42 -47.25 16.81
C LYS G 190 -0.82 -47.16 15.93
N MET G 191 -0.63 -46.78 14.66
CA MET G 191 -1.70 -46.56 13.66
C MET G 191 -2.53 -47.84 13.50
N ASN G 192 -3.85 -47.77 13.71
CA ASN G 192 -4.76 -48.90 13.46
C ASN G 192 -4.56 -49.40 12.02
N PRO G 193 -4.18 -50.69 11.81
CA PRO G 193 -3.91 -51.21 10.46
C PRO G 193 -5.04 -51.09 9.43
N VAL G 194 -6.27 -50.90 9.90
CA VAL G 194 -7.44 -50.77 9.00
C VAL G 194 -7.29 -49.50 8.15
N TYR G 195 -6.58 -48.48 8.62
CA TYR G 195 -6.44 -47.19 7.88
C TYR G 195 -5.21 -47.14 6.97
N THR G 196 -4.33 -48.16 6.99
CA THR G 196 -3.05 -48.12 6.23
C THR G 196 -2.69 -49.48 5.66
N ASN G 197 -1.99 -49.50 4.52
CA ASN G 197 -1.35 -50.71 3.93
C ASN G 197 0.18 -50.63 4.05
N ASP G 198 0.78 -49.59 4.66
CA ASP G 198 2.26 -49.50 4.66
C ASP G 198 2.86 -49.09 6.02
N GLY G 199 2.03 -48.75 7.00
CA GLY G 199 2.46 -48.24 8.30
C GLY G 199 2.47 -46.73 8.35
N LEU G 200 2.40 -46.04 7.19
CA LEU G 200 2.60 -44.56 7.09
C LEU G 200 1.49 -43.84 6.30
N HIS G 201 1.06 -44.35 5.14
CA HIS G 201 0.05 -43.66 4.28
C HIS G 201 -1.37 -44.20 4.50
N LEU G 202 -2.37 -43.41 4.09
CA LEU G 202 -3.80 -43.70 4.35
C LEU G 202 -4.46 -44.30 3.11
N LEU G 203 -5.24 -45.34 3.34
CA LEU G 203 -6.19 -45.90 2.37
C LEU G 203 -7.41 -44.99 2.33
N GLY G 204 -8.31 -45.25 1.37
CA GLY G 204 -9.50 -44.39 1.27
C GLY G 204 -10.18 -44.24 2.61
N LYS G 205 -10.32 -45.35 3.34
CA LYS G 205 -11.03 -45.42 4.65
C LYS G 205 -10.33 -44.49 5.64
N GLY G 206 -8.99 -44.41 5.59
CA GLY G 206 -8.19 -43.38 6.27
C GLY G 206 -8.74 -41.97 6.01
N TYR G 207 -9.03 -41.62 4.76
CA TYR G 207 -9.33 -40.21 4.36
C TYR G 207 -10.77 -39.88 4.74
N LEU G 208 -11.66 -40.89 4.72
CA LEU G 208 -13.05 -40.80 5.23
C LEU G 208 -13.02 -40.53 6.74
N LEU G 209 -12.08 -41.13 7.49
CA LEU G 209 -12.01 -40.87 8.95
C LEU G 209 -11.58 -39.41 9.14
N TRP G 210 -10.62 -38.99 8.33
CA TRP G 210 -10.04 -37.63 8.37
C TRP G 210 -11.12 -36.61 7.98
N ARG G 211 -11.85 -36.89 6.89
CA ARG G 211 -12.98 -36.02 6.45
C ARG G 211 -13.93 -35.81 7.64
N ASP G 212 -14.32 -36.88 8.33
CA ASP G 212 -15.40 -36.82 9.35
C ASP G 212 -14.94 -35.91 10.51
N ILE G 213 -13.68 -36.01 10.92
CA ILE G 213 -13.13 -35.26 12.09
C ILE G 213 -13.07 -33.78 11.73
N VAL G 214 -12.62 -33.48 10.51
CA VAL G 214 -12.15 -32.13 10.08
C VAL G 214 -13.29 -31.35 9.40
N LYS G 215 -14.33 -32.02 8.88
CA LYS G 215 -15.36 -31.36 8.02
C LYS G 215 -16.01 -30.20 8.78
N PRO G 216 -16.37 -30.37 10.08
CA PRO G 216 -16.97 -29.29 10.85
C PRO G 216 -16.11 -28.01 10.84
N TYR G 217 -14.77 -28.16 10.91
CA TYR G 217 -13.83 -27.00 10.84
C TYR G 217 -13.79 -26.43 9.43
N VAL G 218 -13.80 -27.31 8.42
CA VAL G 218 -13.71 -26.86 7.00
C VAL G 218 -14.93 -25.99 6.70
N ASP G 219 -16.10 -26.34 7.25
CA ASP G 219 -17.38 -25.65 6.94
C ASP G 219 -17.39 -24.28 7.63
N GLN G 220 -17.72 -23.42 10.24
CA GLN G 220 -16.97 -22.19 10.65
C GLN G 220 -16.85 -21.23 9.46
N GLU H 21 9.60 -50.15 -5.07
CA GLU H 21 9.17 -51.29 -5.94
C GLU H 21 7.80 -51.79 -5.44
N ARG H 22 7.77 -52.38 -4.24
CA ARG H 22 6.52 -52.66 -3.47
C ARG H 22 5.93 -51.31 -2.98
N LYS H 23 6.76 -50.28 -2.83
CA LYS H 23 6.32 -48.90 -2.48
C LYS H 23 5.20 -48.47 -3.44
N TYR H 24 5.36 -48.78 -4.74
CA TYR H 24 4.48 -48.38 -5.87
C TYR H 24 3.13 -49.14 -5.84
N SER H 25 3.15 -50.42 -5.48
CA SER H 25 1.98 -51.31 -5.29
C SER H 25 1.05 -50.75 -4.22
N THR H 26 1.62 -50.37 -3.07
CA THR H 26 0.87 -49.88 -1.90
C THR H 26 0.27 -48.51 -2.22
N PHE H 27 1.01 -47.63 -2.93
CA PHE H 27 0.50 -46.28 -3.37
C PHE H 27 -0.65 -46.47 -4.37
N TYR H 28 -0.53 -47.47 -5.26
CA TYR H 28 -1.63 -47.81 -6.20
C TYR H 28 -2.88 -48.07 -5.38
N GLU H 29 -2.74 -48.96 -4.40
CA GLU H 29 -3.90 -49.38 -3.56
C GLU H 29 -4.42 -48.16 -2.77
N GLN H 30 -3.56 -47.27 -2.34
CA GLN H 30 -4.01 -46.07 -1.57
C GLN H 30 -4.94 -45.24 -2.46
N ARG H 31 -4.45 -44.88 -3.65
CA ARG H 31 -5.17 -43.97 -4.58
C ARG H 31 -6.44 -44.66 -5.05
N ALA H 32 -6.34 -45.90 -5.54
CA ALA H 32 -7.46 -46.73 -6.05
C ALA H 32 -8.59 -46.82 -5.00
N THR H 33 -8.25 -47.13 -3.73
CA THR H 33 -9.29 -47.25 -2.67
C THR H 33 -9.86 -45.86 -2.38
N LEU H 34 -9.05 -44.81 -2.40
CA LEU H 34 -9.59 -43.43 -2.24
C LEU H 34 -10.61 -43.18 -3.36
N PHE H 35 -10.26 -43.49 -4.61
CA PHE H 35 -11.11 -43.25 -5.79
C PHE H 35 -12.42 -44.02 -5.67
N GLU H 36 -12.46 -45.24 -5.11
CA GLU H 36 -13.76 -45.96 -4.86
C GLU H 36 -14.66 -45.15 -3.91
N GLU H 37 -14.12 -44.21 -3.12
CA GLU H 37 -14.93 -43.44 -2.14
C GLU H 37 -15.47 -42.14 -2.75
N LEU H 38 -14.87 -41.64 -3.84
CA LEU H 38 -15.17 -40.30 -4.40
C LEU H 38 -16.09 -40.47 -5.62
N PRO H 39 -17.35 -39.99 -5.54
CA PRO H 39 -18.34 -40.21 -6.59
C PRO H 39 -17.99 -39.48 -7.89
N VAL H 40 -18.17 -40.14 -9.03
CA VAL H 40 -18.01 -39.56 -10.39
C VAL H 40 -19.44 -39.41 -10.95
N THR H 41 -19.73 -38.26 -11.57
CA THR H 41 -21.07 -37.87 -12.12
C THR H 41 -20.95 -37.39 -13.58
N SER H 42 -22.11 -37.11 -14.22
CA SER H 42 -22.25 -36.89 -15.69
C SER H 42 -21.52 -35.64 -16.17
N LYS H 43 -21.09 -34.75 -15.28
CA LYS H 43 -20.49 -33.45 -15.66
C LYS H 43 -18.97 -33.55 -15.46
N ASP H 44 -18.53 -34.67 -14.89
CA ASP H 44 -17.10 -34.85 -14.54
C ASP H 44 -16.26 -34.92 -15.79
N ILE H 45 -15.06 -34.37 -15.63
CA ILE H 45 -14.00 -34.34 -16.64
C ILE H 45 -12.75 -34.95 -16.02
N ILE H 46 -12.41 -36.17 -16.44
CA ILE H 46 -11.43 -37.01 -15.71
C ILE H 46 -10.06 -36.98 -16.41
N PHE H 47 -9.02 -36.65 -15.65
CA PHE H 47 -7.63 -36.91 -16.09
C PHE H 47 -7.11 -38.21 -15.48
N LEU H 48 -6.83 -39.16 -16.36
CA LEU H 48 -6.64 -40.57 -16.02
C LEU H 48 -5.26 -40.96 -16.52
N GLY H 49 -4.37 -41.39 -15.62
CA GLY H 49 -3.02 -41.84 -16.04
C GLY H 49 -2.08 -42.08 -14.86
N ASN H 50 -0.82 -41.75 -15.07
CA ASN H 50 0.30 -42.19 -14.20
C ASN H 50 0.77 -40.95 -13.44
N SER H 51 2.04 -40.94 -13.02
CA SER H 51 2.66 -39.82 -12.26
C SER H 51 2.46 -38.50 -13.00
N ILE H 52 2.50 -38.52 -14.34
CA ILE H 52 2.43 -37.27 -15.15
C ILE H 52 1.04 -36.66 -14.95
N THR H 53 -0.01 -37.49 -14.88
CA THR H 53 -1.41 -37.06 -14.58
C THR H 53 -1.59 -36.80 -13.08
N ASN H 54 -0.96 -37.59 -12.21
CA ASN H 54 -1.03 -37.50 -10.73
C ASN H 54 -0.46 -36.15 -10.28
N GLY H 55 0.59 -35.65 -10.91
CA GLY H 55 1.34 -34.50 -10.37
C GLY H 55 0.58 -33.18 -10.44
N CYS H 56 -0.46 -33.07 -11.27
CA CYS H 56 -1.15 -31.77 -11.50
C CYS H 56 -2.33 -31.62 -10.53
N GLU H 57 -2.70 -30.37 -10.28
CA GLU H 57 -3.99 -29.99 -9.64
C GLU H 57 -4.93 -29.53 -10.77
N TRP H 58 -5.66 -30.47 -11.36
CA TRP H 58 -6.45 -30.28 -12.61
C TRP H 58 -7.60 -29.30 -12.42
N ALA H 59 -8.39 -29.41 -11.35
CA ALA H 59 -9.52 -28.47 -11.13
C ALA H 59 -8.97 -27.04 -11.15
N GLU H 60 -7.79 -26.86 -10.56
CA GLU H 60 -7.14 -25.54 -10.38
C GLU H 60 -6.61 -25.09 -11.75
N LEU H 61 -5.93 -25.97 -12.49
CA LEU H 61 -5.22 -25.63 -13.78
C LEU H 61 -6.18 -24.94 -14.76
N PHE H 62 -7.43 -25.40 -14.83
CA PHE H 62 -8.49 -25.03 -15.83
C PHE H 62 -9.62 -24.24 -15.16
N GLN H 63 -9.42 -23.86 -13.89
N GLN H 63 -9.47 -23.95 -13.86
CA GLN H 63 -10.43 -23.25 -12.98
CA GLN H 63 -10.45 -23.23 -13.02
C GLN H 63 -11.82 -23.81 -13.33
C GLN H 63 -11.86 -23.81 -13.25
N ASN H 64 -11.96 -25.14 -13.27
CA ASN H 64 -13.22 -25.87 -13.58
C ASN H 64 -13.49 -26.91 -12.48
N LYS H 65 -14.60 -26.75 -11.73
CA LYS H 65 -14.94 -27.55 -10.53
C LYS H 65 -15.27 -29.01 -10.93
N ASN H 66 -15.46 -29.26 -12.23
CA ASN H 66 -15.85 -30.57 -12.80
C ASN H 66 -14.64 -31.43 -13.17
N VAL H 67 -13.44 -30.86 -13.22
CA VAL H 67 -12.22 -31.63 -13.58
C VAL H 67 -11.73 -32.41 -12.34
N LYS H 68 -11.42 -33.71 -12.50
CA LYS H 68 -10.89 -34.53 -11.37
C LYS H 68 -9.60 -35.25 -11.77
N ASN H 69 -8.73 -35.45 -10.78
CA ASN H 69 -7.46 -36.22 -10.90
C ASN H 69 -7.80 -37.70 -10.63
N ARG H 70 -7.57 -38.56 -11.62
CA ARG H 70 -7.48 -40.03 -11.42
C ARG H 70 -6.08 -40.51 -11.83
N GLY H 71 -5.08 -39.65 -11.67
CA GLY H 71 -3.67 -40.05 -11.76
C GLY H 71 -3.16 -40.85 -10.55
N ILE H 72 -2.34 -41.85 -10.85
CA ILE H 72 -1.56 -42.67 -9.88
C ILE H 72 -0.17 -42.88 -10.45
N SER H 73 0.84 -42.37 -9.76
CA SER H 73 2.27 -42.60 -10.07
C SER H 73 2.58 -44.09 -10.11
N GLY H 74 3.26 -44.50 -11.18
CA GLY H 74 3.65 -45.91 -11.40
C GLY H 74 2.58 -46.65 -12.18
N ASP H 75 1.42 -46.03 -12.40
CA ASP H 75 0.36 -46.77 -13.10
C ASP H 75 0.86 -47.20 -14.49
N ILE H 76 0.40 -48.38 -14.88
CA ILE H 76 0.61 -49.01 -16.21
C ILE H 76 -0.76 -49.19 -16.85
N CYS H 77 -0.77 -49.49 -18.16
CA CYS H 77 -2.01 -49.68 -18.95
C CYS H 77 -2.99 -50.58 -18.18
N MET H 78 -2.58 -51.80 -17.79
CA MET H 78 -3.51 -52.78 -17.15
C MET H 78 -3.88 -52.39 -15.69
N GLY H 79 -3.08 -51.53 -15.07
CA GLY H 79 -3.45 -50.87 -13.81
C GLY H 79 -4.61 -49.89 -14.01
N VAL H 80 -4.60 -49.13 -15.09
CA VAL H 80 -5.74 -48.22 -15.41
C VAL H 80 -6.96 -49.10 -15.65
N TYR H 81 -6.78 -50.12 -16.47
CA TYR H 81 -7.87 -51.02 -16.92
C TYR H 81 -8.57 -51.56 -15.68
N ASP H 82 -7.82 -52.09 -14.73
CA ASP H 82 -8.36 -52.74 -13.51
C ASP H 82 -9.14 -51.73 -12.64
N ARG H 83 -8.92 -50.41 -12.74
CA ARG H 83 -9.62 -49.43 -11.83
C ARG H 83 -10.66 -48.60 -12.59
N LEU H 84 -11.17 -49.07 -13.72
CA LEU H 84 -12.05 -48.22 -14.52
C LEU H 84 -13.41 -48.14 -13.83
N ASP H 85 -13.82 -49.17 -13.09
CA ASP H 85 -15.21 -49.33 -12.57
C ASP H 85 -15.66 -48.12 -11.76
N PRO H 86 -14.82 -47.55 -10.84
CA PRO H 86 -15.21 -46.39 -10.03
C PRO H 86 -15.24 -45.05 -10.80
N ILE H 87 -14.80 -45.09 -12.05
CA ILE H 87 -14.86 -43.92 -12.99
C ILE H 87 -16.08 -44.11 -13.91
N VAL H 88 -16.15 -45.20 -14.65
CA VAL H 88 -17.12 -45.37 -15.76
C VAL H 88 -18.53 -45.52 -15.18
N LYS H 89 -18.68 -46.12 -14.01
CA LYS H 89 -20.00 -46.37 -13.36
C LYS H 89 -20.63 -45.02 -13.01
N GLY H 90 -19.83 -43.94 -13.00
CA GLY H 90 -20.32 -42.56 -12.84
C GLY H 90 -20.58 -41.83 -14.15
N LYS H 91 -20.31 -42.44 -15.30
CA LYS H 91 -20.78 -41.92 -16.62
C LYS H 91 -20.27 -40.50 -16.82
N PRO H 92 -18.94 -40.28 -16.64
CA PRO H 92 -18.39 -38.93 -16.69
C PRO H 92 -18.62 -38.35 -18.08
N ALA H 93 -18.54 -37.03 -18.23
CA ALA H 93 -18.68 -36.36 -19.55
C ALA H 93 -17.44 -36.62 -20.41
N LYS H 94 -16.23 -36.53 -19.84
N LYS H 94 -16.25 -36.51 -19.82
CA LYS H 94 -14.94 -36.63 -20.58
CA LYS H 94 -14.96 -36.69 -20.54
C LYS H 94 -13.84 -37.38 -19.78
C LYS H 94 -14.01 -37.59 -19.73
N ILE H 95 -13.12 -38.29 -20.43
CA ILE H 95 -11.89 -38.91 -19.87
C ILE H 95 -10.73 -38.56 -20.79
N PHE H 96 -9.72 -37.92 -20.24
CA PHE H 96 -8.40 -37.65 -20.86
C PHE H 96 -7.40 -38.71 -20.36
N LEU H 97 -6.97 -39.58 -21.25
CA LEU H 97 -6.04 -40.70 -20.95
C LEU H 97 -4.60 -40.36 -21.40
N LEU H 98 -3.63 -40.39 -20.48
CA LEU H 98 -2.17 -40.38 -20.78
C LEU H 98 -1.53 -41.56 -20.06
N ILE H 99 -1.15 -42.61 -20.79
CA ILE H 99 -0.69 -43.88 -20.18
C ILE H 99 0.26 -44.59 -21.15
N GLY H 100 1.16 -45.44 -20.63
CA GLY H 100 1.98 -46.34 -21.45
C GLY H 100 3.48 -46.21 -21.19
N ILE H 101 3.93 -45.07 -20.68
CA ILE H 101 5.38 -44.71 -20.54
C ILE H 101 6.07 -45.58 -19.47
N ASN H 102 5.32 -46.07 -18.46
CA ASN H 102 5.82 -46.99 -17.40
C ASN H 102 5.88 -48.41 -17.99
N ASP H 103 4.90 -48.77 -18.83
CA ASP H 103 4.91 -50.03 -19.61
C ASP H 103 6.17 -50.08 -20.46
N VAL H 104 6.77 -48.93 -20.78
CA VAL H 104 7.91 -48.84 -21.72
C VAL H 104 9.20 -49.15 -20.95
N SER H 105 9.35 -48.58 -19.76
CA SER H 105 10.48 -48.77 -18.82
C SER H 105 10.43 -50.16 -18.18
N ARG H 106 9.43 -50.99 -18.53
CA ARG H 106 9.46 -52.47 -18.34
C ARG H 106 9.86 -53.13 -19.65
N GLY H 107 10.28 -52.33 -20.64
CA GLY H 107 10.52 -52.79 -22.02
C GLY H 107 9.36 -53.59 -22.61
N THR H 108 8.12 -53.14 -22.49
CA THR H 108 6.94 -53.75 -23.20
C THR H 108 6.84 -53.15 -24.60
N SER H 109 6.46 -53.98 -25.59
CA SER H 109 6.43 -53.60 -27.02
C SER H 109 5.31 -52.60 -27.29
N ALA H 110 5.53 -51.72 -28.27
CA ALA H 110 4.61 -50.64 -28.68
C ALA H 110 3.22 -51.24 -28.96
N ASP H 111 3.19 -52.45 -29.55
CA ASP H 111 1.95 -53.20 -29.92
C ASP H 111 1.25 -53.81 -28.70
N LYS H 112 2.01 -54.25 -27.70
CA LYS H 112 1.46 -54.80 -26.46
C LYS H 112 0.71 -53.66 -25.75
N ILE H 113 1.32 -52.49 -25.68
CA ILE H 113 0.76 -51.28 -25.03
C ILE H 113 -0.52 -50.88 -25.77
N ILE H 114 -0.45 -50.76 -27.10
CA ILE H 114 -1.62 -50.34 -27.92
C ILE H 114 -2.73 -51.36 -27.70
N SER H 115 -2.37 -52.63 -27.59
CA SER H 115 -3.29 -53.76 -27.28
C SER H 115 -4.05 -53.48 -25.97
N GLU H 116 -3.33 -53.04 -24.94
CA GLU H 116 -3.93 -52.75 -23.61
C GLU H 116 -4.71 -51.43 -23.67
N ILE H 117 -4.18 -50.36 -24.29
CA ILE H 117 -4.93 -49.08 -24.49
C ILE H 117 -6.27 -49.34 -25.19
N SER H 118 -6.30 -50.29 -26.13
CA SER H 118 -7.52 -50.69 -26.89
C SER H 118 -8.54 -51.36 -25.95
N MET H 119 -8.06 -52.15 -24.99
CA MET H 119 -8.98 -52.78 -24.00
C MET H 119 -9.64 -51.67 -23.17
N ILE H 120 -8.86 -50.66 -22.82
CA ILE H 120 -9.35 -49.52 -21.98
C ILE H 120 -10.43 -48.79 -22.79
N VAL H 121 -10.13 -48.49 -24.06
CA VAL H 121 -11.02 -47.72 -24.99
C VAL H 121 -12.36 -48.45 -25.07
N ARG H 122 -12.35 -49.75 -25.37
CA ARG H 122 -13.62 -50.54 -25.55
C ARG H 122 -14.37 -50.62 -24.22
N LYS H 123 -13.66 -50.85 -23.11
CA LYS H 123 -14.33 -51.00 -21.79
C LYS H 123 -15.13 -49.73 -21.47
N ILE H 124 -14.56 -48.56 -21.76
CA ILE H 124 -15.19 -47.23 -21.52
C ILE H 124 -16.39 -47.07 -22.48
N LYS H 125 -16.16 -47.24 -23.79
CA LYS H 125 -17.19 -47.14 -24.86
C LYS H 125 -18.35 -48.05 -24.50
N GLN H 126 -18.07 -49.33 -24.22
CA GLN H 126 -19.00 -50.33 -23.66
C GLN H 126 -19.66 -49.78 -22.39
N GLU H 127 -18.87 -49.45 -21.37
CA GLU H 127 -19.42 -49.21 -20.01
C GLU H 127 -20.13 -47.87 -19.97
N SER H 128 -19.65 -46.86 -20.70
CA SER H 128 -20.19 -45.49 -20.63
C SER H 128 -20.21 -44.89 -22.03
N PRO H 129 -21.22 -45.29 -22.85
CA PRO H 129 -21.32 -44.91 -24.26
C PRO H 129 -21.28 -43.38 -24.47
N LYS H 130 -21.78 -42.60 -23.52
CA LYS H 130 -21.93 -41.12 -23.63
C LYS H 130 -20.63 -40.41 -23.21
N THR H 131 -19.78 -41.05 -22.41
CA THR H 131 -18.43 -40.47 -22.11
C THR H 131 -17.70 -40.17 -23.41
N LYS H 132 -17.18 -38.94 -23.55
CA LYS H 132 -16.24 -38.59 -24.65
C LYS H 132 -14.82 -38.88 -24.22
N LEU H 133 -14.08 -39.64 -25.02
CA LEU H 133 -12.75 -40.12 -24.59
C LEU H 133 -11.67 -39.48 -25.48
N TYR H 134 -10.61 -38.98 -24.87
CA TYR H 134 -9.47 -38.29 -25.49
C TYR H 134 -8.19 -39.05 -25.14
N LEU H 135 -7.55 -39.62 -26.17
CA LEU H 135 -6.25 -40.34 -26.03
C LEU H 135 -5.15 -39.33 -26.29
N GLN H 136 -4.23 -39.11 -25.34
CA GLN H 136 -3.21 -38.05 -25.43
C GLN H 136 -1.91 -38.70 -25.90
N SER H 137 -1.24 -38.08 -26.87
CA SER H 137 0.13 -38.48 -27.25
C SER H 137 0.90 -38.80 -25.96
N VAL H 138 1.39 -40.05 -25.82
CA VAL H 138 2.44 -40.43 -24.83
C VAL H 138 3.49 -39.33 -24.93
N LEU H 139 3.85 -38.69 -23.81
CA LEU H 139 4.81 -37.56 -23.75
C LEU H 139 6.22 -38.11 -23.94
N PRO H 140 7.19 -37.26 -24.39
CA PRO H 140 8.57 -37.69 -24.59
C PRO H 140 9.34 -37.80 -23.26
N VAL H 141 10.64 -38.13 -23.38
CA VAL H 141 11.56 -38.47 -22.26
C VAL H 141 12.89 -37.74 -22.47
N ASN H 142 13.90 -38.04 -21.64
CA ASN H 142 15.26 -37.41 -21.74
C ASN H 142 16.30 -38.15 -20.89
N ASP H 143 17.32 -38.74 -21.57
CA ASP H 143 18.40 -39.57 -20.97
C ASP H 143 19.41 -38.66 -20.26
N CYS H 144 19.12 -37.36 -20.13
CA CYS H 144 20.12 -36.28 -19.98
C CYS H 144 20.35 -35.91 -18.52
N TYR H 145 19.31 -35.50 -17.79
CA TYR H 145 19.36 -35.36 -16.30
C TYR H 145 19.72 -36.73 -15.72
N GLY H 146 19.61 -37.77 -16.55
CA GLY H 146 20.16 -39.12 -16.29
C GLY H 146 19.42 -39.78 -15.14
N MET H 147 18.13 -40.05 -15.35
CA MET H 147 17.20 -40.54 -14.30
C MET H 147 16.17 -41.48 -14.93
N PHE H 148 15.50 -42.27 -14.08
CA PHE H 148 14.47 -43.28 -14.48
C PHE H 148 14.97 -44.06 -15.70
N ASN H 149 16.29 -44.20 -15.82
CA ASN H 149 17.02 -44.57 -17.07
C ASN H 149 16.17 -45.50 -17.94
N GLY H 150 15.60 -46.55 -17.34
CA GLY H 150 14.64 -47.47 -17.99
C GLY H 150 13.64 -46.73 -18.87
N HIS H 151 13.06 -45.63 -18.37
CA HIS H 151 12.12 -44.75 -19.09
C HIS H 151 12.83 -44.07 -20.27
N THR H 152 13.86 -43.27 -19.98
CA THR H 152 14.54 -42.38 -20.96
C THR H 152 15.20 -43.22 -22.06
N SER H 153 16.00 -44.22 -21.68
CA SER H 153 16.79 -45.12 -22.57
C SER H 153 15.94 -45.56 -23.78
N ARG H 154 14.64 -45.85 -23.58
CA ARG H 154 13.72 -46.35 -24.65
C ARG H 154 12.82 -45.22 -25.19
N TRP H 155 13.41 -44.05 -25.46
CA TRP H 155 12.83 -42.90 -26.21
C TRP H 155 12.36 -43.29 -27.62
N GLN H 156 12.94 -44.36 -28.20
CA GLN H 156 12.68 -44.81 -29.60
C GLN H 156 11.20 -45.18 -29.79
N VAL H 157 10.42 -45.21 -28.70
CA VAL H 157 9.14 -45.95 -28.62
C VAL H 157 7.99 -44.95 -28.40
N VAL H 158 8.20 -43.94 -27.58
CA VAL H 158 7.26 -42.78 -27.47
C VAL H 158 6.66 -42.58 -28.86
N LYS H 159 7.52 -42.34 -29.85
CA LYS H 159 7.15 -42.09 -31.27
C LYS H 159 6.38 -43.30 -31.82
N GLN H 160 6.94 -44.50 -31.63
CA GLN H 160 6.45 -45.76 -32.27
C GLN H 160 5.01 -46.03 -31.84
N ILE H 161 4.76 -45.86 -30.54
CA ILE H 161 3.43 -46.01 -29.87
C ILE H 161 2.45 -45.00 -30.46
N ASN H 162 2.89 -43.73 -30.47
CA ASN H 162 2.12 -42.55 -30.90
C ASN H 162 1.65 -42.71 -32.36
N ASP H 163 2.43 -43.38 -33.21
CA ASP H 163 2.10 -43.57 -34.64
C ASP H 163 1.06 -44.70 -34.77
N LEU H 164 0.97 -45.63 -33.82
CA LEU H 164 -0.16 -46.60 -33.75
C LEU H 164 -1.37 -45.98 -33.01
N LEU H 165 -1.14 -45.01 -32.13
CA LEU H 165 -2.16 -44.52 -31.16
C LEU H 165 -3.25 -43.68 -31.86
N GLU H 166 -2.86 -42.69 -32.66
CA GLU H 166 -3.77 -41.82 -33.46
C GLU H 166 -4.64 -42.68 -34.38
N PRO H 167 -4.06 -43.61 -35.18
CA PRO H 167 -4.86 -44.48 -36.01
C PRO H 167 -5.83 -45.33 -35.19
N LEU H 168 -5.44 -45.73 -33.98
CA LEU H 168 -6.37 -46.41 -33.04
C LEU H 168 -7.53 -45.45 -32.74
N ALA H 169 -7.24 -44.20 -32.38
CA ALA H 169 -8.29 -43.18 -32.10
C ALA H 169 -9.26 -43.12 -33.29
N VAL H 170 -8.76 -42.89 -34.52
CA VAL H 170 -9.63 -42.77 -35.73
C VAL H 170 -10.45 -44.05 -35.82
N LYS H 171 -9.79 -45.21 -35.69
CA LYS H 171 -10.44 -46.56 -35.74
C LYS H 171 -11.58 -46.67 -34.70
N GLU H 172 -11.38 -46.15 -33.49
CA GLU H 172 -12.40 -46.28 -32.41
C GLU H 172 -13.33 -45.06 -32.36
N GLY H 173 -13.09 -44.03 -33.18
CA GLY H 173 -13.92 -42.81 -33.14
C GLY H 173 -13.84 -42.14 -31.78
N VAL H 174 -12.63 -41.94 -31.28
CA VAL H 174 -12.35 -41.15 -30.06
C VAL H 174 -11.27 -40.19 -30.50
N ALA H 175 -10.90 -39.19 -29.69
CA ALA H 175 -9.97 -38.12 -30.09
C ALA H 175 -8.52 -38.54 -29.82
N TYR H 176 -7.62 -37.97 -30.61
CA TYR H 176 -6.16 -37.95 -30.39
C TYR H 176 -5.74 -36.50 -30.18
N ILE H 177 -5.05 -36.24 -29.08
CA ILE H 177 -4.46 -34.91 -28.77
C ILE H 177 -2.96 -35.08 -28.89
N ASP H 178 -2.33 -34.29 -29.77
CA ASP H 178 -0.85 -34.25 -29.92
C ASP H 178 -0.27 -33.24 -28.91
N LEU H 179 0.06 -33.71 -27.71
CA LEU H 179 0.87 -32.96 -26.72
C LEU H 179 2.34 -33.03 -27.15
N TYR H 180 2.77 -34.20 -27.64
CA TYR H 180 4.14 -34.60 -28.06
C TYR H 180 4.85 -33.48 -28.83
N SER H 181 4.31 -33.10 -30.00
CA SER H 181 4.99 -32.17 -30.97
C SER H 181 5.41 -30.88 -30.26
N HIS H 182 4.58 -30.39 -29.34
CA HIS H 182 4.79 -29.16 -28.53
C HIS H 182 5.84 -29.39 -27.44
N PHE H 183 6.13 -30.64 -27.08
CA PHE H 183 7.08 -31.02 -25.99
C PHE H 183 8.45 -31.36 -26.58
N VAL H 184 8.45 -32.08 -27.71
CA VAL H 184 9.65 -32.73 -28.35
C VAL H 184 10.46 -31.69 -29.13
N GLU H 185 11.75 -31.98 -29.43
CA GLU H 185 12.67 -31.08 -30.20
C GLU H 185 13.31 -31.83 -31.37
N LYS H 186 12.85 -31.54 -32.60
CA LYS H 186 13.28 -32.16 -33.87
C LYS H 186 14.79 -32.42 -33.83
N LYS H 190 12.72 -36.20 -27.88
CA LYS H 190 13.31 -35.83 -26.57
C LYS H 190 12.79 -34.45 -26.15
N MET H 191 12.14 -34.37 -24.98
CA MET H 191 11.28 -33.21 -24.65
C MET H 191 12.13 -32.09 -24.04
N ASN H 192 11.86 -30.84 -24.47
CA ASN H 192 12.64 -29.61 -24.14
C ASN H 192 12.90 -29.56 -22.64
N PRO H 193 14.17 -29.75 -22.20
CA PRO H 193 14.52 -29.66 -20.79
C PRO H 193 14.01 -28.45 -20.00
N VAL H 194 13.51 -27.41 -20.68
CA VAL H 194 13.02 -26.17 -19.99
C VAL H 194 11.85 -26.53 -19.06
N TYR H 195 10.99 -27.45 -19.51
CA TYR H 195 9.68 -27.81 -18.88
C TYR H 195 9.84 -28.83 -17.75
N THR H 196 11.06 -29.29 -17.45
CA THR H 196 11.28 -30.46 -16.58
C THR H 196 12.60 -30.36 -15.80
N ASN H 197 12.81 -31.28 -14.87
CA ASN H 197 14.10 -31.38 -14.16
C ASN H 197 14.54 -32.86 -14.04
N ASP H 198 13.99 -33.80 -14.83
CA ASP H 198 14.40 -35.23 -14.71
C ASP H 198 14.25 -36.01 -16.02
N GLY H 199 13.65 -35.41 -17.07
CA GLY H 199 13.43 -36.06 -18.38
C GLY H 199 12.24 -37.04 -18.38
N LEU H 200 11.36 -36.97 -17.37
CA LEU H 200 10.07 -37.74 -17.31
C LEU H 200 8.89 -36.81 -17.00
N HIS H 201 9.00 -36.04 -15.90
CA HIS H 201 7.91 -35.29 -15.23
C HIS H 201 7.98 -33.82 -15.65
N LEU H 202 7.05 -32.99 -15.22
CA LEU H 202 6.88 -31.59 -15.70
C LEU H 202 6.96 -30.63 -14.52
N LEU H 203 7.59 -29.48 -14.74
CA LEU H 203 7.51 -28.31 -13.81
C LEU H 203 6.16 -27.62 -14.07
N GLY H 204 5.82 -26.63 -13.26
CA GLY H 204 4.69 -25.73 -13.46
C GLY H 204 4.53 -25.37 -14.93
N LYS H 205 5.61 -24.92 -15.58
CA LYS H 205 5.66 -24.42 -16.98
C LYS H 205 5.19 -25.51 -17.96
N GLY H 206 5.29 -26.79 -17.59
CA GLY H 206 4.88 -27.93 -18.43
C GLY H 206 3.39 -28.21 -18.32
N TYR H 207 2.85 -28.12 -17.12
CA TYR H 207 1.38 -28.20 -16.89
C TYR H 207 0.71 -26.97 -17.56
N LEU H 208 1.46 -25.92 -17.87
CA LEU H 208 0.95 -24.76 -18.62
C LEU H 208 0.80 -25.12 -20.10
N LEU H 209 1.86 -25.58 -20.74
CA LEU H 209 1.82 -25.98 -22.17
C LEU H 209 0.61 -26.91 -22.37
N TRP H 210 0.48 -27.91 -21.48
CA TRP H 210 -0.64 -28.90 -21.45
C TRP H 210 -1.99 -28.17 -21.37
N ARG H 211 -2.16 -27.22 -20.44
CA ARG H 211 -3.49 -26.58 -20.21
C ARG H 211 -3.89 -25.89 -21.52
N ASP H 212 -2.93 -25.16 -22.10
CA ASP H 212 -3.03 -24.41 -23.39
C ASP H 212 -3.56 -25.33 -24.48
N ILE H 213 -2.87 -26.45 -24.70
CA ILE H 213 -3.18 -27.42 -25.80
C ILE H 213 -4.57 -28.06 -25.59
N VAL H 214 -5.01 -28.24 -24.36
CA VAL H 214 -6.15 -29.16 -24.05
C VAL H 214 -7.40 -28.35 -23.66
N LYS H 215 -7.24 -27.06 -23.35
CA LYS H 215 -8.38 -26.21 -22.89
C LYS H 215 -9.54 -26.30 -23.89
N PRO H 216 -9.30 -26.27 -25.23
CA PRO H 216 -10.40 -26.26 -26.19
C PRO H 216 -11.20 -27.57 -26.11
N TYR H 217 -10.53 -28.72 -25.90
CA TYR H 217 -11.21 -30.04 -25.67
C TYR H 217 -11.91 -30.02 -24.31
N VAL H 218 -11.28 -29.45 -23.29
CA VAL H 218 -11.91 -29.37 -21.93
C VAL H 218 -13.20 -28.54 -22.06
N ASP H 219 -13.16 -27.42 -22.77
CA ASP H 219 -14.34 -26.55 -23.05
C ASP H 219 -15.12 -27.00 -24.27
N GLN H 220 -16.15 -28.51 -25.12
CA GLN H 220 -17.33 -28.74 -25.98
C GLN H 220 -18.50 -29.03 -25.04
MG MG I . -40.52 22.57 2.28
MG MG J . -2.14 19.52 -2.11
MG MG K . 8.85 28.74 -37.47
MG MG L . -11.51 4.67 -15.02
MG MG M . -1.45 4.30 34.45
MG MG N . 36.92 -0.16 29.46
MG MG O . -4.08 -52.36 6.63
MG MG P . 14.53 -27.64 -16.79
#